data_3ROJ
#
_entry.id   3ROJ
#
_cell.length_a   144.282
_cell.length_b   144.282
_cell.length_c   168.795
_cell.angle_alpha   90.00
_cell.angle_beta   90.00
_cell.angle_gamma   120.00
#
_symmetry.space_group_name_H-M   'P 65'
#
loop_
_entity.id
_entity.type
_entity.pdbx_description
1 polymer 'D-fructose 1,6-bisphosphatase class 2/sedoheptulose 1,7-bisphosphatase'
2 non-polymer 'MAGNESIUM ION'
3 non-polymer 'ADENOSINE MONOPHOSPHATE'
4 non-polymer 'SULFATE ION'
5 non-polymer 'CHLORIDE ION'
6 non-polymer GLYCEROL
7 water water
#
_entity_poly.entity_id   1
_entity_poly.type   'polypeptide(L)'
_entity_poly.pdbx_seq_one_letter_code
;MGSSHHHHHHSSGLVPRGSHMASMTGGQQMGRGSVDSTLGLEIIEVVEQAAIASAKWMGKGEKNTADQVAVEAMRERMNK
IHMRGRIVIGEGERDDAPMLYIGEEVGICTREDAKSFCNPDELVEIDIAVDPCEGTNLVAYGQNGSMAVLAISEKGGLFA
APDFYMKKLAAPPAAKGHVDIDKSATENLKILSDCLNRSIEELVVVVMDRPRHKELIQEIRNAGARVRLISDGDVSAAIS
CAFSGTNIHALMGIGAAPEGVISAAAMRCLGGHFQGQLIYDPEVVKTGLIGESREGNLERLASMGIKNPDQVYNCEELA
(CSO)GETVLFAACGITPGTLMEGVRFFHGGVRTQSLVISSQSSTARFVDTVHMKESPKVIQLH
;
_entity_poly.pdbx_strand_id   A,B,C,D
#
loop_
_chem_comp.id
_chem_comp.type
_chem_comp.name
_chem_comp.formula
AMP non-polymer 'ADENOSINE MONOPHOSPHATE' 'C10 H14 N5 O7 P'
CL non-polymer 'CHLORIDE ION' 'Cl -1'
GOL non-polymer GLYCEROL 'C3 H8 O3'
MG non-polymer 'MAGNESIUM ION' 'Mg 2'
SO4 non-polymer 'SULFATE ION' 'O4 S -2'
#
# COMPACT_ATOMS: atom_id res chain seq x y z
N GLY A 33 13.81 33.01 22.48
CA GLY A 33 12.64 32.21 22.12
C GLY A 33 12.94 30.72 22.07
N SER A 34 12.15 30.00 21.29
CA SER A 34 12.34 28.57 21.15
C SER A 34 12.45 28.23 19.66
N VAL A 35 12.97 27.05 19.34
CA VAL A 35 13.06 26.64 17.94
C VAL A 35 11.70 26.79 17.28
N ASP A 36 11.67 27.49 16.14
CA ASP A 36 10.40 27.76 15.48
C ASP A 36 9.66 26.47 15.10
N SER A 37 8.37 26.45 15.40
CA SER A 37 7.53 25.30 15.10
C SER A 37 7.57 24.93 13.61
N THR A 38 7.56 25.94 12.76
CA THR A 38 7.48 25.71 11.31
C THR A 38 8.76 25.08 10.77
N LEU A 39 9.84 25.14 11.53
CA LEU A 39 11.10 24.56 11.09
C LEU A 39 10.94 23.07 10.85
N GLY A 40 10.12 22.43 11.69
CA GLY A 40 9.84 21.01 11.55
C GLY A 40 9.12 20.67 10.26
N LEU A 41 8.41 21.65 9.69
CA LEU A 41 7.70 21.44 8.45
C LEU A 41 8.56 21.85 7.25
N GLU A 42 9.32 22.92 7.43
CA GLU A 42 10.15 23.45 6.35
C GLU A 42 11.22 22.46 5.88
N ILE A 43 11.73 21.63 6.77
CA ILE A 43 12.79 20.70 6.41
C ILE A 43 12.31 19.61 5.46
N ILE A 44 11.00 19.53 5.24
CA ILE A 44 10.44 18.63 4.24
C ILE A 44 11.01 19.01 2.88
N GLU A 45 10.90 20.29 2.56
CA GLU A 45 11.35 20.82 1.28
C GLU A 45 12.87 20.75 1.13
N VAL A 46 13.59 20.83 2.24
CA VAL A 46 15.04 20.73 2.20
C VAL A 46 15.50 19.36 1.72
N VAL A 47 14.97 18.30 2.30
CA VAL A 47 15.37 16.95 1.93
C VAL A 47 14.81 16.53 0.57
N GLU A 48 13.58 16.95 0.27
CA GLU A 48 12.99 16.68 -1.04
C GLU A 48 13.84 17.25 -2.16
N GLN A 49 14.25 18.51 -2.04
CA GLN A 49 15.03 19.14 -3.10
C GLN A 49 16.42 18.52 -3.23
N ALA A 50 17.03 18.15 -2.11
CA ALA A 50 18.33 17.49 -2.16
C ALA A 50 18.23 16.12 -2.83
N ALA A 51 17.18 15.37 -2.47
CA ALA A 51 17.00 14.03 -3.01
C ALA A 51 16.67 14.08 -4.49
N ILE A 52 15.82 15.01 -4.89
CA ILE A 52 15.45 15.15 -6.30
C ILE A 52 16.68 15.45 -7.16
N ALA A 53 17.52 16.36 -6.69
CA ALA A 53 18.73 16.71 -7.42
C ALA A 53 19.64 15.49 -7.56
N SER A 54 19.87 14.79 -6.46
CA SER A 54 20.73 13.61 -6.45
C SER A 54 20.19 12.48 -7.32
N ALA A 55 18.87 12.29 -7.31
CA ALA A 55 18.25 11.19 -8.03
C ALA A 55 18.47 11.27 -9.54
N LYS A 56 18.71 12.47 -10.05
CA LYS A 56 18.94 12.64 -11.47
C LYS A 56 20.19 11.91 -11.91
N TRP A 57 21.05 11.61 -10.95
CA TRP A 57 22.31 10.93 -11.23
C TRP A 57 22.28 9.44 -10.88
N MET A 58 21.08 8.90 -10.68
CA MET A 58 20.92 7.48 -10.41
C MET A 58 21.48 6.62 -11.54
N GLY A 59 22.44 5.77 -11.23
CA GLY A 59 23.00 4.84 -12.21
C GLY A 59 24.02 5.44 -13.16
N LYS A 60 24.39 6.70 -12.95
CA LYS A 60 25.35 7.39 -13.79
C LYS A 60 26.80 7.00 -13.53
N GLY A 61 27.04 6.30 -12.43
CA GLY A 61 28.38 5.85 -12.09
C GLY A 61 29.26 6.96 -11.54
N GLU A 62 28.65 8.07 -11.15
CA GLU A 62 29.38 9.20 -10.56
C GLU A 62 28.89 9.47 -9.14
N LYS A 63 29.58 8.89 -8.16
CA LYS A 63 29.14 9.03 -6.78
C LYS A 63 29.40 10.42 -6.20
N ASN A 64 30.43 11.09 -6.69
CA ASN A 64 30.74 12.43 -6.21
C ASN A 64 29.78 13.48 -6.75
N THR A 65 29.42 13.34 -8.03
CA THR A 65 28.44 14.21 -8.65
C THR A 65 27.09 14.09 -7.95
N ALA A 66 26.67 12.86 -7.68
CA ALA A 66 25.43 12.60 -6.97
C ALA A 66 25.47 13.22 -5.58
N ASP A 67 26.65 13.23 -5.00
CA ASP A 67 26.85 13.79 -3.67
C ASP A 67 26.80 15.32 -3.70
N GLN A 68 27.55 15.91 -4.62
CA GLN A 68 27.69 17.37 -4.69
CA GLN A 68 27.69 17.37 -4.70
C GLN A 68 26.37 18.08 -4.98
N VAL A 69 25.55 17.52 -5.87
CA VAL A 69 24.27 18.15 -6.19
C VAL A 69 23.28 18.10 -5.02
N ALA A 70 23.30 17.00 -4.28
CA ALA A 70 22.49 16.90 -3.07
C ALA A 70 22.97 17.91 -2.03
N VAL A 71 24.29 18.02 -1.89
CA VAL A 71 24.89 18.97 -0.96
C VAL A 71 24.48 20.41 -1.28
N GLU A 72 24.62 20.80 -2.54
CA GLU A 72 24.28 22.15 -2.96
C GLU A 72 22.78 22.45 -2.83
N ALA A 73 21.96 21.49 -3.23
CA ALA A 73 20.51 21.67 -3.17
C ALA A 73 20.03 21.80 -1.72
N MET A 74 20.57 20.97 -0.84
CA MET A 74 20.20 21.05 0.57
C MET A 74 20.60 22.40 1.14
N ARG A 75 21.82 22.82 0.84
CA ARG A 75 22.36 24.10 1.28
C ARG A 75 21.54 25.27 0.76
N GLU A 76 21.19 25.24 -0.52
CA GLU A 76 20.42 26.32 -1.11
C GLU A 76 19.06 26.45 -0.45
N ARG A 77 18.39 25.32 -0.25
CA ARG A 77 17.06 25.34 0.36
C ARG A 77 17.10 25.76 1.83
N MET A 78 18.14 25.37 2.54
CA MET A 78 18.30 25.78 3.93
C MET A 78 18.53 27.28 4.03
N ASN A 79 19.21 27.85 3.04
CA ASN A 79 19.53 29.27 3.05
C ASN A 79 18.34 30.17 2.73
N LYS A 80 17.21 29.55 2.43
CA LYS A 80 15.97 30.29 2.22
C LYS A 80 15.07 30.23 3.44
N ILE A 81 15.52 29.48 4.45
CA ILE A 81 14.73 29.32 5.67
C ILE A 81 15.06 30.43 6.66
N HIS A 82 14.04 30.94 7.35
CA HIS A 82 14.27 31.94 8.38
C HIS A 82 14.78 31.27 9.64
N MET A 83 16.07 30.97 9.64
CA MET A 83 16.71 30.31 10.78
C MET A 83 18.14 30.80 10.93
N ARG A 84 18.73 30.52 12.09
CA ARG A 84 20.10 30.90 12.38
C ARG A 84 20.89 29.64 12.67
N GLY A 85 21.36 29.00 11.62
CA GLY A 85 21.92 27.67 11.74
C GLY A 85 23.43 27.57 11.65
N ARG A 86 23.97 26.57 12.33
CA ARG A 86 25.39 26.27 12.26
C ARG A 86 25.59 24.78 11.98
N ILE A 87 26.44 24.47 11.01
CA ILE A 87 26.74 23.09 10.66
C ILE A 87 27.75 22.49 11.64
N VAL A 88 27.33 21.45 12.36
CA VAL A 88 28.21 20.78 13.32
C VAL A 88 28.60 19.39 12.83
N ILE A 89 27.84 18.87 11.87
CA ILE A 89 28.17 17.64 11.18
C ILE A 89 27.95 17.86 9.69
N GLY A 90 29.01 17.69 8.90
CA GLY A 90 28.92 18.00 7.49
C GLY A 90 29.99 17.37 6.61
N GLU A 91 30.31 18.06 5.52
CA GLU A 91 31.14 17.51 4.45
C GLU A 91 32.63 17.62 4.73
N GLY A 92 32.99 18.35 5.77
CA GLY A 92 34.39 18.54 6.13
C GLY A 92 34.67 19.90 6.70
N GLU A 93 35.94 20.22 6.88
CA GLU A 93 36.36 21.49 7.45
C GLU A 93 36.40 22.59 6.39
N ARG A 94 36.24 23.84 6.83
CA ARG A 94 36.44 24.97 5.95
C ARG A 94 37.87 24.95 5.42
N ASP A 95 38.04 25.42 4.18
CA ASP A 95 39.30 25.37 3.47
C ASP A 95 39.58 23.97 2.94
N ASP A 96 38.56 23.12 3.01
CA ASP A 96 38.63 21.77 2.44
C ASP A 96 37.34 21.49 1.67
N ALA A 97 36.25 21.31 2.39
CA ALA A 97 34.93 21.17 1.77
C ALA A 97 34.37 22.55 1.47
N PRO A 98 33.94 22.78 0.22
CA PRO A 98 33.40 24.07 -0.20
C PRO A 98 32.00 24.35 0.35
N MET A 99 31.20 23.31 0.55
CA MET A 99 29.81 23.50 0.95
C MET A 99 29.41 22.68 2.18
N LEU A 100 28.61 23.29 3.04
CA LEU A 100 28.18 22.67 4.29
C LEU A 100 29.39 22.15 5.08
N TYR A 101 30.40 22.99 5.23
CA TYR A 101 31.56 22.64 6.04
C TYR A 101 31.28 22.92 7.52
N ILE A 102 32.11 22.35 8.38
CA ILE A 102 31.97 22.52 9.82
C ILE A 102 32.04 23.99 10.21
N GLY A 103 30.99 24.49 10.84
CA GLY A 103 30.96 25.86 11.30
C GLY A 103 30.23 26.80 10.35
N GLU A 104 29.94 26.32 9.14
CA GLU A 104 29.26 27.17 8.16
C GLU A 104 27.93 27.65 8.68
N GLU A 105 27.63 28.92 8.43
CA GLU A 105 26.35 29.48 8.81
C GLU A 105 25.34 29.29 7.68
N VAL A 106 24.16 28.81 8.03
CA VAL A 106 23.10 28.58 7.04
C VAL A 106 21.79 29.19 7.53
N GLY A 107 21.03 29.73 6.60
CA GLY A 107 19.75 30.34 6.93
C GLY A 107 19.79 31.83 6.78
N ILE A 108 18.62 32.42 6.55
CA ILE A 108 18.50 33.86 6.37
C ILE A 108 18.83 34.65 7.63
N CYS A 109 18.50 34.09 8.79
CA CYS A 109 18.65 34.80 10.05
C CYS A 109 20.08 34.75 10.61
N THR A 110 21.01 34.24 9.82
CA THR A 110 22.42 34.28 10.18
C THR A 110 23.07 35.55 9.63
N ARG A 111 22.31 36.28 8.82
CA ARG A 111 22.78 37.54 8.24
C ARG A 111 22.92 38.61 9.32
N GLU A 112 23.78 39.58 9.08
CA GLU A 112 24.10 40.60 10.07
C GLU A 112 22.89 41.46 10.41
N ASP A 113 22.00 41.64 9.46
CA ASP A 113 20.80 42.46 9.67
C ASP A 113 19.61 41.61 10.12
N ALA A 114 19.89 40.46 10.71
CA ALA A 114 18.87 39.48 11.05
C ALA A 114 17.77 39.99 11.99
N LYS A 115 18.17 40.67 13.06
CA LYS A 115 17.20 41.15 14.05
C LYS A 115 16.08 41.97 13.42
N SER A 116 16.38 42.65 12.33
CA SER A 116 15.41 43.51 11.66
C SER A 116 14.33 42.74 10.90
N PHE A 117 14.71 41.61 10.31
CA PHE A 117 13.75 40.84 9.51
C PHE A 117 13.52 39.39 9.96
N CYS A 118 13.79 39.12 11.24
CA CYS A 118 13.53 37.81 11.81
C CYS A 118 12.90 37.96 13.20
N ASN A 119 11.92 37.12 13.51
CA ASN A 119 11.33 37.14 14.84
C ASN A 119 12.19 36.37 15.85
N PRO A 120 11.89 36.50 17.15
CA PRO A 120 12.71 35.90 18.20
C PRO A 120 12.94 34.40 18.02
N ASP A 121 11.89 33.65 17.71
CA ASP A 121 12.00 32.21 17.50
C ASP A 121 12.90 31.87 16.33
N GLU A 122 12.83 32.68 15.28
CA GLU A 122 13.65 32.48 14.09
C GLU A 122 15.11 32.82 14.34
N LEU A 123 15.37 33.60 15.38
CA LEU A 123 16.73 34.04 15.71
C LEU A 123 17.46 33.10 16.67
N VAL A 124 16.77 32.05 17.13
CA VAL A 124 17.40 31.09 18.03
C VAL A 124 18.50 30.35 17.29
N GLU A 125 19.66 30.18 17.93
CA GLU A 125 20.76 29.47 17.30
C GLU A 125 20.53 27.96 17.34
N ILE A 126 20.56 27.35 16.16
CA ILE A 126 20.37 25.91 16.06
C ILE A 126 21.56 25.25 15.39
N ASP A 127 21.92 24.06 15.87
CA ASP A 127 22.97 23.27 15.25
C ASP A 127 22.37 22.23 14.29
N ILE A 128 23.06 22.03 13.17
CA ILE A 128 22.54 21.19 12.10
C ILE A 128 23.56 20.14 11.68
N ALA A 129 23.14 18.88 11.64
CA ALA A 129 23.97 17.79 11.16
C ALA A 129 23.42 17.35 9.81
N VAL A 130 24.29 17.30 8.81
CA VAL A 130 23.84 16.97 7.47
C VAL A 130 24.52 15.74 6.90
N ASP A 131 23.76 15.02 6.08
CA ASP A 131 24.27 13.93 5.27
C ASP A 131 23.44 13.95 4.01
N PRO A 132 23.71 14.95 3.15
CA PRO A 132 22.89 15.27 1.96
C PRO A 132 22.71 14.07 1.04
N CYS A 133 23.73 13.21 0.97
CA CYS A 133 23.63 12.01 0.15
C CYS A 133 24.15 10.80 0.89
N GLU A 134 23.28 10.20 1.69
CA GLU A 134 23.60 8.98 2.41
C GLU A 134 23.57 7.80 1.45
N GLY A 135 24.75 7.30 1.11
CA GLY A 135 24.88 6.18 0.18
C GLY A 135 25.18 6.64 -1.24
N THR A 136 26.25 7.38 -1.42
CA THR A 136 26.60 7.96 -2.71
C THR A 136 26.85 6.89 -3.79
N ASN A 137 27.46 5.79 -3.39
CA ASN A 137 27.72 4.69 -4.32
C ASN A 137 26.43 3.97 -4.70
N LEU A 138 25.48 3.93 -3.77
CA LEU A 138 24.17 3.36 -4.06
C LEU A 138 23.48 4.17 -5.15
N VAL A 139 23.58 5.49 -5.06
CA VAL A 139 23.01 6.35 -6.09
C VAL A 139 23.73 6.12 -7.42
N ALA A 140 25.06 6.11 -7.36
CA ALA A 140 25.87 5.98 -8.57
C ALA A 140 25.54 4.70 -9.32
N TYR A 141 25.15 3.67 -8.57
CA TYR A 141 24.89 2.36 -9.13
C TYR A 141 23.40 2.09 -9.37
N GLY A 142 22.54 2.99 -8.89
CA GLY A 142 21.12 2.79 -9.01
C GLY A 142 20.67 1.65 -8.12
N GLN A 143 21.25 1.58 -6.93
CA GLN A 143 20.90 0.56 -5.95
C GLN A 143 20.14 1.15 -4.77
N ASN A 144 19.42 0.29 -4.06
CA ASN A 144 18.56 0.70 -2.95
C ASN A 144 19.30 1.20 -1.72
N GLY A 145 18.65 2.05 -0.95
CA GLY A 145 19.14 2.43 0.37
C GLY A 145 19.70 3.83 0.56
N SER A 146 19.74 4.63 -0.49
CA SER A 146 20.28 5.98 -0.37
C SER A 146 19.18 7.00 -0.06
N MET A 147 19.54 8.06 0.64
CA MET A 147 18.58 9.08 1.05
C MET A 147 19.29 10.39 1.39
N ALA A 148 18.54 11.48 1.36
CA ALA A 148 19.05 12.78 1.79
C ALA A 148 18.56 13.01 3.21
N VAL A 149 19.47 13.33 4.12
CA VAL A 149 19.09 13.37 5.52
C VAL A 149 19.76 14.50 6.31
N LEU A 150 19.09 14.95 7.36
CA LEU A 150 19.64 15.96 8.26
C LEU A 150 18.99 15.85 9.63
N ALA A 151 19.66 16.42 10.62
CA ALA A 151 19.11 16.50 11.97
C ALA A 151 19.37 17.90 12.53
N ILE A 152 18.47 18.37 13.38
CA ILE A 152 18.56 19.72 13.93
C ILE A 152 18.24 19.75 15.41
N SER A 153 18.91 20.65 16.12
CA SER A 153 18.66 20.87 17.54
C SER A 153 19.11 22.29 17.90
N GLU A 154 18.78 22.75 19.10
CA GLU A 154 19.32 24.03 19.57
C GLU A 154 20.83 23.92 19.58
N LYS A 155 21.51 25.06 19.56
CA LYS A 155 22.96 25.08 19.65
C LYS A 155 23.40 24.19 20.82
N GLY A 156 24.36 23.31 20.54
CA GLY A 156 24.86 22.38 21.53
C GLY A 156 24.07 21.09 21.66
N GLY A 157 22.94 21.00 20.97
CA GLY A 157 22.02 19.88 21.12
C GLY A 157 22.33 18.63 20.33
N LEU A 158 23.43 18.67 19.58
CA LEU A 158 23.89 17.50 18.82
C LEU A 158 25.39 17.31 19.00
N PHE A 159 25.79 16.08 19.30
CA PHE A 159 27.21 15.75 19.40
C PHE A 159 27.91 16.02 18.07
N ALA A 160 28.81 16.99 18.07
CA ALA A 160 29.59 17.29 16.87
C ALA A 160 30.65 16.23 16.66
N ALA A 161 30.23 15.04 16.25
CA ALA A 161 31.14 13.91 16.14
C ALA A 161 32.27 14.16 15.15
N PRO A 162 33.49 13.74 15.51
CA PRO A 162 34.63 13.76 14.59
C PRO A 162 34.46 12.64 13.58
N ASP A 163 35.20 12.67 12.48
CA ASP A 163 35.07 11.63 11.49
C ASP A 163 35.85 10.38 11.90
N PHE A 164 35.34 9.71 12.91
CA PHE A 164 35.89 8.44 13.37
C PHE A 164 34.84 7.36 13.22
N TYR A 165 35.27 6.10 13.33
CA TYR A 165 34.33 4.99 13.32
C TYR A 165 33.60 4.92 14.66
N MET A 166 32.39 4.38 14.62
CA MET A 166 31.56 4.28 15.82
C MET A 166 30.87 2.92 15.86
N LYS A 167 31.09 2.17 16.93
CA LYS A 167 30.37 0.92 17.14
C LYS A 167 28.94 1.26 17.50
N LYS A 168 27.99 0.57 16.88
CA LYS A 168 26.58 0.92 17.08
C LYS A 168 25.70 -0.28 17.37
N LEU A 169 24.68 -0.05 18.20
CA LEU A 169 23.62 -1.01 18.40
C LEU A 169 22.29 -0.29 18.29
N ALA A 170 21.49 -0.69 17.31
CA ALA A 170 20.15 -0.15 17.14
C ALA A 170 19.11 -1.23 17.31
N ALA A 171 17.99 -0.88 17.90
CA ALA A 171 16.91 -1.82 18.15
C ALA A 171 15.61 -1.06 18.37
N PRO A 172 14.47 -1.77 18.37
CA PRO A 172 13.17 -1.13 18.49
C PRO A 172 12.89 -0.63 19.91
N PRO A 173 11.94 0.31 20.04
CA PRO A 173 11.53 0.87 21.33
C PRO A 173 11.27 -0.21 22.38
N ALA A 174 10.72 -1.34 21.95
CA ALA A 174 10.42 -2.42 22.89
C ALA A 174 11.67 -3.00 23.55
N ALA A 175 12.81 -2.86 22.89
CA ALA A 175 14.05 -3.43 23.41
C ALA A 175 14.93 -2.38 24.06
N LYS A 176 14.43 -1.16 24.15
CA LYS A 176 15.22 -0.03 24.63
C LYS A 176 15.65 -0.18 26.09
N GLY A 177 16.95 -0.15 26.33
CA GLY A 177 17.48 -0.29 27.67
C GLY A 177 17.65 -1.75 28.08
N HIS A 178 17.11 -2.67 27.30
CA HIS A 178 17.25 -4.10 27.58
C HIS A 178 18.47 -4.66 26.88
N VAL A 179 18.55 -4.49 25.57
CA VAL A 179 19.77 -4.81 24.86
C VAL A 179 20.81 -3.78 25.27
N ASP A 180 22.09 -4.14 25.14
CA ASP A 180 23.15 -3.19 25.43
C ASP A 180 24.36 -3.43 24.54
N ILE A 181 24.95 -2.34 24.07
CA ILE A 181 26.05 -2.39 23.13
C ILE A 181 27.27 -3.16 23.67
N ASP A 182 27.42 -3.21 24.99
CA ASP A 182 28.53 -3.92 25.59
C ASP A 182 28.30 -5.44 25.65
N LYS A 183 27.03 -5.85 25.60
CA LYS A 183 26.72 -7.28 25.56
C LYS A 183 27.13 -7.88 24.22
N SER A 184 27.30 -9.19 24.18
CA SER A 184 27.67 -9.86 22.94
C SER A 184 26.47 -9.91 22.00
N ALA A 185 26.73 -10.11 20.70
CA ALA A 185 25.65 -10.23 19.74
C ALA A 185 24.71 -11.36 20.15
N THR A 186 25.27 -12.48 20.61
CA THR A 186 24.48 -13.61 21.07
C THR A 186 23.55 -13.23 22.22
N GLU A 187 24.10 -12.56 23.23
CA GLU A 187 23.30 -12.11 24.37
CA GLU A 187 23.30 -12.11 24.37
C GLU A 187 22.18 -11.20 23.90
N ASN A 188 22.53 -10.19 23.12
CA ASN A 188 21.57 -9.22 22.63
C ASN A 188 20.44 -9.84 21.81
N LEU A 189 20.75 -10.87 21.03
CA LEU A 189 19.74 -11.57 20.26
C LEU A 189 18.72 -12.27 21.16
N LYS A 190 19.18 -12.87 22.25
CA LYS A 190 18.27 -13.54 23.18
C LYS A 190 17.37 -12.51 23.86
N ILE A 191 17.95 -11.37 24.21
CA ILE A 191 17.18 -10.28 24.81
C ILE A 191 16.18 -9.72 23.80
N LEU A 192 16.64 -9.50 22.57
CA LEU A 192 15.77 -9.08 21.48
C LEU A 192 14.62 -10.07 21.27
N SER A 193 14.93 -11.35 21.27
CA SER A 193 13.92 -12.39 21.14
C SER A 193 12.84 -12.22 22.20
N ASP A 194 13.27 -12.07 23.45
CA ASP A 194 12.35 -11.89 24.56
CA ASP A 194 12.35 -11.89 24.56
C ASP A 194 11.54 -10.60 24.41
N CYS A 195 12.24 -9.49 24.19
CA CYS A 195 11.59 -8.18 24.08
C CYS A 195 10.57 -8.08 22.94
N LEU A 196 10.92 -8.65 21.78
CA LEU A 196 10.05 -8.55 20.62
C LEU A 196 9.10 -9.74 20.52
N ASN A 197 9.16 -10.62 21.51
CA ASN A 197 8.27 -11.78 21.56
C ASN A 197 8.28 -12.54 20.23
N ARG A 198 9.47 -12.90 19.78
CA ARG A 198 9.62 -13.77 18.62
C ARG A 198 10.95 -14.51 18.73
N SER A 199 11.12 -15.56 17.94
CA SER A 199 12.32 -16.37 18.02
C SER A 199 13.48 -15.66 17.36
N ILE A 200 14.70 -16.14 17.62
CA ILE A 200 15.87 -15.57 16.98
C ILE A 200 15.82 -15.77 15.47
N GLU A 201 15.29 -16.91 15.03
CA GLU A 201 15.13 -17.20 13.61
C GLU A 201 14.19 -16.20 12.94
N GLU A 202 13.33 -15.60 13.75
CA GLU A 202 12.35 -14.63 13.27
C GLU A 202 12.87 -13.21 13.43
N LEU A 203 14.18 -13.08 13.63
CA LEU A 203 14.83 -11.78 13.72
C LEU A 203 15.72 -11.53 12.52
N VAL A 204 15.83 -10.27 12.12
CA VAL A 204 16.70 -9.87 11.02
C VAL A 204 17.67 -8.80 11.50
N VAL A 205 18.96 -9.09 11.42
CA VAL A 205 19.98 -8.14 11.82
C VAL A 205 20.71 -7.59 10.60
N VAL A 206 20.83 -6.26 10.53
CA VAL A 206 21.56 -5.62 9.47
C VAL A 206 23.00 -5.34 9.91
N VAL A 207 23.96 -5.76 9.09
CA VAL A 207 25.37 -5.51 9.36
C VAL A 207 26.04 -5.05 8.07
N MET A 208 26.92 -4.06 8.17
CA MET A 208 27.65 -3.58 7.00
C MET A 208 28.61 -4.65 6.50
N ASP A 209 28.53 -4.92 5.20
CA ASP A 209 29.42 -5.89 4.58
C ASP A 209 30.85 -5.38 4.58
N ARG A 210 31.57 -5.67 5.66
CA ARG A 210 32.97 -5.24 5.80
C ARG A 210 33.80 -6.34 6.44
N PRO A 211 35.09 -6.39 6.10
CA PRO A 211 36.01 -7.36 6.71
C PRO A 211 36.03 -7.24 8.23
N ARG A 212 35.82 -6.03 8.74
CA ARG A 212 35.86 -5.80 10.18
C ARG A 212 34.72 -6.50 10.92
N HIS A 213 33.73 -6.98 10.18
CA HIS A 213 32.54 -7.61 10.78
C HIS A 213 32.50 -9.13 10.57
N LYS A 214 33.63 -9.71 10.17
CA LYS A 214 33.70 -11.14 9.88
C LYS A 214 33.21 -12.01 11.04
N GLU A 215 33.78 -11.78 12.23
CA GLU A 215 33.41 -12.56 13.40
C GLU A 215 32.00 -12.24 13.88
N LEU A 216 31.65 -10.95 13.86
CA LEU A 216 30.33 -10.51 14.27
C LEU A 216 29.26 -11.20 13.45
N ILE A 217 29.43 -11.18 12.12
CA ILE A 217 28.47 -11.79 11.21
C ILE A 217 28.35 -13.29 11.48
N GLN A 218 29.48 -13.95 11.70
CA GLN A 218 29.49 -15.38 11.97
C GLN A 218 28.74 -15.70 13.25
N GLU A 219 28.93 -14.88 14.27
CA GLU A 219 28.27 -15.08 15.55
C GLU A 219 26.75 -14.94 15.43
N ILE A 220 26.31 -13.95 14.67
CA ILE A 220 24.89 -13.73 14.43
C ILE A 220 24.28 -14.91 13.67
N ARG A 221 25.03 -15.45 12.73
CA ARG A 221 24.59 -16.61 11.97
C ARG A 221 24.49 -17.83 12.87
N ASN A 222 25.49 -18.01 13.74
CA ASN A 222 25.48 -19.12 14.69
C ASN A 222 24.30 -19.03 15.65
N ALA A 223 23.96 -17.82 16.06
CA ALA A 223 22.86 -17.61 17.00
C ALA A 223 21.50 -17.92 16.38
N GLY A 224 21.44 -17.96 15.05
CA GLY A 224 20.22 -18.33 14.36
C GLY A 224 19.44 -17.20 13.72
N ALA A 225 19.94 -15.97 13.81
CA ALA A 225 19.24 -14.84 13.22
C ALA A 225 19.51 -14.75 11.73
N ARG A 226 18.58 -14.18 10.98
CA ARG A 226 18.81 -13.90 9.57
C ARG A 226 19.53 -12.57 9.45
N VAL A 227 20.19 -12.36 8.32
CA VAL A 227 21.07 -11.21 8.18
C VAL A 227 20.89 -10.48 6.84
N ARG A 228 20.94 -9.15 6.90
CA ARG A 228 21.03 -8.33 5.71
C ARG A 228 22.37 -7.60 5.72
N LEU A 229 23.23 -7.96 4.78
CA LEU A 229 24.50 -7.27 4.63
C LEU A 229 24.34 -6.07 3.73
N ILE A 230 24.75 -4.91 4.21
CA ILE A 230 24.65 -3.70 3.41
C ILE A 230 26.03 -3.20 2.99
N SER A 231 26.13 -2.74 1.75
CA SER A 231 27.39 -2.26 1.22
C SER A 231 27.65 -0.85 1.72
N ASP A 232 26.60 -0.16 2.12
CA ASP A 232 26.67 1.24 2.47
C ASP A 232 25.36 1.67 3.12
N GLY A 233 25.42 2.71 3.93
CA GLY A 233 24.21 3.34 4.46
C GLY A 233 23.59 2.66 5.67
N ASP A 234 24.22 2.83 6.83
CA ASP A 234 23.70 2.23 8.05
C ASP A 234 22.72 3.16 8.78
N VAL A 235 22.52 4.37 8.24
CA VAL A 235 21.55 5.30 8.82
C VAL A 235 20.13 4.76 8.67
N SER A 236 19.76 4.42 7.46
CA SER A 236 18.45 3.84 7.17
C SER A 236 18.25 2.55 7.96
N ALA A 237 19.29 1.74 8.04
CA ALA A 237 19.22 0.48 8.77
C ALA A 237 18.87 0.69 10.23
N ALA A 238 19.51 1.65 10.87
CA ALA A 238 19.28 1.92 12.29
C ALA A 238 17.84 2.34 12.55
N ILE A 239 17.34 3.26 11.73
CA ILE A 239 16.00 3.81 11.93
C ILE A 239 14.91 2.78 11.61
N SER A 240 15.19 1.89 10.65
CA SER A 240 14.25 0.83 10.29
C SER A 240 13.88 -0.06 11.47
N CYS A 241 14.81 -0.21 12.41
CA CYS A 241 14.57 -0.98 13.62
C CYS A 241 13.36 -0.46 14.40
N ALA A 242 13.12 0.84 14.32
CA ALA A 242 12.09 1.47 15.13
C ALA A 242 10.68 1.22 14.62
N PHE A 243 10.56 0.88 13.34
CA PHE A 243 9.25 0.68 12.71
C PHE A 243 8.91 -0.77 12.44
N SER A 244 7.86 -1.26 13.09
CA SER A 244 7.33 -2.59 12.78
C SER A 244 6.80 -2.61 11.36
N GLY A 245 7.20 -3.61 10.59
CA GLY A 245 6.80 -3.71 9.20
C GLY A 245 7.99 -3.68 8.26
N THR A 246 9.14 -3.25 8.77
CA THR A 246 10.36 -3.18 7.98
C THR A 246 11.06 -4.54 7.91
N ASN A 247 10.67 -5.46 8.79
CA ASN A 247 11.36 -6.74 8.93
C ASN A 247 12.85 -6.56 9.19
N ILE A 248 13.17 -5.50 9.93
CA ILE A 248 14.54 -5.25 10.41
C ILE A 248 14.45 -4.93 11.90
N HIS A 249 15.21 -5.66 12.70
CA HIS A 249 15.04 -5.55 14.15
C HIS A 249 16.29 -5.14 14.89
N ALA A 250 17.43 -5.16 14.21
CA ALA A 250 18.65 -4.68 14.85
C ALA A 250 19.71 -4.22 13.86
N LEU A 251 20.47 -3.23 14.27
CA LEU A 251 21.69 -2.85 13.58
C LEU A 251 22.84 -3.15 14.51
N MET A 252 23.82 -3.91 14.01
CA MET A 252 25.02 -4.19 14.78
C MET A 252 26.25 -3.91 13.94
N GLY A 253 27.35 -3.56 14.61
CA GLY A 253 28.60 -3.38 13.93
C GLY A 253 29.11 -1.96 14.00
N ILE A 254 30.15 -1.69 13.21
CA ILE A 254 30.83 -0.42 13.25
C ILE A 254 30.56 0.41 12.00
N GLY A 255 30.17 1.66 12.20
CA GLY A 255 29.96 2.59 11.10
C GLY A 255 30.64 3.91 11.39
N ALA A 256 30.23 4.95 10.67
CA ALA A 256 30.81 6.28 10.85
C ALA A 256 30.10 7.03 11.98
N ALA A 257 30.87 7.73 12.80
CA ALA A 257 30.33 8.41 13.97
C ALA A 257 29.28 9.47 13.64
N PRO A 258 29.54 10.31 12.64
CA PRO A 258 28.62 11.39 12.31
C PRO A 258 27.26 10.86 11.87
N GLU A 259 27.27 9.82 11.05
CA GLU A 259 26.04 9.17 10.62
C GLU A 259 25.28 8.66 11.85
N GLY A 260 26.04 8.18 12.83
CA GLY A 260 25.47 7.67 14.06
C GLY A 260 24.69 8.72 14.82
N VAL A 261 25.24 9.93 14.89
CA VAL A 261 24.57 11.02 15.58
C VAL A 261 23.24 11.34 14.90
N ILE A 262 23.28 11.42 13.57
CA ILE A 262 22.08 11.68 12.80
C ILE A 262 21.02 10.60 13.03
N SER A 263 21.45 9.35 13.09
CA SER A 263 20.55 8.24 13.38
C SER A 263 20.00 8.34 14.80
N ALA A 264 20.88 8.69 15.74
CA ALA A 264 20.51 8.85 17.14
C ALA A 264 19.43 9.91 17.30
N ALA A 265 19.50 10.97 16.49
CA ALA A 265 18.50 12.03 16.55
C ALA A 265 17.11 11.47 16.27
N ALA A 266 17.00 10.69 15.20
CA ALA A 266 15.72 10.07 14.85
C ALA A 266 15.25 9.11 15.93
N MET A 267 16.16 8.27 16.42
CA MET A 267 15.82 7.26 17.41
C MET A 267 15.39 7.89 18.73
N ARG A 268 15.96 9.04 19.05
CA ARG A 268 15.59 9.80 20.26
C ARG A 268 14.13 10.24 20.17
N CYS A 269 13.71 10.70 18.99
CA CYS A 269 12.34 11.15 18.80
C CYS A 269 11.38 9.96 18.75
N LEU A 270 11.86 8.83 18.25
CA LEU A 270 11.03 7.64 18.08
C LEU A 270 10.99 6.76 19.32
N GLY A 271 11.88 7.02 20.28
CA GLY A 271 11.98 6.20 21.47
C GLY A 271 12.69 4.88 21.20
N GLY A 272 13.34 4.79 20.03
CA GLY A 272 14.07 3.59 19.67
C GLY A 272 15.33 3.45 20.51
N HIS A 273 15.93 2.26 20.47
CA HIS A 273 17.18 2.03 21.17
C HIS A 273 18.37 2.34 20.26
N PHE A 274 19.27 3.20 20.72
CA PHE A 274 20.49 3.48 19.98
C PHE A 274 21.66 3.85 20.88
N GLN A 275 22.74 3.08 20.77
CA GLN A 275 23.97 3.40 21.49
C GLN A 275 25.15 3.47 20.53
N GLY A 276 26.07 4.38 20.80
CA GLY A 276 27.26 4.53 20.00
C GLY A 276 28.50 4.55 20.86
N GLN A 277 29.60 4.06 20.29
CA GLN A 277 30.90 4.09 20.97
C GLN A 277 31.99 4.30 19.94
N LEU A 278 32.81 5.33 20.14
CA LEU A 278 33.85 5.66 19.19
C LEU A 278 34.91 4.55 19.10
N ILE A 279 35.35 4.27 17.88
CA ILE A 279 36.40 3.28 17.65
C ILE A 279 37.59 3.97 16.97
N TYR A 280 38.74 3.94 17.63
CA TYR A 280 39.91 4.66 17.15
C TYR A 280 41.15 3.78 17.00
N ASP A 281 40.96 2.48 17.18
CA ASP A 281 42.07 1.54 17.04
C ASP A 281 42.19 1.06 15.59
N PRO A 282 43.33 1.37 14.96
CA PRO A 282 43.56 1.06 13.54
C PRO A 282 43.59 -0.45 13.32
N GLU A 283 43.88 -1.20 14.37
CA GLU A 283 43.90 -2.67 14.27
C GLU A 283 42.50 -3.26 14.19
N VAL A 284 41.54 -2.63 14.86
CA VAL A 284 40.13 -2.99 14.73
C VAL A 284 39.61 -2.48 13.39
N VAL A 285 39.92 -1.22 13.08
CA VAL A 285 39.53 -0.61 11.82
C VAL A 285 40.35 0.66 11.56
N LYS A 286 40.72 0.89 10.30
CA LYS A 286 41.57 2.03 9.95
C LYS A 286 40.81 3.04 9.09
N THR A 287 41.16 4.33 9.24
CA THR A 287 40.55 5.38 8.44
C THR A 287 41.28 5.52 7.11
N GLY A 288 42.35 4.75 6.95
CA GLY A 288 43.02 4.62 5.67
C GLY A 288 44.28 5.42 5.47
N LEU A 289 44.47 6.48 6.26
CA LEU A 289 45.63 7.33 6.08
C LEU A 289 45.84 8.28 7.26
N ILE A 290 47.08 8.47 7.65
CA ILE A 290 48.21 7.75 7.06
C ILE A 290 49.23 7.52 8.17
N GLY A 291 49.81 6.32 8.21
CA GLY A 291 50.64 5.95 9.33
C GLY A 291 49.85 6.18 10.60
N GLU A 292 48.58 5.79 10.54
CA GLU A 292 47.64 5.98 11.63
C GLU A 292 47.95 5.10 12.83
N SER A 293 47.71 5.63 14.04
CA SER A 293 47.97 4.87 15.25
C SER A 293 46.93 5.18 16.32
N ARG A 294 46.67 4.21 17.19
CA ARG A 294 45.75 4.43 18.30
C ARG A 294 46.21 5.60 19.15
N GLU A 295 47.50 5.64 19.46
CA GLU A 295 48.08 6.70 20.26
C GLU A 295 47.86 8.04 19.56
N GLY A 296 48.09 8.07 18.26
CA GLY A 296 47.89 9.27 17.47
C GLY A 296 46.46 9.75 17.53
N ASN A 297 45.53 8.81 17.32
CA ASN A 297 44.10 9.12 17.39
C ASN A 297 43.68 9.57 18.78
N LEU A 298 44.25 8.94 19.80
CA LEU A 298 43.95 9.29 21.18
C LEU A 298 44.31 10.75 21.47
N GLU A 299 45.42 11.21 20.90
CA GLU A 299 45.83 12.59 21.05
C GLU A 299 44.85 13.54 20.39
N ARG A 300 44.44 13.18 19.16
CA ARG A 300 43.51 13.98 18.39
C ARG A 300 42.18 14.09 19.11
N LEU A 301 41.77 13.00 19.77
CA LEU A 301 40.50 12.94 20.51
C LEU A 301 40.56 13.75 21.81
N ALA A 302 41.74 13.80 22.40
CA ALA A 302 41.99 14.67 23.53
C ALA A 302 42.00 16.11 23.06
N SER A 303 42.56 16.32 21.86
CA SER A 303 42.65 17.64 21.25
C SER A 303 41.29 18.31 21.05
N MET A 304 40.27 17.53 20.71
CA MET A 304 38.93 18.07 20.54
C MET A 304 38.21 18.12 21.89
N GLY A 305 38.93 17.81 22.95
CA GLY A 305 38.36 17.85 24.29
C GLY A 305 37.46 16.67 24.56
N ILE A 306 37.65 15.59 23.80
CA ILE A 306 36.94 14.34 24.06
C ILE A 306 37.70 13.53 25.11
N LYS A 307 37.37 13.78 26.37
CA LYS A 307 37.98 13.11 27.51
C LYS A 307 38.00 11.59 27.37
N ASN A 308 36.83 10.99 27.54
CA ASN A 308 36.70 9.54 27.56
C ASN A 308 36.17 8.99 26.23
N PRO A 309 37.09 8.55 25.36
CA PRO A 309 36.77 8.04 24.01
C PRO A 309 36.00 6.73 24.06
N ASP A 310 36.28 5.89 25.05
CA ASP A 310 35.62 4.60 25.17
C ASP A 310 34.22 4.73 25.73
N GLN A 311 33.82 5.95 26.08
CA GLN A 311 32.50 6.21 26.62
CA GLN A 311 32.49 6.17 26.63
C GLN A 311 31.40 5.71 25.69
N VAL A 312 30.42 5.01 26.25
CA VAL A 312 29.26 4.59 25.50
C VAL A 312 28.16 5.63 25.70
N TYR A 313 27.67 6.17 24.59
CA TYR A 313 26.54 7.09 24.67
C TYR A 313 25.25 6.44 24.14
N ASN A 314 24.11 6.85 24.69
CA ASN A 314 22.81 6.47 24.10
C ASN A 314 22.32 7.63 23.25
N CYS A 315 21.16 7.48 22.60
CA CYS A 315 20.72 8.51 21.66
C CYS A 315 20.29 9.82 22.32
N GLU A 316 19.85 9.76 23.58
CA GLU A 316 19.49 10.97 24.31
C GLU A 316 20.72 11.83 24.58
N GLU A 317 21.87 11.20 24.70
CA GLU A 317 23.11 11.92 24.92
C GLU A 317 23.67 12.49 23.62
N LEU A 318 23.66 11.67 22.57
CA LEU A 318 24.14 12.08 21.26
C LEU A 318 23.26 13.18 20.68
N ALA A 319 21.97 13.10 20.94
CA ALA A 319 21.04 14.15 20.55
C ALA A 319 20.35 14.64 21.81
N CSO A 320 21.05 15.51 22.54
CA CSO A 320 20.64 15.88 23.90
CB CSO A 320 21.86 16.02 24.80
SG CSO A 320 23.06 17.15 24.04
C CSO A 320 19.84 17.17 23.97
O CSO A 320 19.36 17.55 25.04
OD CSO A 320 22.94 18.77 24.74
N GLY A 321 19.68 17.85 22.85
CA GLY A 321 19.00 19.13 22.82
C GLY A 321 17.57 19.05 23.33
N GLU A 322 17.05 20.17 23.77
CA GLU A 322 15.66 20.27 24.19
C GLU A 322 14.73 19.92 23.02
N THR A 323 15.10 20.41 21.84
CA THR A 323 14.34 20.15 20.62
C THR A 323 15.18 19.39 19.61
N VAL A 324 14.64 18.33 19.05
CA VAL A 324 15.35 17.55 18.03
C VAL A 324 14.45 17.33 16.81
N LEU A 325 15.00 17.65 15.64
CA LEU A 325 14.28 17.45 14.39
C LEU A 325 15.08 16.51 13.51
N PHE A 326 14.37 15.67 12.77
CA PHE A 326 15.00 14.77 11.83
C PHE A 326 14.24 14.78 10.51
N ALA A 327 14.96 14.78 9.40
CA ALA A 327 14.33 14.75 8.09
C ALA A 327 15.12 13.88 7.12
N ALA A 328 14.39 13.09 6.34
CA ALA A 328 14.99 12.25 5.32
C ALA A 328 14.05 12.12 4.14
N CYS A 329 14.62 12.05 2.94
CA CYS A 329 13.86 11.79 1.74
C CYS A 329 14.60 10.74 0.93
N GLY A 330 13.87 9.74 0.44
CA GLY A 330 14.48 8.70 -0.36
C GLY A 330 15.04 9.24 -1.67
N ILE A 331 16.24 8.81 -2.00
CA ILE A 331 16.82 9.09 -3.31
C ILE A 331 16.53 7.89 -4.19
N THR A 332 17.08 6.74 -3.82
CA THR A 332 16.69 5.46 -4.41
C THR A 332 15.79 4.73 -3.42
N PRO A 333 15.06 3.70 -3.88
CA PRO A 333 14.11 3.00 -3.02
C PRO A 333 14.80 2.36 -1.83
N GLY A 334 14.14 2.37 -0.69
CA GLY A 334 14.70 1.80 0.53
C GLY A 334 13.59 1.25 1.41
N THR A 335 13.97 0.77 2.59
CA THR A 335 13.00 0.12 3.46
C THR A 335 12.02 1.10 4.13
N LEU A 336 12.45 2.34 4.33
CA LEU A 336 11.58 3.34 4.95
C LEU A 336 10.87 4.23 3.94
N MET A 337 11.54 4.54 2.84
CA MET A 337 11.01 5.50 1.89
C MET A 337 11.18 5.04 0.44
N GLU A 338 10.19 5.35 -0.38
CA GLU A 338 10.28 5.08 -1.80
C GLU A 338 11.31 6.04 -2.41
N GLY A 339 11.84 5.66 -3.56
CA GLY A 339 12.85 6.47 -4.21
C GLY A 339 12.22 7.60 -5.00
N VAL A 340 13.04 8.43 -5.60
CA VAL A 340 12.53 9.52 -6.42
C VAL A 340 12.12 8.97 -7.78
N ARG A 341 10.90 9.29 -8.21
CA ARG A 341 10.42 8.85 -9.51
C ARG A 341 10.19 10.05 -10.43
N PHE A 342 10.77 9.98 -11.63
CA PHE A 342 10.55 10.99 -12.65
C PHE A 342 9.60 10.43 -13.70
N PHE A 343 8.49 11.12 -13.92
CA PHE A 343 7.49 10.67 -14.89
C PHE A 343 7.01 11.85 -15.72
N HIS A 344 6.16 11.56 -16.70
CA HIS A 344 5.65 12.60 -17.60
C HIS A 344 4.81 13.61 -16.83
N GLY A 345 5.35 14.82 -16.68
CA GLY A 345 4.61 15.89 -16.04
C GLY A 345 4.84 16.07 -14.55
N GLY A 346 5.90 15.47 -14.02
CA GLY A 346 6.23 15.69 -12.62
C GLY A 346 7.27 14.76 -12.01
N VAL A 347 7.37 14.86 -10.69
CA VAL A 347 8.30 14.07 -9.89
C VAL A 347 7.57 13.61 -8.64
N ARG A 348 8.00 12.49 -8.08
CA ARG A 348 7.38 12.01 -6.83
C ARG A 348 8.44 11.61 -5.82
N THR A 349 8.27 12.08 -4.58
CA THR A 349 9.23 11.80 -3.53
C THR A 349 8.53 11.30 -2.28
N GLN A 350 9.25 10.54 -1.46
CA GLN A 350 8.73 10.17 -0.15
C GLN A 350 9.72 10.53 0.94
N SER A 351 9.26 11.32 1.91
CA SER A 351 10.12 11.77 2.98
C SER A 351 9.61 11.31 4.34
N LEU A 352 10.52 11.24 5.30
CA LEU A 352 10.17 10.97 6.69
C LEU A 352 10.73 12.09 7.55
N VAL A 353 9.83 12.80 8.22
CA VAL A 353 10.23 13.90 9.08
C VAL A 353 9.75 13.65 10.51
N ILE A 354 10.67 13.66 11.46
CA ILE A 354 10.35 13.37 12.84
C ILE A 354 10.69 14.56 13.74
N SER A 355 9.75 14.95 14.60
CA SER A 355 9.93 16.10 15.48
C SER A 355 9.64 15.77 16.94
N SER A 356 10.59 16.06 17.82
CA SER A 356 10.38 15.91 19.26
C SER A 356 9.44 16.99 19.77
N GLN A 357 9.36 18.10 19.04
CA GLN A 357 8.54 19.23 19.44
C GLN A 357 7.04 18.95 19.22
N SER A 358 6.69 18.49 18.02
CA SER A 358 5.30 18.14 17.75
C SER A 358 5.04 16.69 18.13
N SER A 359 6.11 15.98 18.46
CA SER A 359 6.06 14.55 18.77
C SER A 359 5.37 13.77 17.66
N THR A 360 5.85 13.94 16.44
CA THR A 360 5.24 13.30 15.28
C THR A 360 6.28 12.64 14.39
N ALA A 361 5.87 11.54 13.75
CA ALA A 361 6.63 10.96 12.66
C ALA A 361 5.78 11.09 11.41
N ARG A 362 6.26 11.87 10.45
CA ARG A 362 5.49 12.15 9.24
C ARG A 362 6.11 11.53 8.00
N PHE A 363 5.32 10.73 7.29
CA PHE A 363 5.70 10.30 5.96
C PHE A 363 5.04 11.23 4.97
N VAL A 364 5.84 11.93 4.18
CA VAL A 364 5.31 12.88 3.22
C VAL A 364 5.49 12.39 1.79
N ASP A 365 4.38 12.11 1.14
CA ASP A 365 4.38 11.62 -0.23
C ASP A 365 4.00 12.78 -1.14
N THR A 366 4.98 13.31 -1.86
CA THR A 366 4.76 14.53 -2.62
C THR A 366 4.83 14.32 -4.12
N VAL A 367 3.76 14.74 -4.79
CA VAL A 367 3.77 14.83 -6.24
C VAL A 367 4.16 16.26 -6.61
N HIS A 368 5.32 16.40 -7.22
CA HIS A 368 5.78 17.69 -7.70
C HIS A 368 5.30 17.85 -9.14
N MET A 369 4.33 18.73 -9.33
CA MET A 369 3.69 18.86 -10.64
C MET A 369 4.43 19.84 -11.55
N LYS A 370 4.99 19.31 -12.64
CA LYS A 370 5.50 20.15 -13.71
C LYS A 370 4.34 20.38 -14.65
N GLU A 371 3.62 21.47 -14.40
CA GLU A 371 2.36 21.74 -15.05
C GLU A 371 2.31 21.45 -16.56
N SER A 372 1.20 20.85 -16.99
CA SER A 372 0.17 20.41 -16.06
C SER A 372 -0.26 18.99 -16.39
N PRO A 373 0.07 18.04 -15.49
CA PRO A 373 -0.08 16.61 -15.74
C PRO A 373 -1.51 16.23 -16.12
N LYS A 374 -1.65 15.60 -17.29
CA LYS A 374 -2.95 15.13 -17.74
C LYS A 374 -3.42 13.99 -16.82
N VAL A 375 -2.45 13.27 -16.27
CA VAL A 375 -2.75 12.17 -15.36
C VAL A 375 -2.00 12.34 -14.04
N ILE A 376 -2.74 12.25 -12.93
CA ILE A 376 -2.15 12.26 -11.61
C ILE A 376 -2.50 10.97 -10.87
N GLN A 377 -1.50 10.13 -10.64
CA GLN A 377 -1.69 8.86 -9.94
C GLN A 377 -1.87 9.07 -8.44
N LEU A 378 -2.81 8.33 -7.85
CA LEU A 378 -3.06 8.41 -6.41
C LEU A 378 -1.86 7.93 -5.61
N HIS A 379 -1.14 6.96 -6.15
CA HIS A 379 0.06 6.42 -5.52
C HIS A 379 1.20 6.37 -6.53
N VAL B 35 -3.76 -28.94 -20.51
CA VAL B 35 -3.32 -28.41 -19.23
C VAL B 35 -4.50 -28.10 -18.32
N ASP B 36 -4.51 -28.70 -17.13
CA ASP B 36 -5.59 -28.50 -16.16
C ASP B 36 -5.71 -27.04 -15.77
N SER B 37 -6.94 -26.57 -15.59
CA SER B 37 -7.19 -25.19 -15.19
C SER B 37 -6.62 -24.88 -13.80
N THR B 38 -6.62 -25.88 -12.92
CA THR B 38 -6.19 -25.68 -11.54
C THR B 38 -4.67 -25.68 -11.39
N LEU B 39 -3.97 -26.10 -12.44
CA LEU B 39 -2.51 -26.10 -12.39
C LEU B 39 -1.97 -24.69 -12.19
N GLY B 40 -2.69 -23.70 -12.72
CA GLY B 40 -2.32 -22.31 -12.60
C GLY B 40 -2.46 -21.77 -11.19
N LEU B 41 -3.19 -22.48 -10.35
CA LEU B 41 -3.34 -22.08 -8.96
C LEU B 41 -2.42 -22.91 -8.05
N GLU B 42 -2.19 -24.16 -8.44
CA GLU B 42 -1.35 -25.05 -7.65
C GLU B 42 0.10 -24.58 -7.59
N ILE B 43 0.56 -23.94 -8.67
CA ILE B 43 1.93 -23.46 -8.73
C ILE B 43 2.20 -22.34 -7.73
N ILE B 44 1.14 -21.74 -7.19
CA ILE B 44 1.29 -20.77 -6.12
C ILE B 44 2.07 -21.41 -4.99
N GLU B 45 1.58 -22.58 -4.55
CA GLU B 45 2.19 -23.30 -3.44
C GLU B 45 3.58 -23.80 -3.77
N VAL B 46 3.82 -24.09 -5.05
CA VAL B 46 5.13 -24.53 -5.48
C VAL B 46 6.19 -23.45 -5.23
N VAL B 47 5.93 -22.23 -5.71
CA VAL B 47 6.89 -21.14 -5.53
C VAL B 47 6.92 -20.64 -4.09
N GLU B 48 5.78 -20.66 -3.41
CA GLU B 48 5.74 -20.25 -2.01
C GLU B 48 6.66 -21.12 -1.14
N GLN B 49 6.55 -22.44 -1.28
CA GLN B 49 7.35 -23.35 -0.46
C GLN B 49 8.85 -23.27 -0.79
N ALA B 50 9.17 -23.09 -2.08
CA ALA B 50 10.56 -22.92 -2.48
C ALA B 50 11.15 -21.65 -1.88
N ALA B 51 10.39 -20.56 -1.95
CA ALA B 51 10.84 -19.28 -1.40
C ALA B 51 11.03 -19.35 0.10
N ILE B 52 10.05 -19.93 0.79
CA ILE B 52 10.11 -20.05 2.25
C ILE B 52 11.37 -20.80 2.71
N ALA B 53 11.68 -21.90 2.05
CA ALA B 53 12.84 -22.72 2.42
C ALA B 53 14.13 -21.94 2.21
N SER B 54 14.26 -21.34 1.03
CA SER B 54 15.42 -20.56 0.68
C SER B 54 15.60 -19.35 1.60
N ALA B 55 14.49 -18.70 1.94
CA ALA B 55 14.50 -17.50 2.77
C ALA B 55 15.12 -17.74 4.15
N LYS B 56 15.02 -18.97 4.65
CA LYS B 56 15.56 -19.30 5.96
C LYS B 56 17.07 -19.14 5.97
N TRP B 57 17.66 -19.06 4.79
CA TRP B 57 19.10 -18.93 4.67
C TRP B 57 19.53 -17.53 4.25
N MET B 58 18.64 -16.56 4.40
CA MET B 58 18.96 -15.19 4.05
C MET B 58 20.11 -14.65 4.92
N GLY B 59 21.16 -14.18 4.27
CA GLY B 59 22.28 -13.59 4.97
C GLY B 59 23.21 -14.59 5.65
N LYS B 60 22.98 -15.88 5.41
CA LYS B 60 23.78 -16.92 6.06
C LYS B 60 25.05 -17.26 5.28
N GLY B 61 25.28 -16.56 4.18
CA GLY B 61 26.49 -16.72 3.40
C GLY B 61 26.69 -18.09 2.76
N GLU B 62 25.60 -18.81 2.54
CA GLU B 62 25.69 -20.11 1.86
C GLU B 62 24.79 -20.11 0.63
N LYS B 63 25.36 -19.78 -0.52
CA LYS B 63 24.57 -19.64 -1.73
C LYS B 63 24.07 -20.98 -2.26
N ASN B 64 24.87 -22.03 -2.08
CA ASN B 64 24.47 -23.35 -2.54
C ASN B 64 23.37 -23.93 -1.66
N THR B 65 23.51 -23.75 -0.35
CA THR B 65 22.49 -24.18 0.59
C THR B 65 21.15 -23.52 0.28
N ALA B 66 21.18 -22.19 0.15
CA ALA B 66 19.97 -21.43 -0.20
C ALA B 66 19.38 -21.91 -1.52
N ASP B 67 20.26 -22.26 -2.45
CA ASP B 67 19.82 -22.77 -3.75
C ASP B 67 19.21 -24.16 -3.59
N GLN B 68 19.93 -25.05 -2.91
CA GLN B 68 19.54 -26.45 -2.80
C GLN B 68 18.22 -26.71 -2.07
N VAL B 69 17.95 -25.98 -0.99
CA VAL B 69 16.71 -26.17 -0.27
C VAL B 69 15.51 -25.67 -1.08
N ALA B 70 15.75 -24.64 -1.89
CA ALA B 70 14.73 -24.14 -2.81
C ALA B 70 14.42 -25.16 -3.89
N VAL B 71 15.47 -25.72 -4.49
CA VAL B 71 15.33 -26.76 -5.50
C VAL B 71 14.51 -27.93 -4.95
N GLU B 72 14.93 -28.45 -3.79
CA GLU B 72 14.25 -29.58 -3.17
C GLU B 72 12.78 -29.30 -2.85
N ALA B 73 12.50 -28.10 -2.32
CA ALA B 73 11.14 -27.74 -1.94
C ALA B 73 10.23 -27.59 -3.15
N MET B 74 10.73 -26.93 -4.20
CA MET B 74 9.96 -26.79 -5.43
C MET B 74 9.66 -28.17 -6.02
N ARG B 75 10.68 -29.01 -6.04
CA ARG B 75 10.57 -30.37 -6.57
C ARG B 75 9.53 -31.17 -5.79
N GLU B 76 9.65 -31.15 -4.46
CA GLU B 76 8.74 -31.89 -3.61
C GLU B 76 7.29 -31.44 -3.80
N ARG B 77 7.07 -30.14 -3.91
CA ARG B 77 5.72 -29.62 -4.06
C ARG B 77 5.16 -29.95 -5.44
N MET B 78 6.04 -29.96 -6.45
CA MET B 78 5.63 -30.35 -7.79
C MET B 78 5.17 -31.80 -7.82
N ASN B 79 5.85 -32.65 -7.07
CA ASN B 79 5.56 -34.08 -7.09
C ASN B 79 4.28 -34.44 -6.36
N LYS B 80 3.65 -33.44 -5.75
CA LYS B 80 2.35 -33.64 -5.13
C LYS B 80 1.23 -33.26 -6.10
N ILE B 81 1.60 -32.64 -7.21
CA ILE B 81 0.64 -32.18 -8.20
C ILE B 81 0.25 -33.28 -9.19
N HIS B 82 -1.04 -33.37 -9.52
CA HIS B 82 -1.50 -34.30 -10.54
C HIS B 82 -1.14 -33.77 -11.92
N MET B 83 0.05 -34.10 -12.37
CA MET B 83 0.53 -33.68 -13.68
C MET B 83 1.60 -34.65 -14.14
N ARG B 84 1.82 -34.69 -15.46
CA ARG B 84 2.95 -35.42 -16.02
C ARG B 84 3.93 -34.39 -16.58
N GLY B 85 4.83 -33.91 -15.73
CA GLY B 85 5.74 -32.86 -16.12
C GLY B 85 7.13 -33.34 -16.46
N ARG B 86 7.81 -32.56 -17.29
CA ARG B 86 9.19 -32.83 -17.65
C ARG B 86 9.99 -31.54 -17.54
N ILE B 87 11.16 -31.63 -16.91
CA ILE B 87 12.05 -30.49 -16.77
C ILE B 87 12.80 -30.25 -18.08
N VAL B 88 12.60 -29.09 -18.69
CA VAL B 88 13.31 -28.76 -19.92
C VAL B 88 14.33 -27.65 -19.66
N ILE B 89 14.15 -26.97 -18.54
CA ILE B 89 15.11 -25.97 -18.07
C ILE B 89 15.27 -26.16 -16.57
N GLY B 90 16.52 -26.36 -16.13
CA GLY B 90 16.75 -26.67 -14.74
C GLY B 90 18.18 -26.55 -14.27
N GLU B 91 18.54 -27.37 -13.28
CA GLU B 91 19.82 -27.25 -12.58
C GLU B 91 20.99 -27.87 -13.34
N GLY B 92 20.70 -28.69 -14.34
CA GLY B 92 21.75 -29.34 -15.12
C GLY B 92 21.32 -30.68 -15.66
N GLU B 93 22.26 -31.40 -16.27
CA GLU B 93 21.97 -32.70 -16.87
C GLU B 93 21.86 -33.80 -15.82
N ARG B 94 21.16 -34.87 -16.16
CA ARG B 94 21.12 -36.04 -15.30
C ARG B 94 22.54 -36.59 -15.17
N ASP B 95 22.82 -37.23 -14.04
CA ASP B 95 24.16 -37.73 -13.75
C ASP B 95 25.12 -36.59 -13.37
N ASP B 96 24.57 -35.39 -13.25
CA ASP B 96 25.31 -34.23 -12.77
C ASP B 96 24.51 -33.55 -11.67
N ALA B 97 23.48 -32.83 -12.06
CA ALA B 97 22.56 -32.23 -11.09
C ALA B 97 21.67 -33.33 -10.52
N PRO B 98 21.58 -33.39 -9.19
CA PRO B 98 20.78 -34.43 -8.52
C PRO B 98 19.27 -34.16 -8.55
N MET B 99 18.88 -32.90 -8.63
CA MET B 99 17.46 -32.53 -8.54
C MET B 99 17.05 -31.50 -9.59
N LEU B 100 15.89 -31.72 -10.20
CA LEU B 100 15.38 -30.87 -11.26
C LEU B 100 16.40 -30.72 -12.40
N TYR B 101 16.94 -31.86 -12.82
CA TYR B 101 17.85 -31.91 -13.96
C TYR B 101 17.04 -32.02 -15.25
N ILE B 102 17.70 -31.79 -16.38
CA ILE B 102 17.03 -31.85 -17.68
C ILE B 102 16.47 -33.24 -17.95
N GLY B 103 15.17 -33.32 -18.19
CA GLY B 103 14.53 -34.57 -18.54
C GLY B 103 13.81 -35.23 -17.37
N GLU B 104 14.06 -34.74 -16.16
CA GLU B 104 13.46 -35.34 -14.98
C GLU B 104 11.94 -35.29 -15.04
N GLU B 105 11.31 -36.39 -14.64
CA GLU B 105 9.86 -36.45 -14.58
C GLU B 105 9.38 -35.97 -13.22
N VAL B 106 8.40 -35.07 -13.22
CA VAL B 106 7.87 -34.53 -11.99
C VAL B 106 6.34 -34.51 -12.02
N GLY B 107 5.74 -34.66 -10.84
CA GLY B 107 4.32 -34.70 -10.73
C GLY B 107 3.87 -36.11 -10.42
N ILE B 108 2.64 -36.24 -9.94
CA ILE B 108 2.10 -37.56 -9.65
C ILE B 108 1.86 -38.38 -10.92
N CYS B 109 1.26 -37.75 -11.93
CA CYS B 109 0.87 -38.44 -13.16
C CYS B 109 2.01 -38.97 -14.03
N THR B 110 3.26 -38.72 -13.64
CA THR B 110 4.40 -39.25 -14.39
C THR B 110 4.61 -40.74 -14.13
N ARG B 111 4.08 -41.22 -13.01
CA ARG B 111 4.27 -42.60 -12.60
C ARG B 111 3.29 -43.53 -13.33
N GLU B 112 3.57 -44.83 -13.24
CA GLU B 112 2.65 -45.83 -13.76
C GLU B 112 1.90 -46.49 -12.61
N ASP B 113 0.57 -46.51 -12.71
CA ASP B 113 -0.12 -45.94 -13.85
C ASP B 113 -0.88 -44.66 -13.48
N ALA B 114 -0.49 -43.56 -14.11
CA ALA B 114 -1.19 -42.30 -13.94
C ALA B 114 -2.62 -42.46 -14.46
N LYS B 115 -2.76 -43.21 -15.53
CA LYS B 115 -4.06 -43.43 -16.16
C LYS B 115 -5.12 -43.84 -15.14
N SER B 116 -4.69 -44.53 -14.09
CA SER B 116 -5.60 -45.01 -13.05
C SER B 116 -5.84 -43.98 -11.95
N PHE B 117 -4.90 -43.07 -11.74
CA PHE B 117 -5.00 -42.15 -10.62
C PHE B 117 -5.34 -40.70 -11.03
N CYS B 118 -4.91 -40.27 -12.22
CA CYS B 118 -5.29 -38.94 -12.70
C CYS B 118 -6.09 -38.96 -14.01
N ASN B 119 -6.76 -37.84 -14.29
CA ASN B 119 -7.61 -37.71 -15.46
C ASN B 119 -6.89 -37.21 -16.70
N PRO B 120 -7.56 -37.28 -17.86
CA PRO B 120 -7.02 -36.88 -19.17
C PRO B 120 -6.38 -35.49 -19.19
N ASP B 121 -7.01 -34.52 -18.54
CA ASP B 121 -6.44 -33.17 -18.44
C ASP B 121 -5.16 -33.17 -17.59
N GLU B 122 -5.16 -33.95 -16.51
CA GLU B 122 -4.01 -34.06 -15.62
C GLU B 122 -2.91 -34.90 -16.26
N LEU B 123 -3.32 -35.88 -17.08
CA LEU B 123 -2.37 -36.78 -17.71
C LEU B 123 -1.62 -36.13 -18.87
N VAL B 124 -2.07 -34.94 -19.27
CA VAL B 124 -1.42 -34.19 -20.35
C VAL B 124 0.04 -33.94 -20.03
N GLU B 125 0.91 -34.03 -21.03
CA GLU B 125 2.33 -33.81 -20.83
C GLU B 125 2.71 -32.35 -20.92
N ILE B 126 3.34 -31.84 -19.86
CA ILE B 126 3.75 -30.45 -19.81
C ILE B 126 5.26 -30.32 -19.60
N ASP B 127 5.84 -29.29 -20.20
CA ASP B 127 7.25 -28.99 -20.02
C ASP B 127 7.41 -27.87 -18.99
N ILE B 128 8.42 -28.00 -18.15
CA ILE B 128 8.61 -27.09 -17.03
C ILE B 128 10.01 -26.47 -17.03
N ALA B 129 10.06 -25.14 -16.90
CA ALA B 129 11.31 -24.43 -16.75
C ALA B 129 11.40 -23.92 -15.33
N VAL B 130 12.48 -24.26 -14.63
CA VAL B 130 12.62 -23.85 -13.25
C VAL B 130 13.86 -23.02 -13.01
N ASP B 131 13.72 -22.09 -12.07
CA ASP B 131 14.85 -21.38 -11.50
C ASP B 131 14.47 -21.19 -10.03
N PRO B 132 14.58 -22.27 -9.24
CA PRO B 132 14.11 -22.34 -7.86
C PRO B 132 14.68 -21.23 -6.99
N CYS B 133 15.95 -20.88 -7.22
CA CYS B 133 16.55 -19.76 -6.50
C CYS B 133 17.27 -18.83 -7.47
N GLU B 134 16.56 -17.81 -7.90
CA GLU B 134 17.13 -16.81 -8.79
C GLU B 134 17.79 -15.74 -7.94
N GLY B 135 19.13 -15.69 -7.98
CA GLY B 135 19.88 -14.77 -7.15
C GLY B 135 20.38 -15.43 -5.88
N THR B 136 21.12 -16.51 -6.03
CA THR B 136 21.63 -17.26 -4.89
C THR B 136 22.57 -16.44 -4.01
N ASN B 137 23.39 -15.59 -4.62
CA ASN B 137 24.24 -14.69 -3.85
C ASN B 137 23.43 -13.61 -3.14
N LEU B 138 22.32 -13.22 -3.75
CA LEU B 138 21.43 -12.24 -3.14
C LEU B 138 20.84 -12.78 -1.84
N VAL B 139 20.38 -14.02 -1.87
CA VAL B 139 19.89 -14.67 -0.67
C VAL B 139 21.00 -14.83 0.37
N ALA B 140 22.15 -15.32 -0.08
CA ALA B 140 23.26 -15.56 0.82
C ALA B 140 23.72 -14.28 1.54
N TYR B 141 23.59 -13.14 0.86
CA TYR B 141 23.98 -11.84 1.42
C TYR B 141 22.84 -11.07 2.06
N GLY B 142 21.62 -11.61 1.98
CA GLY B 142 20.46 -10.93 2.51
C GLY B 142 20.20 -9.66 1.71
N GLN B 143 20.36 -9.77 0.39
CA GLN B 143 20.17 -8.62 -0.48
C GLN B 143 18.93 -8.77 -1.35
N ASN B 144 18.42 -7.64 -1.84
CA ASN B 144 17.18 -7.61 -2.61
C ASN B 144 17.29 -8.29 -3.96
N GLY B 145 16.16 -8.77 -4.48
CA GLY B 145 16.09 -9.19 -5.87
C GLY B 145 16.12 -10.68 -6.16
N SER B 146 15.98 -11.51 -5.13
CA SER B 146 15.96 -12.95 -5.35
C SER B 146 14.55 -13.51 -5.23
N MET B 147 14.24 -14.47 -6.08
CA MET B 147 12.91 -15.09 -6.10
C MET B 147 12.99 -16.54 -6.53
N ALA B 148 11.96 -17.30 -6.18
CA ALA B 148 11.79 -18.66 -6.68
C ALA B 148 10.85 -18.57 -7.87
N VAL B 149 11.26 -19.12 -9.00
CA VAL B 149 10.50 -18.93 -10.22
C VAL B 149 10.41 -20.18 -11.09
N LEU B 150 9.32 -20.29 -11.84
CA LEU B 150 9.14 -21.40 -12.77
C LEU B 150 8.19 -21.00 -13.89
N ALA B 151 8.25 -21.74 -15.00
CA ALA B 151 7.33 -21.52 -16.11
C ALA B 151 6.90 -22.86 -16.71
N ILE B 152 5.68 -22.89 -17.22
CA ILE B 152 5.09 -24.13 -17.71
C ILE B 152 4.33 -23.94 -19.03
N SER B 153 4.29 -25.01 -19.81
CA SER B 153 3.55 -25.04 -21.07
C SER B 153 3.32 -26.50 -21.42
N GLU B 154 2.58 -26.76 -22.49
CA GLU B 154 2.44 -28.12 -22.99
C GLU B 154 3.83 -28.60 -23.41
N LYS B 155 3.99 -29.91 -23.51
CA LYS B 155 5.24 -30.46 -24.02
C LYS B 155 5.62 -29.77 -25.32
N GLY B 156 6.86 -29.31 -25.42
CA GLY B 156 7.33 -28.62 -26.60
C GLY B 156 7.02 -27.13 -26.58
N GLY B 157 6.26 -26.70 -25.59
CA GLY B 157 5.77 -25.34 -25.50
C GLY B 157 6.79 -24.32 -25.01
N LEU B 158 7.97 -24.78 -24.62
CA LEU B 158 9.03 -23.88 -24.15
C LEU B 158 10.37 -24.20 -24.79
N PHE B 159 11.03 -23.19 -25.32
CA PHE B 159 12.37 -23.36 -25.87
C PHE B 159 13.31 -23.88 -24.78
N ALA B 160 13.77 -25.11 -24.94
CA ALA B 160 14.71 -25.71 -24.01
C ALA B 160 16.10 -25.11 -24.20
N ALA B 161 16.26 -23.87 -23.76
CA ALA B 161 17.49 -23.13 -23.94
C ALA B 161 18.69 -23.88 -23.38
N PRO B 162 19.78 -23.92 -24.16
CA PRO B 162 21.07 -24.43 -23.68
C PRO B 162 21.67 -23.43 -22.71
N ASP B 163 22.67 -23.85 -21.93
CA ASP B 163 23.29 -22.95 -20.99
C ASP B 163 24.27 -22.03 -21.69
N PHE B 164 23.73 -21.15 -22.53
CA PHE B 164 24.51 -20.13 -23.21
C PHE B 164 24.03 -18.75 -22.76
N TYR B 165 24.81 -17.73 -23.08
CA TYR B 165 24.39 -16.35 -22.81
C TYR B 165 23.39 -15.88 -23.86
N MET B 166 22.58 -14.90 -23.48
CA MET B 166 21.53 -14.39 -24.36
C MET B 166 21.41 -12.88 -24.26
N LYS B 167 21.60 -12.20 -25.39
CA LYS B 167 21.32 -10.77 -25.45
C LYS B 167 19.82 -10.59 -25.32
N LYS B 168 19.40 -9.71 -24.42
CA LYS B 168 17.98 -9.54 -24.14
C LYS B 168 17.51 -8.09 -24.25
N LEU B 169 16.28 -7.92 -24.70
CA LEU B 169 15.61 -6.62 -24.69
C LEU B 169 14.17 -6.77 -24.20
N ALA B 170 13.92 -6.26 -23.00
CA ALA B 170 12.57 -6.29 -22.44
C ALA B 170 12.02 -4.87 -22.34
N ALA B 171 10.72 -4.74 -22.55
CA ALA B 171 10.07 -3.43 -22.50
C ALA B 171 8.57 -3.61 -22.30
N PRO B 172 7.87 -2.52 -21.96
CA PRO B 172 6.44 -2.58 -21.65
C PRO B 172 5.58 -2.85 -22.88
N PRO B 173 4.35 -3.36 -22.67
CA PRO B 173 3.40 -3.64 -23.74
C PRO B 173 3.22 -2.46 -24.69
N ALA B 174 3.30 -1.23 -24.18
CA ALA B 174 3.16 -0.06 -25.03
C ALA B 174 4.28 0.00 -26.07
N ALA B 175 5.40 -0.65 -25.77
CA ALA B 175 6.57 -0.61 -26.64
C ALA B 175 6.71 -1.88 -27.48
N LYS B 176 5.84 -2.84 -27.25
CA LYS B 176 5.93 -4.15 -27.89
C LYS B 176 5.93 -4.05 -29.42
N GLY B 177 6.99 -4.55 -30.04
CA GLY B 177 7.12 -4.53 -31.48
C GLY B 177 7.71 -3.24 -32.00
N HIS B 178 7.78 -2.22 -31.16
CA HIS B 178 8.34 -0.94 -31.60
C HIS B 178 9.83 -0.84 -31.32
N VAL B 179 10.24 -1.14 -30.10
CA VAL B 179 11.65 -1.32 -29.82
C VAL B 179 12.09 -2.59 -30.52
N ASP B 180 13.39 -2.74 -30.75
CA ASP B 180 13.90 -3.97 -31.32
C ASP B 180 15.32 -4.27 -30.83
N ILE B 181 15.57 -5.54 -30.54
CA ILE B 181 16.85 -5.97 -29.98
C ILE B 181 18.05 -5.62 -30.89
N ASP B 182 17.81 -5.54 -32.19
CA ASP B 182 18.88 -5.24 -33.14
C ASP B 182 19.19 -3.75 -33.22
N LYS B 183 18.29 -2.92 -32.71
CA LYS B 183 18.51 -1.48 -32.66
C LYS B 183 19.49 -1.15 -31.53
N SER B 184 20.17 -0.01 -31.66
CA SER B 184 21.10 0.42 -30.62
C SER B 184 20.32 0.87 -29.39
N ALA B 185 21.02 0.95 -28.27
CA ALA B 185 20.40 1.42 -27.03
C ALA B 185 19.79 2.81 -27.24
N THR B 186 20.52 3.66 -27.95
CA THR B 186 20.07 5.04 -28.17
C THR B 186 18.75 5.10 -28.92
N GLU B 187 18.64 4.37 -30.03
CA GLU B 187 17.41 4.38 -30.82
C GLU B 187 16.25 3.74 -30.07
N ASN B 188 16.56 2.71 -29.29
CA ASN B 188 15.54 2.05 -28.49
C ASN B 188 15.01 2.99 -27.41
N LEU B 189 15.90 3.77 -26.80
CA LEU B 189 15.49 4.73 -25.79
C LEU B 189 14.58 5.80 -26.39
N LYS B 190 14.92 6.27 -27.59
CA LYS B 190 14.11 7.25 -28.28
C LYS B 190 12.73 6.68 -28.56
N ILE B 191 12.69 5.44 -29.04
CA ILE B 191 11.43 4.77 -29.32
C ILE B 191 10.63 4.58 -28.02
N LEU B 192 11.31 4.20 -26.95
CA LEU B 192 10.67 4.07 -25.65
C LEU B 192 10.05 5.40 -25.21
N SER B 193 10.79 6.48 -25.40
CA SER B 193 10.30 7.81 -25.06
C SER B 193 8.96 8.11 -25.72
N ASP B 194 8.85 7.82 -27.02
CA ASP B 194 7.61 8.04 -27.75
CA ASP B 194 7.60 8.05 -27.74
C ASP B 194 6.52 7.09 -27.27
N CYS B 195 6.84 5.79 -27.19
CA CYS B 195 5.86 4.79 -26.81
C CYS B 195 5.26 5.01 -25.41
N LEU B 196 6.11 5.40 -24.46
CA LEU B 196 5.68 5.56 -23.08
C LEU B 196 5.31 7.00 -22.74
N ASN B 197 5.32 7.86 -23.77
CA ASN B 197 4.95 9.26 -23.61
C ASN B 197 5.66 9.93 -22.42
N ARG B 198 6.97 9.81 -22.40
CA ARG B 198 7.79 10.42 -21.37
C ARG B 198 9.21 10.59 -21.91
N SER B 199 10.00 11.44 -21.27
CA SER B 199 11.35 11.73 -21.72
C SER B 199 12.32 10.61 -21.39
N ILE B 200 13.49 10.62 -22.03
CA ILE B 200 14.53 9.65 -21.76
C ILE B 200 15.06 9.80 -20.33
N GLU B 201 15.11 11.03 -19.84
CA GLU B 201 15.51 11.29 -18.47
C GLU B 201 14.48 10.70 -17.51
N GLU B 202 13.27 10.48 -18.01
CA GLU B 202 12.18 9.92 -17.22
C GLU B 202 12.06 8.41 -17.43
N LEU B 203 13.10 7.81 -18.00
CA LEU B 203 13.16 6.37 -18.18
C LEU B 203 14.18 5.75 -17.24
N VAL B 204 13.95 4.51 -16.84
CA VAL B 204 14.94 3.77 -16.06
C VAL B 204 15.23 2.43 -16.73
N VAL B 205 16.51 2.19 -17.02
CA VAL B 205 16.92 0.95 -17.65
C VAL B 205 17.73 0.10 -16.68
N VAL B 206 17.42 -1.18 -16.63
CA VAL B 206 18.17 -2.11 -15.80
C VAL B 206 19.19 -2.84 -16.65
N VAL B 207 20.43 -2.90 -16.16
CA VAL B 207 21.50 -3.60 -16.84
C VAL B 207 22.32 -4.36 -15.81
N MET B 208 22.82 -5.52 -16.18
CA MET B 208 23.66 -6.28 -15.27
C MET B 208 25.04 -5.64 -15.14
N ASP B 209 25.49 -5.51 -13.90
CA ASP B 209 26.80 -4.95 -13.62
C ASP B 209 27.89 -5.91 -14.04
N ARG B 210 28.24 -5.88 -15.32
CA ARG B 210 29.27 -6.76 -15.88
C ARG B 210 30.16 -6.01 -16.85
N PRO B 211 31.45 -6.38 -16.89
CA PRO B 211 32.40 -5.77 -17.81
C PRO B 211 31.91 -5.80 -19.25
N ARG B 212 31.18 -6.84 -19.62
CA ARG B 212 30.65 -6.97 -20.98
C ARG B 212 29.64 -5.87 -21.32
N HIS B 213 29.22 -5.11 -20.31
CA HIS B 213 28.20 -4.09 -20.51
C HIS B 213 28.75 -2.67 -20.38
N LYS B 214 30.06 -2.55 -20.25
CA LYS B 214 30.69 -1.25 -20.05
C LYS B 214 30.27 -0.24 -21.14
N GLU B 215 30.36 -0.65 -22.39
CA GLU B 215 29.97 0.24 -23.48
C GLU B 215 28.48 0.49 -23.52
N LEU B 216 27.70 -0.55 -23.26
CA LEU B 216 26.24 -0.43 -23.25
C LEU B 216 25.78 0.56 -22.19
N ILE B 217 26.30 0.41 -20.98
CA ILE B 217 25.96 1.28 -19.87
C ILE B 217 26.36 2.72 -20.16
N GLN B 218 27.52 2.88 -20.78
CA GLN B 218 27.99 4.20 -21.14
C GLN B 218 27.04 4.85 -22.15
N GLU B 219 26.57 4.06 -23.10
CA GLU B 219 25.68 4.57 -24.13
C GLU B 219 24.34 5.00 -23.55
N ILE B 220 23.80 4.17 -22.66
CA ILE B 220 22.54 4.51 -22.01
C ILE B 220 22.66 5.79 -21.20
N ARG B 221 23.76 5.94 -20.48
CA ARG B 221 24.01 7.14 -19.70
C ARG B 221 24.11 8.36 -20.60
N ASN B 222 24.82 8.23 -21.72
CA ASN B 222 24.94 9.32 -22.67
C ASN B 222 23.59 9.76 -23.23
N ALA B 223 22.73 8.77 -23.46
CA ALA B 223 21.38 9.03 -23.98
C ALA B 223 20.52 9.81 -22.98
N GLY B 224 20.91 9.76 -21.71
CA GLY B 224 20.25 10.53 -20.68
C GLY B 224 19.27 9.76 -19.82
N ALA B 225 19.20 8.45 -20.02
CA ALA B 225 18.32 7.61 -19.21
C ALA B 225 18.98 7.27 -17.88
N ARG B 226 18.17 7.11 -16.84
CA ARG B 226 18.68 6.67 -15.55
C ARG B 226 18.88 5.16 -15.57
N VAL B 227 19.73 4.66 -14.69
CA VAL B 227 20.09 3.25 -14.71
C VAL B 227 20.01 2.59 -13.34
N ARG B 228 19.62 1.33 -13.33
CA ARG B 228 19.72 0.48 -12.15
C ARG B 228 20.63 -0.69 -12.52
N LEU B 229 21.79 -0.74 -11.89
CA LEU B 229 22.71 -1.85 -12.12
C LEU B 229 22.43 -2.96 -11.13
N ILE B 230 22.28 -4.18 -11.63
CA ILE B 230 22.07 -5.32 -10.76
C ILE B 230 23.25 -6.29 -10.83
N SER B 231 23.52 -6.93 -9.71
CA SER B 231 24.61 -7.90 -9.62
C SER B 231 24.16 -9.25 -10.13
N ASP B 232 22.86 -9.49 -10.05
CA ASP B 232 22.26 -10.76 -10.43
C ASP B 232 20.75 -10.63 -10.51
N GLY B 233 20.11 -11.59 -11.19
CA GLY B 233 18.67 -11.67 -11.23
C GLY B 233 18.00 -10.78 -12.26
N ASP B 234 18.22 -11.07 -13.54
CA ASP B 234 17.65 -10.26 -14.60
C ASP B 234 16.22 -10.67 -14.95
N VAL B 235 15.73 -11.72 -14.31
CA VAL B 235 14.35 -12.17 -14.54
C VAL B 235 13.35 -11.18 -13.98
N SER B 236 13.54 -10.78 -12.73
CA SER B 236 12.66 -9.80 -12.09
C SER B 236 12.70 -8.46 -12.83
N ALA B 237 13.89 -8.07 -13.28
CA ALA B 237 14.05 -6.82 -14.02
C ALA B 237 13.25 -6.84 -15.31
N ALA B 238 13.34 -7.94 -16.04
CA ALA B 238 12.63 -8.07 -17.31
C ALA B 238 11.13 -7.90 -17.13
N ILE B 239 10.57 -8.63 -16.17
CA ILE B 239 9.12 -8.62 -15.95
C ILE B 239 8.62 -7.30 -15.38
N SER B 240 9.48 -6.62 -14.61
CA SER B 240 9.12 -5.33 -14.02
C SER B 240 8.76 -4.29 -15.06
N CYS B 241 9.31 -4.43 -16.25
CA CYS B 241 9.04 -3.50 -17.36
C CYS B 241 7.56 -3.49 -17.71
N ALA B 242 6.88 -4.60 -17.42
CA ALA B 242 5.50 -4.81 -17.83
C ALA B 242 4.48 -4.04 -16.98
N PHE B 243 4.86 -3.73 -15.74
CA PHE B 243 3.93 -3.10 -14.81
C PHE B 243 4.27 -1.64 -14.54
N SER B 244 3.33 -0.75 -14.84
CA SER B 244 3.48 0.65 -14.46
C SER B 244 3.44 0.75 -12.96
N GLY B 245 4.40 1.46 -12.38
CA GLY B 245 4.53 1.58 -10.94
C GLY B 245 5.83 1.03 -10.42
N THR B 246 6.56 0.32 -11.29
CA THR B 246 7.85 -0.25 -10.91
C THR B 246 8.98 0.74 -11.13
N ASN B 247 8.72 1.79 -11.90
CA ASN B 247 9.75 2.75 -12.28
C ASN B 247 10.92 2.06 -12.98
N ILE B 248 10.61 0.96 -13.66
CA ILE B 248 11.56 0.27 -14.52
C ILE B 248 10.91 0.09 -15.88
N HIS B 249 11.61 0.50 -16.94
CA HIS B 249 10.96 0.57 -18.25
C HIS B 249 11.63 -0.29 -19.31
N ALA B 250 12.82 -0.78 -19.02
CA ALA B 250 13.50 -1.64 -19.96
C ALA B 250 14.62 -2.44 -19.32
N LEU B 251 14.88 -3.62 -19.86
CA LEU B 251 16.07 -4.38 -19.55
C LEU B 251 16.90 -4.48 -20.81
N MET B 252 18.19 -4.20 -20.70
CA MET B 252 19.10 -4.35 -21.82
C MET B 252 20.36 -5.08 -21.39
N GLY B 253 20.95 -5.82 -22.33
CA GLY B 253 22.20 -6.50 -22.08
C GLY B 253 22.14 -8.00 -22.28
N ILE B 254 23.12 -8.68 -21.71
CA ILE B 254 23.29 -10.11 -21.90
C ILE B 254 23.17 -10.86 -20.58
N GLY B 255 22.28 -11.85 -20.54
CA GLY B 255 22.14 -12.70 -19.38
C GLY B 255 22.13 -14.17 -19.80
N ALA B 256 21.64 -15.04 -18.92
CA ALA B 256 21.53 -16.46 -19.24
C ALA B 256 20.32 -16.73 -20.13
N ALA B 257 20.46 -17.69 -21.04
CA ALA B 257 19.40 -18.03 -21.99
C ALA B 257 18.17 -18.66 -21.33
N PRO B 258 18.38 -19.61 -20.41
CA PRO B 258 17.25 -20.25 -19.72
C PRO B 258 16.40 -19.23 -18.96
N GLU B 259 17.05 -18.33 -18.23
CA GLU B 259 16.36 -17.27 -17.53
C GLU B 259 15.56 -16.43 -18.52
N GLY B 260 16.13 -16.25 -19.72
CA GLY B 260 15.45 -15.53 -20.77
C GLY B 260 14.13 -16.17 -21.15
N VAL B 261 14.12 -17.50 -21.24
CA VAL B 261 12.92 -18.23 -21.63
C VAL B 261 11.84 -18.10 -20.58
N ILE B 262 12.25 -18.21 -19.32
CA ILE B 262 11.33 -18.06 -18.20
C ILE B 262 10.74 -16.65 -18.18
N SER B 263 11.58 -15.65 -18.42
CA SER B 263 11.12 -14.27 -18.53
C SER B 263 10.15 -14.12 -19.68
N ALA B 264 10.47 -14.73 -20.82
CA ALA B 264 9.65 -14.64 -22.02
C ALA B 264 8.26 -15.23 -21.79
N ALA B 265 8.18 -16.27 -20.95
CA ALA B 265 6.90 -16.89 -20.62
C ALA B 265 5.98 -15.88 -19.98
N ALA B 266 6.49 -15.17 -18.97
CA ALA B 266 5.71 -14.15 -18.29
C ALA B 266 5.33 -13.02 -19.24
N MET B 267 6.31 -12.55 -19.99
CA MET B 267 6.10 -11.42 -20.90
C MET B 267 5.10 -11.70 -22.01
N ARG B 268 5.09 -12.94 -22.51
CA ARG B 268 4.10 -13.29 -23.50
C ARG B 268 2.69 -13.23 -22.92
N CYS B 269 2.54 -13.70 -21.68
CA CYS B 269 1.24 -13.68 -21.01
C CYS B 269 0.77 -12.24 -20.76
N LEU B 270 1.72 -11.37 -20.45
CA LEU B 270 1.41 -9.99 -20.10
C LEU B 270 1.29 -9.10 -21.34
N GLY B 271 1.79 -9.59 -22.47
CA GLY B 271 1.81 -8.82 -23.70
C GLY B 271 2.97 -7.84 -23.73
N GLY B 272 3.95 -8.09 -22.88
CA GLY B 272 5.12 -7.24 -22.81
C GLY B 272 6.10 -7.57 -23.92
N HIS B 273 7.04 -6.66 -24.16
CA HIS B 273 8.04 -6.91 -25.20
C HIS B 273 9.23 -7.69 -24.65
N PHE B 274 9.56 -8.79 -25.31
CA PHE B 274 10.78 -9.53 -24.96
C PHE B 274 11.38 -10.23 -26.16
N GLN B 275 12.64 -9.92 -26.43
CA GLN B 275 13.40 -10.59 -27.47
C GLN B 275 14.70 -11.11 -26.89
N GLY B 276 15.17 -12.24 -27.42
CA GLY B 276 16.42 -12.82 -26.98
C GLY B 276 17.24 -13.31 -28.16
N GLN B 277 18.55 -13.22 -28.02
CA GLN B 277 19.45 -13.70 -29.05
C GLN B 277 20.64 -14.40 -28.41
N LEU B 278 20.84 -15.67 -28.75
CA LEU B 278 21.94 -16.43 -28.16
C LEU B 278 23.29 -15.79 -28.49
N ILE B 279 24.19 -15.78 -27.52
CA ILE B 279 25.54 -15.27 -27.72
C ILE B 279 26.53 -16.40 -27.52
N TYR B 280 27.37 -16.63 -28.52
CA TYR B 280 28.27 -17.78 -28.47
C TYR B 280 29.70 -17.41 -28.82
N ASP B 281 30.01 -16.12 -28.76
CA ASP B 281 31.34 -15.64 -29.06
C ASP B 281 32.04 -15.17 -27.78
N PRO B 282 33.06 -15.92 -27.34
CA PRO B 282 33.80 -15.66 -26.09
C PRO B 282 34.47 -14.31 -26.10
N GLU B 283 34.69 -13.72 -27.27
CA GLU B 283 35.19 -12.36 -27.35
C GLU B 283 34.20 -11.42 -26.67
N VAL B 284 32.92 -11.64 -26.93
CA VAL B 284 31.85 -10.88 -26.30
C VAL B 284 31.67 -11.28 -24.84
N VAL B 285 31.56 -12.59 -24.59
CA VAL B 285 31.39 -13.11 -23.23
C VAL B 285 31.80 -14.58 -23.16
N LYS B 286 32.38 -14.97 -22.03
CA LYS B 286 32.86 -16.34 -21.86
C LYS B 286 32.04 -17.12 -20.83
N THR B 287 31.85 -18.41 -21.10
CA THR B 287 31.13 -19.29 -20.18
C THR B 287 32.00 -19.65 -18.98
N GLY B 288 33.29 -19.85 -19.23
CA GLY B 288 34.19 -20.28 -18.19
C GLY B 288 34.69 -21.69 -18.46
N LEU B 289 34.09 -22.33 -19.46
CA LEU B 289 34.55 -23.64 -19.92
C LEU B 289 35.93 -23.48 -20.54
N ILE B 290 36.81 -24.44 -20.26
CA ILE B 290 38.20 -24.36 -20.71
C ILE B 290 38.31 -24.40 -22.24
N GLY B 291 39.17 -23.53 -22.78
CA GLY B 291 39.39 -23.47 -24.22
C GLY B 291 38.11 -23.31 -25.01
N GLU B 292 37.17 -22.54 -24.47
CA GLU B 292 35.91 -22.27 -25.17
C GLU B 292 36.18 -21.46 -26.43
N SER B 293 35.61 -21.89 -27.54
CA SER B 293 35.81 -21.20 -28.82
C SER B 293 34.47 -20.95 -29.50
N ARG B 294 34.39 -19.86 -30.27
CA ARG B 294 33.23 -19.57 -31.09
C ARG B 294 33.00 -20.74 -32.03
N GLU B 295 34.06 -21.13 -32.74
CA GLU B 295 34.01 -22.29 -33.60
C GLU B 295 33.48 -23.50 -32.84
N GLY B 296 33.91 -23.62 -31.58
CA GLY B 296 33.49 -24.71 -30.71
C GLY B 296 32.03 -24.61 -30.29
N ASN B 297 31.61 -23.43 -29.86
CA ASN B 297 30.23 -23.21 -29.45
C ASN B 297 29.24 -23.49 -30.57
N LEU B 298 29.56 -22.99 -31.76
CA LEU B 298 28.73 -23.24 -32.94
C LEU B 298 28.54 -24.74 -33.17
N GLU B 299 29.62 -25.51 -33.02
CA GLU B 299 29.54 -26.96 -33.10
C GLU B 299 28.47 -27.46 -32.16
N ARG B 300 28.73 -27.29 -30.86
CA ARG B 300 27.80 -27.67 -29.81
C ARG B 300 26.35 -27.30 -30.16
N LEU B 301 26.14 -26.06 -30.58
CA LEU B 301 24.81 -25.59 -30.91
C LEU B 301 24.17 -26.41 -32.03
N ALA B 302 24.96 -26.67 -33.07
CA ALA B 302 24.49 -27.47 -34.20
C ALA B 302 24.14 -28.89 -33.75
N SER B 303 25.06 -29.53 -33.05
CA SER B 303 24.85 -30.89 -32.57
C SER B 303 23.62 -30.94 -31.67
N MET B 304 23.20 -29.77 -31.20
CA MET B 304 22.04 -29.64 -30.33
C MET B 304 20.76 -29.45 -31.13
N GLY B 305 20.90 -29.21 -32.43
CA GLY B 305 19.74 -29.07 -33.29
C GLY B 305 19.31 -27.63 -33.54
N ILE B 306 20.18 -26.68 -33.27
CA ILE B 306 19.89 -25.27 -33.50
C ILE B 306 20.54 -24.78 -34.80
N LYS B 307 19.71 -24.56 -35.81
CA LYS B 307 20.18 -24.20 -37.15
C LYS B 307 20.79 -22.81 -37.24
N ASN B 308 20.08 -21.83 -36.69
CA ASN B 308 20.54 -20.44 -36.76
CA ASN B 308 20.52 -20.44 -36.75
C ASN B 308 20.77 -19.84 -35.38
N PRO B 309 22.02 -19.91 -34.91
CA PRO B 309 22.45 -19.39 -33.61
C PRO B 309 22.36 -17.86 -33.51
N ASP B 310 22.27 -17.18 -34.64
CA ASP B 310 22.16 -15.72 -34.66
C ASP B 310 20.72 -15.24 -34.76
N GLN B 311 19.79 -16.18 -34.72
CA GLN B 311 18.36 -15.89 -34.84
CA GLN B 311 18.38 -15.85 -34.87
C GLN B 311 17.84 -15.11 -33.64
N VAL B 312 17.00 -14.12 -33.91
CA VAL B 312 16.34 -13.37 -32.87
C VAL B 312 14.99 -14.02 -32.58
N TYR B 313 14.77 -14.42 -31.33
CA TYR B 313 13.47 -14.92 -30.93
C TYR B 313 12.67 -13.86 -30.17
N ASN B 314 11.39 -13.71 -30.51
CA ASN B 314 10.49 -12.94 -29.65
C ASN B 314 9.91 -13.88 -28.61
N CYS B 315 9.22 -13.33 -27.61
CA CYS B 315 8.78 -14.18 -26.50
C CYS B 315 7.68 -15.18 -26.87
N GLU B 316 6.97 -14.91 -27.96
CA GLU B 316 6.00 -15.88 -28.49
C GLU B 316 6.72 -17.11 -29.06
N GLU B 317 7.97 -16.94 -29.48
CA GLU B 317 8.76 -18.04 -30.03
C GLU B 317 9.55 -18.76 -28.95
N LEU B 318 9.90 -18.05 -27.89
CA LEU B 318 10.58 -18.65 -26.76
C LEU B 318 9.59 -19.40 -25.88
N ALA B 319 8.38 -18.86 -25.77
CA ALA B 319 7.29 -19.50 -25.05
C ALA B 319 6.14 -19.68 -26.03
N CSO B 320 6.23 -20.73 -26.85
CA CSO B 320 5.38 -20.87 -28.03
CB CSO B 320 6.23 -21.44 -29.17
SG CSO B 320 6.85 -23.07 -28.67
C CSO B 320 4.15 -21.75 -27.82
O CSO B 320 3.28 -21.81 -28.70
OD CSO B 320 8.60 -23.03 -28.35
N GLY B 321 4.06 -22.42 -26.68
CA GLY B 321 2.99 -23.36 -26.42
C GLY B 321 1.60 -22.74 -26.39
N GLU B 322 0.57 -23.58 -26.54
CA GLU B 322 -0.81 -23.10 -26.51
C GLU B 322 -1.14 -22.49 -25.16
N THR B 323 -0.62 -23.11 -24.12
CA THR B 323 -0.82 -22.62 -22.75
C THR B 323 0.54 -22.29 -22.14
N VAL B 324 0.59 -21.13 -21.48
CA VAL B 324 1.79 -20.71 -20.78
C VAL B 324 1.43 -20.30 -19.36
N LEU B 325 2.18 -20.83 -18.39
CA LEU B 325 2.02 -20.45 -16.99
C LEU B 325 3.33 -19.91 -16.45
N PHE B 326 3.25 -18.91 -15.59
CA PHE B 326 4.42 -18.35 -14.93
C PHE B 326 4.12 -18.13 -13.45
N ALA B 327 5.07 -18.52 -12.59
CA ALA B 327 4.90 -18.33 -11.15
C ALA B 327 6.20 -17.86 -10.52
N ALA B 328 6.08 -16.88 -9.62
CA ALA B 328 7.23 -16.42 -8.86
C ALA B 328 6.84 -16.03 -7.44
N CYS B 329 7.74 -16.27 -6.51
CA CYS B 329 7.57 -15.82 -5.13
C CYS B 329 8.85 -15.16 -4.65
N GLY B 330 8.71 -14.01 -4.01
CA GLY B 330 9.87 -13.31 -3.50
C GLY B 330 10.58 -14.11 -2.42
N ILE B 331 11.91 -14.17 -2.50
CA ILE B 331 12.69 -14.71 -1.41
C ILE B 331 13.11 -13.55 -0.54
N THR B 332 13.92 -12.66 -1.10
CA THR B 332 14.19 -11.38 -0.47
C THR B 332 13.36 -10.31 -1.19
N PRO B 333 13.23 -9.13 -0.58
CA PRO B 333 12.41 -8.05 -1.15
C PRO B 333 12.88 -7.63 -2.53
N GLY B 334 11.94 -7.33 -3.42
CA GLY B 334 12.26 -6.90 -4.76
C GLY B 334 11.21 -5.99 -5.35
N THR B 335 11.35 -5.70 -6.63
CA THR B 335 10.48 -4.75 -7.31
C THR B 335 9.03 -5.20 -7.38
N LEU B 336 8.80 -6.47 -7.71
CA LEU B 336 7.46 -6.98 -7.93
C LEU B 336 6.85 -7.66 -6.72
N MET B 337 7.71 -8.22 -5.86
CA MET B 337 7.22 -8.98 -4.73
C MET B 337 8.02 -8.71 -3.46
N GLU B 338 7.31 -8.72 -2.33
CA GLU B 338 7.95 -8.64 -1.02
C GLU B 338 8.75 -9.92 -0.80
N GLY B 339 9.77 -9.82 0.06
CA GLY B 339 10.54 -10.97 0.44
C GLY B 339 9.80 -11.77 1.48
N VAL B 340 10.36 -12.90 1.87
CA VAL B 340 9.73 -13.74 2.89
C VAL B 340 9.99 -13.15 4.28
N ARG B 341 8.93 -13.03 5.07
CA ARG B 341 9.04 -12.54 6.43
C ARG B 341 8.65 -13.62 7.43
N PHE B 342 9.51 -13.85 8.42
CA PHE B 342 9.19 -14.75 9.51
C PHE B 342 8.87 -13.93 10.75
N PHE B 343 7.73 -14.22 11.37
CA PHE B 343 7.32 -13.53 12.58
C PHE B 343 6.73 -14.51 13.58
N HIS B 344 6.38 -14.00 14.75
CA HIS B 344 5.82 -14.84 15.80
C HIS B 344 4.45 -15.35 15.37
N GLY B 345 4.39 -16.65 15.07
CA GLY B 345 3.14 -17.27 14.70
C GLY B 345 2.94 -17.53 13.21
N GLY B 346 3.99 -17.35 12.42
CA GLY B 346 3.88 -17.67 11.01
C GLY B 346 4.86 -17.03 10.06
N VAL B 347 4.49 -17.05 8.77
CA VAL B 347 5.33 -16.59 7.70
C VAL B 347 4.47 -15.85 6.70
N ARG B 348 5.05 -14.90 5.98
CA ARG B 348 4.30 -14.18 4.96
C ARG B 348 5.09 -14.13 3.65
N THR B 349 4.40 -14.41 2.55
CA THR B 349 5.05 -14.44 1.24
C THR B 349 4.25 -13.62 0.25
N GLN B 350 4.90 -13.20 -0.82
CA GLN B 350 4.18 -12.58 -1.92
C GLN B 350 4.59 -13.21 -3.25
N SER B 351 3.61 -13.72 -3.98
CA SER B 351 3.89 -14.37 -5.24
C SER B 351 3.20 -13.66 -6.39
N LEU B 352 3.72 -13.86 -7.59
CA LEU B 352 3.07 -13.39 -8.81
C LEU B 352 2.86 -14.59 -9.72
N VAL B 353 1.60 -14.88 -10.02
CA VAL B 353 1.27 -16.00 -10.88
C VAL B 353 0.53 -15.51 -12.12
N ILE B 354 1.04 -15.88 -13.28
CA ILE B 354 0.49 -15.41 -14.55
C ILE B 354 0.09 -16.59 -15.42
N SER B 355 -1.13 -16.53 -15.96
CA SER B 355 -1.64 -17.61 -16.80
C SER B 355 -2.27 -17.08 -18.08
N SER B 356 -1.88 -17.66 -19.22
CA SER B 356 -2.46 -17.30 -20.50
C SER B 356 -3.83 -17.97 -20.67
N GLN B 357 -4.01 -19.11 -20.00
CA GLN B 357 -5.26 -19.84 -20.08
CA GLN B 357 -5.26 -19.85 -20.05
C GLN B 357 -6.41 -19.04 -19.46
N SER B 358 -6.18 -18.47 -18.29
CA SER B 358 -7.19 -17.64 -17.64
C SER B 358 -6.94 -16.18 -17.98
N SER B 359 -5.80 -15.91 -18.61
CA SER B 359 -5.38 -14.55 -18.94
C SER B 359 -5.44 -13.67 -17.70
N THR B 360 -4.73 -14.09 -16.66
CA THR B 360 -4.70 -13.35 -15.40
C THR B 360 -3.28 -13.13 -14.91
N ALA B 361 -3.13 -12.06 -14.13
CA ALA B 361 -1.91 -11.80 -13.39
C ALA B 361 -2.32 -11.68 -11.93
N ARG B 362 -1.88 -12.63 -11.12
CA ARG B 362 -2.32 -12.72 -9.74
C ARG B 362 -1.18 -12.47 -8.77
N PHE B 363 -1.37 -11.46 -7.93
CA PHE B 363 -0.49 -11.25 -6.82
C PHE B 363 -1.10 -11.96 -5.63
N VAL B 364 -0.33 -12.83 -5.01
CA VAL B 364 -0.83 -13.65 -3.92
C VAL B 364 -0.04 -13.34 -2.66
N ASP B 365 -0.73 -12.70 -1.72
CA ASP B 365 -0.16 -12.33 -0.43
C ASP B 365 -0.65 -13.32 0.60
N THR B 366 0.22 -14.26 0.97
CA THR B 366 -0.20 -15.37 1.85
C THR B 366 0.38 -15.26 3.25
N VAL B 367 -0.50 -15.28 4.24
CA VAL B 367 -0.08 -15.43 5.62
C VAL B 367 -0.11 -16.90 5.98
N HIS B 368 1.06 -17.48 6.23
CA HIS B 368 1.16 -18.87 6.62
C HIS B 368 1.11 -18.98 8.15
N MET B 369 -0.03 -19.37 8.68
CA MET B 369 -0.24 -19.42 10.12
C MET B 369 0.36 -20.70 10.72
N LYS B 370 1.37 -20.52 11.57
CA LYS B 370 2.07 -21.65 12.16
C LYS B 370 2.49 -21.36 13.59
N GLU B 371 1.54 -21.31 14.51
CA GLU B 371 0.12 -21.42 14.19
C GLU B 371 -0.65 -20.87 15.38
N SER B 372 -1.89 -20.52 15.15
CA SER B 372 -2.68 -19.93 16.23
C SER B 372 -2.05 -18.64 16.73
N PRO B 373 -1.55 -17.81 15.79
CA PRO B 373 -0.96 -16.53 16.17
C PRO B 373 -2.00 -15.59 16.78
N LYS B 374 -1.64 -14.91 17.86
CA LYS B 374 -2.58 -14.04 18.56
C LYS B 374 -2.83 -12.76 17.77
N VAL B 375 -1.90 -12.42 16.88
CA VAL B 375 -2.06 -11.24 16.04
C VAL B 375 -1.86 -11.58 14.57
N ILE B 376 -2.80 -11.14 13.73
CA ILE B 376 -2.65 -11.27 12.29
C ILE B 376 -2.72 -9.89 11.65
N GLN B 377 -1.62 -9.48 11.03
CA GLN B 377 -1.57 -8.18 10.38
C GLN B 377 -2.28 -8.22 9.03
N LEU B 378 -3.02 -7.16 8.72
CA LEU B 378 -3.71 -7.03 7.44
C LEU B 378 -2.71 -7.02 6.28
N HIS B 379 -1.55 -6.40 6.51
CA HIS B 379 -0.51 -6.30 5.49
C HIS B 379 0.84 -6.73 6.02
N GLY C 33 -11.80 -40.68 0.66
CA GLY C 33 -10.60 -39.92 0.92
C GLY C 33 -10.81 -38.73 1.85
N SER C 34 -10.17 -37.61 1.52
CA SER C 34 -10.32 -36.39 2.30
C SER C 34 -10.46 -35.18 1.37
N VAL C 35 -11.04 -34.09 1.89
CA VAL C 35 -11.28 -32.88 1.09
C VAL C 35 -10.08 -32.56 0.20
N ASP C 36 -10.33 -32.43 -1.10
CA ASP C 36 -9.29 -32.14 -2.09
C ASP C 36 -8.55 -30.85 -1.74
N SER C 37 -7.22 -30.91 -1.76
CA SER C 37 -6.40 -29.77 -1.37
C SER C 37 -6.58 -28.59 -2.32
N THR C 38 -6.76 -28.89 -3.61
CA THR C 38 -6.86 -27.84 -4.62
C THR C 38 -8.19 -27.10 -4.54
N LEU C 39 -9.15 -27.66 -3.83
CA LEU C 39 -10.44 -27.00 -3.68
C LEU C 39 -10.24 -25.62 -3.05
N GLY C 40 -9.36 -25.55 -2.06
CA GLY C 40 -9.10 -24.31 -1.34
C GLY C 40 -8.47 -23.25 -2.22
N LEU C 41 -7.91 -23.66 -3.35
CA LEU C 41 -7.37 -22.72 -4.33
C LEU C 41 -8.46 -22.38 -5.35
N GLU C 42 -9.15 -23.41 -5.83
CA GLU C 42 -10.10 -23.25 -6.93
C GLU C 42 -11.28 -22.34 -6.55
N ILE C 43 -11.60 -22.25 -5.26
CA ILE C 43 -12.69 -21.40 -4.83
C ILE C 43 -12.41 -19.91 -5.06
N ILE C 44 -11.13 -19.59 -5.26
CA ILE C 44 -10.74 -18.23 -5.65
C ILE C 44 -11.53 -17.79 -6.88
N GLU C 45 -11.64 -18.69 -7.85
CA GLU C 45 -12.31 -18.37 -9.10
C GLU C 45 -13.82 -18.30 -8.93
N VAL C 46 -14.34 -19.09 -8.01
CA VAL C 46 -15.77 -19.05 -7.72
C VAL C 46 -16.17 -17.65 -7.27
N VAL C 47 -15.53 -17.14 -6.21
CA VAL C 47 -15.89 -15.82 -5.69
C VAL C 47 -15.51 -14.68 -6.63
N GLU C 48 -14.39 -14.83 -7.34
CA GLU C 48 -14.00 -13.82 -8.33
C GLU C 48 -15.08 -13.61 -9.39
N GLN C 49 -15.52 -14.71 -9.99
CA GLN C 49 -16.52 -14.64 -11.06
CA GLN C 49 -16.51 -14.63 -11.06
C GLN C 49 -17.87 -14.15 -10.53
N ALA C 50 -18.27 -14.62 -9.36
CA ALA C 50 -19.52 -14.16 -8.77
C ALA C 50 -19.48 -12.66 -8.50
N ALA C 51 -18.35 -12.18 -7.98
CA ALA C 51 -18.19 -10.76 -7.68
C ALA C 51 -18.15 -9.89 -8.93
N ILE C 52 -17.45 -10.36 -9.96
CA ILE C 52 -17.35 -9.60 -11.20
C ILE C 52 -18.71 -9.40 -11.84
N ALA C 53 -19.52 -10.45 -11.82
CA ALA C 53 -20.86 -10.37 -12.39
C ALA C 53 -21.70 -9.38 -11.59
N SER C 54 -21.74 -9.55 -10.28
CA SER C 54 -22.52 -8.66 -9.43
C SER C 54 -22.05 -7.20 -9.56
N ALA C 55 -20.74 -7.00 -9.68
CA ALA C 55 -20.17 -5.65 -9.72
C ALA C 55 -20.59 -4.82 -10.93
N LYS C 56 -21.01 -5.49 -12.00
CA LYS C 56 -21.48 -4.78 -13.18
C LYS C 56 -22.77 -4.01 -12.89
N TRP C 57 -23.41 -4.34 -11.78
CA TRP C 57 -24.65 -3.66 -11.40
C TRP C 57 -24.48 -2.68 -10.23
N MET C 58 -23.25 -2.31 -9.92
CA MET C 58 -22.99 -1.36 -8.83
C MET C 58 -23.65 -0.01 -9.09
N GLY C 59 -24.55 0.38 -8.18
CA GLY C 59 -25.21 1.67 -8.28
C GLY C 59 -26.29 1.72 -9.35
N LYS C 60 -26.66 0.56 -9.88
CA LYS C 60 -27.68 0.47 -10.91
C LYS C 60 -29.08 0.46 -10.32
N GLY C 61 -29.16 0.36 -8.99
CA GLY C 61 -30.44 0.39 -8.31
C GLY C 61 -31.29 -0.84 -8.52
N GLU C 62 -30.64 -1.96 -8.86
CA GLU C 62 -31.32 -3.24 -9.04
C GLU C 62 -30.70 -4.30 -8.15
N LYS C 63 -31.18 -4.39 -6.92
CA LYS C 63 -30.59 -5.26 -5.91
C LYS C 63 -30.81 -6.74 -6.23
N ASN C 64 -31.97 -7.08 -6.75
CA ASN C 64 -32.26 -8.47 -7.11
C ASN C 64 -31.42 -8.95 -8.29
N THR C 65 -31.20 -8.04 -9.23
CA THR C 65 -30.36 -8.34 -10.40
C THR C 65 -28.92 -8.55 -9.98
N ALA C 66 -28.43 -7.69 -9.11
CA ALA C 66 -27.07 -7.82 -8.57
C ALA C 66 -26.91 -9.16 -7.86
N ASP C 67 -27.94 -9.58 -7.14
CA ASP C 67 -27.92 -10.81 -6.39
C ASP C 67 -27.97 -12.02 -7.32
N GLN C 68 -28.92 -11.97 -8.26
CA GLN C 68 -29.20 -13.09 -9.15
C GLN C 68 -28.04 -13.44 -10.09
N VAL C 69 -27.37 -12.42 -10.62
CA VAL C 69 -26.22 -12.68 -11.49
C VAL C 69 -25.05 -13.28 -10.69
N ALA C 70 -24.90 -12.86 -9.44
CA ALA C 70 -23.85 -13.42 -8.59
C ALA C 70 -24.16 -14.89 -8.30
N VAL C 71 -25.44 -15.17 -8.03
CA VAL C 71 -25.88 -16.53 -7.77
C VAL C 71 -25.57 -17.44 -8.97
N GLU C 72 -25.94 -16.97 -10.15
CA GLU C 72 -25.71 -17.75 -11.37
C GLU C 72 -24.24 -17.98 -11.66
N ALA C 73 -23.43 -16.94 -11.48
CA ALA C 73 -22.00 -17.05 -11.70
C ALA C 73 -21.34 -18.01 -10.71
N MET C 74 -21.76 -17.94 -9.45
CA MET C 74 -21.19 -18.80 -8.42
C MET C 74 -21.57 -20.27 -8.65
N ARG C 75 -22.85 -20.50 -8.93
CA ARG C 75 -23.35 -21.84 -9.20
C ARG C 75 -22.67 -22.43 -10.44
N GLU C 76 -22.53 -21.61 -11.47
CA GLU C 76 -21.92 -22.04 -12.71
C GLU C 76 -20.47 -22.47 -12.51
N ARG C 77 -19.69 -21.65 -11.80
CA ARG C 77 -18.28 -21.95 -11.59
C ARG C 77 -18.10 -23.14 -10.65
N MET C 78 -19.00 -23.27 -9.68
CA MET C 78 -18.94 -24.38 -8.74
C MET C 78 -19.23 -25.70 -9.45
N ASN C 79 -20.15 -25.67 -10.42
CA ASN C 79 -20.48 -26.89 -11.15
C ASN C 79 -19.39 -27.36 -12.10
N LYS C 80 -18.36 -26.54 -12.27
CA LYS C 80 -17.22 -26.91 -13.11
C LYS C 80 -16.08 -27.47 -12.28
N ILE C 81 -16.28 -27.55 -10.97
CA ILE C 81 -15.29 -28.11 -10.06
C ILE C 81 -15.52 -29.59 -9.87
N HIS C 82 -14.43 -30.35 -9.81
CA HIS C 82 -14.51 -31.78 -9.50
C HIS C 82 -14.69 -31.99 -8.00
N MET C 83 -15.91 -31.78 -7.54
CA MET C 83 -16.23 -31.95 -6.13
C MET C 83 -17.62 -32.53 -6.01
N ARG C 84 -18.01 -32.90 -4.80
CA ARG C 84 -19.32 -33.48 -4.58
C ARG C 84 -19.98 -32.72 -3.45
N GLY C 85 -20.58 -31.59 -3.78
CA GLY C 85 -21.06 -30.67 -2.78
C GLY C 85 -22.57 -30.64 -2.59
N ARG C 86 -22.97 -30.23 -1.40
CA ARG C 86 -24.37 -29.99 -1.10
C ARG C 86 -24.51 -28.61 -0.48
N ILE C 87 -25.47 -27.83 -0.98
CA ILE C 87 -25.71 -26.51 -0.44
C ILE C 87 -26.50 -26.63 0.88
N VAL C 88 -25.90 -26.18 1.97
CA VAL C 88 -26.57 -26.23 3.28
C VAL C 88 -26.98 -24.84 3.74
N ILE C 89 -26.40 -23.83 3.11
CA ILE C 89 -26.78 -22.44 3.33
C ILE C 89 -26.77 -21.75 1.98
N GLY C 90 -27.88 -21.11 1.63
CA GLY C 90 -28.01 -20.52 0.31
C GLY C 90 -29.20 -19.59 0.16
N GLU C 91 -29.77 -19.58 -1.04
CA GLU C 91 -30.78 -18.59 -1.41
C GLU C 91 -32.16 -18.87 -0.82
N GLY C 92 -32.37 -20.09 -0.34
CA GLY C 92 -33.64 -20.47 0.25
C GLY C 92 -33.90 -21.94 0.13
N GLU C 93 -35.13 -22.33 0.47
CA GLU C 93 -35.56 -23.73 0.32
C GLU C 93 -35.79 -24.06 -1.15
N ARG C 94 -35.82 -25.34 -1.47
CA ARG C 94 -35.79 -25.81 -2.86
C ARG C 94 -36.85 -25.18 -3.76
N ASP C 95 -38.05 -24.98 -3.23
CA ASP C 95 -39.14 -24.46 -4.05
C ASP C 95 -39.35 -22.97 -3.82
N ASP C 96 -38.39 -22.33 -3.16
CA ASP C 96 -38.36 -20.89 -3.07
C ASP C 96 -37.26 -20.33 -3.97
N ALA C 97 -36.10 -20.97 -3.94
CA ALA C 97 -34.96 -20.52 -4.71
C ALA C 97 -34.61 -21.51 -5.82
N PRO C 98 -34.64 -21.05 -7.08
CA PRO C 98 -34.33 -21.89 -8.24
C PRO C 98 -32.86 -22.28 -8.31
N MET C 99 -31.98 -21.46 -7.74
CA MET C 99 -30.55 -21.73 -7.79
C MET C 99 -29.88 -21.60 -6.43
N LEU C 100 -28.94 -22.50 -6.16
CA LEU C 100 -28.25 -22.55 -4.87
C LEU C 100 -29.24 -22.61 -3.70
N TYR C 101 -30.23 -23.49 -3.85
CA TYR C 101 -31.21 -23.74 -2.79
C TYR C 101 -30.67 -24.78 -1.81
N ILE C 102 -31.29 -24.83 -0.63
CA ILE C 102 -30.87 -25.79 0.41
C ILE C 102 -31.05 -27.22 -0.07
N GLY C 103 -29.94 -27.96 -0.10
CA GLY C 103 -29.99 -29.36 -0.51
C GLY C 103 -29.53 -29.59 -1.93
N GLU C 104 -29.36 -28.51 -2.70
CA GLU C 104 -28.93 -28.65 -4.07
C GLU C 104 -27.54 -29.25 -4.16
N GLU C 105 -27.34 -30.15 -5.12
CA GLU C 105 -26.04 -30.77 -5.34
C GLU C 105 -25.27 -29.95 -6.37
N VAL C 106 -24.01 -29.65 -6.05
CA VAL C 106 -23.18 -28.86 -6.94
C VAL C 106 -21.83 -29.52 -7.11
N GLY C 107 -21.30 -29.46 -8.33
CA GLY C 107 -20.02 -30.07 -8.62
C GLY C 107 -20.13 -31.21 -9.62
N ILE C 108 -19.11 -31.37 -10.44
CA ILE C 108 -19.05 -32.41 -11.45
C ILE C 108 -19.30 -33.79 -10.84
N CYS C 109 -18.76 -34.02 -9.65
CA CYS C 109 -18.78 -35.34 -9.04
C CYS C 109 -20.12 -35.70 -8.39
N THR C 110 -21.11 -34.82 -8.53
CA THR C 110 -22.47 -35.13 -8.10
C THR C 110 -23.24 -35.79 -9.23
N ARG C 111 -22.71 -35.70 -10.44
CA ARG C 111 -23.38 -36.25 -11.61
C ARG C 111 -23.12 -37.74 -11.80
N GLU C 112 -24.18 -38.52 -11.82
CA GLU C 112 -24.10 -39.96 -12.05
C GLU C 112 -23.21 -40.30 -13.25
N ASP C 113 -23.37 -39.56 -14.35
CA ASP C 113 -22.64 -39.85 -15.58
C ASP C 113 -21.17 -39.41 -15.57
N ALA C 114 -20.78 -38.61 -14.57
CA ALA C 114 -19.42 -38.08 -14.54
C ALA C 114 -18.60 -38.58 -13.36
N LYS C 115 -19.25 -39.25 -12.41
CA LYS C 115 -18.61 -39.71 -11.18
C LYS C 115 -17.35 -40.55 -11.41
N SER C 116 -17.30 -41.26 -12.53
CA SER C 116 -16.15 -42.12 -12.84
C SER C 116 -14.92 -41.30 -13.22
N PHE C 117 -15.12 -40.04 -13.55
CA PHE C 117 -14.00 -39.17 -13.90
C PHE C 117 -13.42 -38.49 -12.67
N CYS C 118 -14.02 -38.77 -11.51
CA CYS C 118 -13.58 -38.13 -10.27
C CYS C 118 -12.74 -39.09 -9.43
N ASN C 119 -11.68 -38.57 -8.83
CA ASN C 119 -10.86 -39.37 -7.93
C ASN C 119 -11.49 -39.40 -6.54
N PRO C 120 -10.99 -40.27 -5.66
CA PRO C 120 -11.57 -40.50 -4.33
C PRO C 120 -11.71 -39.22 -3.51
N ASP C 121 -10.72 -38.34 -3.56
CA ASP C 121 -10.78 -37.08 -2.83
C ASP C 121 -11.90 -36.18 -3.35
N GLU C 122 -12.04 -36.14 -4.67
CA GLU C 122 -13.04 -35.30 -5.30
C GLU C 122 -14.45 -35.84 -5.04
N LEU C 123 -14.53 -37.11 -4.65
CA LEU C 123 -15.82 -37.75 -4.40
C LEU C 123 -16.27 -37.58 -2.95
N VAL C 124 -15.38 -37.09 -2.09
CA VAL C 124 -15.72 -36.80 -0.70
C VAL C 124 -16.89 -35.82 -0.63
N GLU C 125 -17.94 -36.20 0.08
CA GLU C 125 -19.09 -35.32 0.24
C GLU C 125 -18.74 -34.11 1.10
N ILE C 126 -19.02 -32.93 0.57
CA ILE C 126 -18.76 -31.69 1.31
C ILE C 126 -20.04 -30.85 1.36
N ASP C 127 -20.21 -30.11 2.45
CA ASP C 127 -21.32 -29.18 2.57
C ASP C 127 -20.84 -27.76 2.29
N ILE C 128 -21.70 -26.97 1.65
CA ILE C 128 -21.30 -25.65 1.20
C ILE C 128 -22.29 -24.58 1.64
N ALA C 129 -21.75 -23.48 2.16
CA ALA C 129 -22.56 -22.33 2.54
C ALA C 129 -22.22 -21.18 1.60
N VAL C 130 -23.25 -20.63 0.95
CA VAL C 130 -23.03 -19.59 -0.03
C VAL C 130 -23.78 -18.31 0.31
N ASP C 131 -23.17 -17.18 -0.06
CA ASP C 131 -23.82 -15.89 -0.01
C ASP C 131 -23.25 -15.10 -1.17
N PRO C 132 -23.72 -15.40 -2.40
CA PRO C 132 -23.16 -14.87 -3.64
C PRO C 132 -23.08 -13.35 -3.65
N CYS C 133 -24.05 -12.70 -3.02
CA CYS C 133 -24.06 -11.25 -2.95
C CYS C 133 -24.41 -10.78 -1.55
N GLU C 134 -23.39 -10.73 -0.70
CA GLU C 134 -23.55 -10.24 0.66
C GLU C 134 -23.65 -8.73 0.62
N GLY C 135 -24.87 -8.22 0.80
CA GLY C 135 -25.12 -6.78 0.72
C GLY C 135 -25.64 -6.36 -0.65
N THR C 136 -26.76 -6.96 -1.06
CA THR C 136 -27.37 -6.66 -2.36
C THR C 136 -27.72 -5.19 -2.53
N ASN C 137 -28.15 -4.56 -1.45
CA ASN C 137 -28.50 -3.15 -1.48
C ASN C 137 -27.28 -2.24 -1.47
N LEU C 138 -26.18 -2.73 -0.91
CA LEU C 138 -24.92 -2.00 -0.99
C LEU C 138 -24.48 -1.91 -2.44
N VAL C 139 -24.58 -3.03 -3.15
CA VAL C 139 -24.24 -3.07 -4.56
C VAL C 139 -25.17 -2.16 -5.36
N ALA C 140 -26.47 -2.30 -5.12
CA ALA C 140 -27.47 -1.50 -5.82
C ALA C 140 -27.23 0.00 -5.67
N TYR C 141 -26.84 0.42 -4.47
CA TYR C 141 -26.58 1.84 -4.18
C TYR C 141 -25.14 2.24 -4.47
N GLY C 142 -24.30 1.27 -4.81
CA GLY C 142 -22.90 1.52 -5.02
C GLY C 142 -22.21 1.98 -3.75
N GLN C 143 -22.58 1.36 -2.63
CA GLN C 143 -21.96 1.67 -1.34
C GLN C 143 -21.03 0.56 -0.86
N ASN C 144 -20.10 0.92 0.02
CA ASN C 144 -19.07 0.01 0.52
C ASN C 144 -19.59 -1.18 1.32
N GLY C 145 -18.83 -2.27 1.32
CA GLY C 145 -19.09 -3.36 2.23
C GLY C 145 -19.65 -4.65 1.67
N SER C 146 -19.87 -4.70 0.36
CA SER C 146 -20.43 -5.90 -0.24
C SER C 146 -19.37 -6.86 -0.75
N MET C 147 -19.66 -8.15 -0.70
CA MET C 147 -18.71 -9.16 -1.16
C MET C 147 -19.43 -10.44 -1.57
N ALA C 148 -18.75 -11.26 -2.39
CA ALA C 148 -19.25 -12.58 -2.72
C ALA C 148 -18.48 -13.56 -1.85
N VAL C 149 -19.22 -14.44 -1.15
CA VAL C 149 -18.58 -15.27 -0.14
C VAL C 149 -19.16 -16.67 -0.06
N LEU C 150 -18.32 -17.63 0.30
CA LEU C 150 -18.75 -19.00 0.50
C LEU C 150 -17.90 -19.67 1.56
N ALA C 151 -18.41 -20.75 2.12
CA ALA C 151 -17.65 -21.55 3.08
C ALA C 151 -17.88 -23.02 2.80
N ILE C 152 -16.89 -23.84 3.13
CA ILE C 152 -16.97 -25.27 2.85
C ILE C 152 -16.39 -26.10 3.99
N SER C 153 -17.00 -27.25 4.23
CA SER C 153 -16.48 -28.25 5.16
C SER C 153 -16.94 -29.61 4.68
N GLU C 154 -16.44 -30.68 5.30
CA GLU C 154 -16.97 -32.02 5.00
C GLU C 154 -18.44 -32.01 5.33
N LYS C 155 -19.17 -32.96 4.76
CA LYS C 155 -20.59 -33.11 5.07
C LYS C 155 -20.82 -33.08 6.58
N GLY C 156 -21.73 -32.22 7.02
CA GLY C 156 -22.05 -32.07 8.43
C GLY C 156 -21.12 -31.15 9.20
N GLY C 157 -20.18 -30.52 8.51
CA GLY C 157 -19.18 -29.69 9.16
C GLY C 157 -19.56 -28.22 9.28
N LEU C 158 -20.74 -27.87 8.78
CA LEU C 158 -21.23 -26.50 8.87
C LEU C 158 -22.66 -26.50 9.41
N PHE C 159 -22.90 -25.66 10.41
CA PHE C 159 -24.23 -25.55 10.97
C PHE C 159 -25.19 -25.03 9.89
N ALA C 160 -26.18 -25.86 9.54
CA ALA C 160 -27.15 -25.49 8.52
C ALA C 160 -28.18 -24.54 9.10
N ALA C 161 -27.73 -23.32 9.38
CA ALA C 161 -28.56 -22.33 10.06
C ALA C 161 -29.89 -22.06 9.36
N PRO C 162 -30.98 -22.04 10.13
CA PRO C 162 -32.28 -21.62 9.60
C PRO C 162 -32.23 -20.12 9.36
N ASP C 163 -33.16 -19.57 8.61
CA ASP C 163 -33.13 -18.14 8.36
C ASP C 163 -33.75 -17.38 9.53
N PHE C 164 -33.06 -17.40 10.66
CA PHE C 164 -33.48 -16.63 11.82
C PHE C 164 -32.43 -15.59 12.11
N TYR C 165 -32.78 -14.61 12.93
CA TYR C 165 -31.81 -13.63 13.40
C TYR C 165 -30.86 -14.29 14.38
N MET C 166 -29.64 -13.77 14.47
CA MET C 166 -28.63 -14.34 15.34
C MET C 166 -27.84 -13.25 16.04
N LYS C 167 -27.85 -13.27 17.36
CA LYS C 167 -27.02 -12.39 18.16
C LYS C 167 -25.57 -12.80 17.96
N LYS C 168 -24.71 -11.84 17.66
CA LYS C 168 -23.33 -12.14 17.32
C LYS C 168 -22.31 -11.33 18.11
N LEU C 169 -21.23 -11.98 18.49
CA LEU C 169 -20.06 -11.30 19.02
C LEU C 169 -18.83 -11.75 18.24
N ALA C 170 -18.23 -10.82 17.49
CA ALA C 170 -16.98 -11.11 16.82
C ALA C 170 -15.86 -10.28 17.43
N ALA C 171 -14.69 -10.89 17.57
CA ALA C 171 -13.53 -10.21 18.12
C ALA C 171 -12.25 -10.86 17.59
N PRO C 172 -11.11 -10.19 17.78
CA PRO C 172 -9.81 -10.65 17.27
C PRO C 172 -9.30 -11.86 18.03
N PRO C 173 -8.34 -12.59 17.46
CA PRO C 173 -7.73 -13.76 18.09
C PRO C 173 -7.27 -13.47 19.52
N ALA C 174 -6.68 -12.30 19.75
CA ALA C 174 -6.17 -11.95 21.07
C ALA C 174 -7.26 -11.94 22.14
N ALA C 175 -8.51 -11.83 21.72
CA ALA C 175 -9.62 -11.78 22.66
C ALA C 175 -10.44 -13.06 22.67
N LYS C 176 -10.04 -14.04 21.87
CA LYS C 176 -10.79 -15.28 21.74
C LYS C 176 -10.95 -15.98 23.08
N GLY C 177 -12.19 -16.27 23.46
CA GLY C 177 -12.46 -16.97 24.70
C GLY C 177 -12.46 -16.07 25.93
N HIS C 178 -11.95 -14.85 25.78
CA HIS C 178 -11.92 -13.90 26.90
C HIS C 178 -13.19 -13.04 26.93
N VAL C 179 -13.56 -12.51 25.77
CA VAL C 179 -14.85 -11.84 25.64
C VAL C 179 -15.92 -12.94 25.59
N ASP C 180 -17.18 -12.57 25.79
CA ASP C 180 -18.25 -13.55 25.72
C ASP C 180 -19.59 -12.91 25.41
N ILE C 181 -20.36 -13.59 24.58
CA ILE C 181 -21.62 -13.07 24.06
C ILE C 181 -22.63 -12.80 25.16
N ASP C 182 -22.52 -13.54 26.25
CA ASP C 182 -23.42 -13.36 27.39
C ASP C 182 -23.09 -12.15 28.25
N LYS C 183 -21.83 -11.70 28.20
CA LYS C 183 -21.44 -10.51 28.94
C LYS C 183 -22.03 -9.27 28.30
N SER C 184 -22.16 -8.20 29.07
CA SER C 184 -22.65 -6.94 28.53
C SER C 184 -21.63 -6.36 27.57
N ALA C 185 -22.07 -5.42 26.74
CA ALA C 185 -21.16 -4.74 25.81
C ALA C 185 -20.07 -4.02 26.59
N THR C 186 -20.46 -3.39 27.69
CA THR C 186 -19.53 -2.66 28.54
C THR C 186 -18.43 -3.58 29.05
N GLU C 187 -18.83 -4.73 29.60
CA GLU C 187 -17.87 -5.69 30.11
C GLU C 187 -16.96 -6.18 28.99
N ASN C 188 -17.54 -6.50 27.83
CA ASN C 188 -16.75 -6.93 26.68
C ASN C 188 -15.76 -5.89 26.18
N LEU C 189 -16.15 -4.61 26.20
CA LEU C 189 -15.24 -3.55 25.83
C LEU C 189 -14.05 -3.46 26.78
N LYS C 190 -14.30 -3.63 28.07
CA LYS C 190 -13.23 -3.59 29.05
C LYS C 190 -12.29 -4.77 28.84
N ILE C 191 -12.87 -5.94 28.59
CA ILE C 191 -12.07 -7.12 28.30
C ILE C 191 -11.23 -6.95 27.03
N LEU C 192 -11.86 -6.42 25.98
CA LEU C 192 -11.15 -6.11 24.74
C LEU C 192 -10.00 -5.15 24.99
N SER C 193 -10.24 -4.14 25.82
CA SER C 193 -9.19 -3.20 26.22
C SER C 193 -7.97 -3.95 26.75
N ASP C 194 -8.18 -4.81 27.74
CA ASP C 194 -7.10 -5.59 28.32
CA ASP C 194 -7.11 -5.61 28.31
C ASP C 194 -6.41 -6.44 27.25
N CYS C 195 -7.19 -7.25 26.54
CA CYS C 195 -6.66 -8.19 25.55
C CYS C 195 -5.89 -7.52 24.40
N LEU C 196 -6.40 -6.39 23.92
CA LEU C 196 -5.81 -5.69 22.79
C LEU C 196 -4.82 -4.61 23.24
N ASN C 197 -4.61 -4.50 24.55
CA ASN C 197 -3.67 -3.53 25.11
C ASN C 197 -3.87 -2.10 24.59
N ARG C 198 -5.10 -1.62 24.67
CA ARG C 198 -5.41 -0.25 24.28
C ARG C 198 -6.65 0.19 25.03
N SER C 199 -6.90 1.50 25.08
CA SER C 199 -8.03 2.02 25.82
C SER C 199 -9.33 1.77 25.07
N ILE C 200 -10.46 1.89 25.76
CA ILE C 200 -11.74 1.71 25.12
C ILE C 200 -11.98 2.79 24.06
N GLU C 201 -11.47 4.00 24.32
CA GLU C 201 -11.55 5.09 23.35
C GLU C 201 -10.78 4.74 22.08
N GLU C 202 -9.86 3.79 22.21
CA GLU C 202 -9.02 3.36 21.11
C GLU C 202 -9.57 2.10 20.44
N LEU C 203 -10.82 1.77 20.76
CA LEU C 203 -11.51 0.65 20.14
C LEU C 203 -12.58 1.14 19.19
N VAL C 204 -12.85 0.36 18.14
CA VAL C 204 -13.93 0.65 17.21
C VAL C 204 -14.85 -0.55 17.09
N VAL C 205 -16.15 -0.32 17.32
CA VAL C 205 -17.14 -1.39 17.24
C VAL C 205 -18.06 -1.17 16.03
N VAL C 206 -18.22 -2.21 15.21
CA VAL C 206 -19.19 -2.16 14.13
C VAL C 206 -20.53 -2.71 14.60
N VAL C 207 -21.59 -1.96 14.33
CA VAL C 207 -22.95 -2.39 14.65
C VAL C 207 -23.86 -2.05 13.48
N MET C 208 -24.80 -2.93 13.17
CA MET C 208 -25.76 -2.61 12.12
C MET C 208 -26.70 -1.50 12.59
N ASP C 209 -26.94 -0.54 11.71
CA ASP C 209 -27.83 0.57 11.99
C ASP C 209 -29.28 0.10 11.94
N ARG C 210 -29.79 -0.33 13.09
CA ARG C 210 -31.15 -0.84 13.20
C ARG C 210 -31.76 -0.39 14.52
N PRO C 211 -33.08 -0.13 14.52
CA PRO C 211 -33.80 0.25 15.74
C PRO C 211 -33.53 -0.75 16.86
N ARG C 212 -33.45 -2.03 16.51
CA ARG C 212 -33.22 -3.08 17.50
C ARG C 212 -31.88 -2.89 18.22
N HIS C 213 -31.03 -2.02 17.70
CA HIS C 213 -29.69 -1.83 18.30
C HIS C 213 -29.53 -0.48 19.03
N LYS C 214 -30.62 0.25 19.20
CA LYS C 214 -30.55 1.60 19.79
C LYS C 214 -29.91 1.61 21.19
N GLU C 215 -30.39 0.76 22.08
CA GLU C 215 -29.85 0.67 23.43
C GLU C 215 -28.40 0.18 23.42
N LEU C 216 -28.14 -0.84 22.59
CA LEU C 216 -26.80 -1.41 22.46
C LEU C 216 -25.79 -0.37 22.01
N ILE C 217 -26.17 0.41 21.01
CA ILE C 217 -25.31 1.46 20.46
C ILE C 217 -25.06 2.56 21.49
N GLN C 218 -26.09 2.92 22.24
CA GLN C 218 -25.96 3.93 23.28
C GLN C 218 -24.97 3.46 24.34
N GLU C 219 -25.07 2.18 24.70
CA GLU C 219 -24.20 1.59 25.71
C GLU C 219 -22.74 1.64 25.29
N ILE C 220 -22.48 1.24 24.05
CA ILE C 220 -21.13 1.27 23.50
C ILE C 220 -20.57 2.69 23.48
N ARG C 221 -21.42 3.65 23.13
CA ARG C 221 -21.03 5.05 23.17
C ARG C 221 -20.70 5.50 24.60
N ASN C 222 -21.56 5.18 25.55
CA ASN C 222 -21.34 5.56 26.95
C ASN C 222 -20.07 4.96 27.50
N ALA C 223 -19.70 3.79 26.99
CA ALA C 223 -18.49 3.12 27.46
C ALA C 223 -17.23 3.83 26.97
N GLY C 224 -17.37 4.61 25.90
CA GLY C 224 -16.27 5.42 25.40
C GLY C 224 -15.70 4.98 24.06
N ALA C 225 -16.20 3.86 23.53
CA ALA C 225 -15.71 3.34 22.27
C ALA C 225 -16.32 4.04 21.06
N ARG C 226 -15.53 4.14 19.99
CA ARG C 226 -16.02 4.70 18.74
C ARG C 226 -16.81 3.63 18.00
N VAL C 227 -17.66 4.07 17.07
CA VAL C 227 -18.55 3.15 16.38
C VAL C 227 -18.59 3.40 14.87
N ARG C 228 -18.77 2.31 14.12
CA ARG C 228 -19.08 2.41 12.70
C ARG C 228 -20.42 1.73 12.46
N LEU C 229 -21.43 2.52 12.10
CA LEU C 229 -22.73 1.94 11.80
C LEU C 229 -22.76 1.53 10.35
N ILE C 230 -23.17 0.28 10.09
CA ILE C 230 -23.30 -0.19 8.73
C ILE C 230 -24.76 -0.44 8.38
N SER C 231 -25.11 -0.21 7.11
CA SER C 231 -26.48 -0.45 6.66
C SER C 231 -26.71 -1.93 6.37
N ASP C 232 -25.62 -2.63 6.07
CA ASP C 232 -25.67 -4.05 5.72
C ASP C 232 -24.26 -4.62 5.69
N GLY C 233 -24.15 -5.93 5.54
CA GLY C 233 -22.87 -6.57 5.32
C GLY C 233 -22.06 -6.82 6.58
N ASP C 234 -22.64 -7.57 7.51
CA ASP C 234 -21.96 -7.81 8.79
C ASP C 234 -20.97 -8.97 8.73
N VAL C 235 -20.91 -9.66 7.59
CA VAL C 235 -19.92 -10.71 7.39
C VAL C 235 -18.53 -10.10 7.27
N SER C 236 -18.43 -9.03 6.49
CA SER C 236 -17.18 -8.31 6.29
C SER C 236 -16.72 -7.66 7.60
N ALA C 237 -17.67 -7.08 8.34
CA ALA C 237 -17.36 -6.47 9.63
C ALA C 237 -16.79 -7.49 10.60
N ALA C 238 -17.44 -8.65 10.70
CA ALA C 238 -17.02 -9.69 11.63
C ALA C 238 -15.58 -10.10 11.37
N ILE C 239 -15.27 -10.39 10.12
CA ILE C 239 -13.95 -10.87 9.75
C ILE C 239 -12.90 -9.76 9.86
N SER C 240 -13.31 -8.51 9.67
CA SER C 240 -12.41 -7.37 9.81
C SER C 240 -11.78 -7.33 11.21
N CYS C 241 -12.50 -7.85 12.20
CA CYS C 241 -12.03 -7.88 13.58
C CYS C 241 -10.75 -8.68 13.74
N ALA C 242 -10.51 -9.63 12.83
CA ALA C 242 -9.41 -10.56 12.97
C ALA C 242 -8.07 -9.95 12.54
N PHE C 243 -8.12 -8.93 11.69
CA PHE C 243 -6.91 -8.37 11.11
C PHE C 243 -6.53 -7.02 11.72
N SER C 244 -5.40 -6.99 12.40
CA SER C 244 -4.87 -5.72 12.89
C SER C 244 -4.56 -4.88 11.67
N GLY C 245 -5.12 -3.68 11.63
CA GLY C 245 -4.93 -2.79 10.50
C GLY C 245 -6.25 -2.26 9.96
N THR C 246 -7.34 -2.97 10.23
CA THR C 246 -8.65 -2.54 9.79
C THR C 246 -9.24 -1.44 10.67
N ASN C 247 -8.67 -1.26 11.86
CA ASN C 247 -9.23 -0.32 12.83
C ASN C 247 -10.66 -0.69 13.17
N ILE C 248 -10.94 -1.99 13.18
CA ILE C 248 -12.21 -2.53 13.65
C ILE C 248 -11.88 -3.68 14.58
N HIS C 249 -12.48 -3.67 15.78
CA HIS C 249 -12.03 -4.59 16.81
C HIS C 249 -13.13 -5.50 17.34
N ALA C 250 -14.37 -5.18 17.00
CA ALA C 250 -15.48 -6.02 17.43
C ALA C 250 -16.73 -5.81 16.60
N LEU C 251 -17.52 -6.87 16.51
CA LEU C 251 -18.84 -6.81 15.93
C LEU C 251 -19.83 -7.20 17.01
N MET C 252 -20.83 -6.34 17.23
CA MET C 252 -21.84 -6.61 18.23
C MET C 252 -23.21 -6.37 17.65
N GLY C 253 -24.20 -7.11 18.14
CA GLY C 253 -25.56 -6.91 17.71
C GLY C 253 -26.17 -8.14 17.10
N ILE C 254 -27.29 -7.94 16.42
CA ILE C 254 -28.02 -9.05 15.82
C ILE C 254 -28.03 -8.94 14.30
N GLY C 255 -27.55 -9.99 13.65
CA GLY C 255 -27.63 -10.11 12.20
C GLY C 255 -28.36 -11.39 11.84
N ALA C 256 -28.11 -11.90 10.65
CA ALA C 256 -28.75 -13.14 10.20
C ALA C 256 -27.87 -14.35 10.50
N ALA C 257 -28.51 -15.45 10.89
CA ALA C 257 -27.79 -16.64 11.32
C ALA C 257 -26.92 -17.29 10.24
N PRO C 258 -27.46 -17.43 9.02
CA PRO C 258 -26.67 -18.03 7.93
C PRO C 258 -25.37 -17.28 7.70
N GLU C 259 -25.46 -15.95 7.57
CA GLU C 259 -24.28 -15.11 7.45
C GLU C 259 -23.34 -15.36 8.62
N GLY C 260 -23.92 -15.63 9.79
CA GLY C 260 -23.14 -15.88 11.00
C GLY C 260 -22.27 -17.12 10.87
N VAL C 261 -22.84 -18.20 10.33
CA VAL C 261 -22.11 -19.44 10.14
C VAL C 261 -20.94 -19.25 9.16
N ILE C 262 -21.18 -18.45 8.13
CA ILE C 262 -20.15 -18.16 7.15
C ILE C 262 -19.02 -17.36 7.78
N SER C 263 -19.37 -16.35 8.56
CA SER C 263 -18.37 -15.58 9.32
C SER C 263 -17.59 -16.50 10.25
N ALA C 264 -18.29 -17.40 10.92
CA ALA C 264 -17.67 -18.30 11.89
C ALA C 264 -16.62 -19.20 11.26
N ALA C 265 -16.89 -19.62 10.02
CA ALA C 265 -15.94 -20.46 9.30
C ALA C 265 -14.62 -19.74 9.07
N ALA C 266 -14.68 -18.48 8.71
CA ALA C 266 -13.48 -17.68 8.53
C ALA C 266 -12.76 -17.50 9.86
N MET C 267 -13.50 -17.11 10.89
CA MET C 267 -12.93 -16.90 12.22
C MET C 267 -12.33 -18.17 12.82
N ARG C 268 -12.97 -19.31 12.59
CA ARG C 268 -12.43 -20.58 13.06
C ARG C 268 -11.03 -20.82 12.49
N CYS C 269 -10.87 -20.55 11.20
CA CYS C 269 -9.57 -20.73 10.54
C CYS C 269 -8.54 -19.70 11.01
N LEU C 270 -8.99 -18.47 11.25
CA LEU C 270 -8.08 -17.39 11.63
C LEU C 270 -7.78 -17.38 13.12
N GLY C 271 -8.53 -18.19 13.88
CA GLY C 271 -8.39 -18.22 15.32
C GLY C 271 -9.09 -17.03 15.97
N GLY C 272 -9.98 -16.39 15.23
CA GLY C 272 -10.72 -15.26 15.74
C GLY C 272 -11.83 -15.69 16.67
N HIS C 273 -12.39 -14.74 17.42
CA HIS C 273 -13.52 -15.03 18.28
C HIS C 273 -14.83 -14.81 17.53
N PHE C 274 -15.72 -15.78 17.59
CA PHE C 274 -17.07 -15.59 17.07
C PHE C 274 -18.07 -16.49 17.77
N GLN C 275 -19.05 -15.86 18.41
CA GLN C 275 -20.15 -16.59 19.03
C GLN C 275 -21.46 -16.14 18.44
N GLY C 276 -22.42 -17.06 18.36
CA GLY C 276 -23.74 -16.75 17.87
C GLY C 276 -24.81 -17.37 18.74
N GLN C 277 -25.96 -16.70 18.78
CA GLN C 277 -27.10 -17.20 19.53
C GLN C 277 -28.36 -16.89 18.73
N LEU C 278 -29.14 -17.91 18.41
CA LEU C 278 -30.34 -17.72 17.62
C LEU C 278 -31.39 -16.91 18.37
N ILE C 279 -31.98 -15.94 17.69
CA ILE C 279 -33.07 -15.14 18.23
C ILE C 279 -34.37 -15.57 17.59
N TYR C 280 -35.38 -15.79 18.41
CA TYR C 280 -36.67 -16.27 17.93
C TYR C 280 -37.85 -15.54 18.55
N ASP C 281 -37.55 -14.51 19.35
CA ASP C 281 -38.58 -13.69 19.96
C ASP C 281 -38.82 -12.41 19.17
N PRO C 282 -39.98 -12.32 18.50
CA PRO C 282 -40.36 -11.17 17.68
C PRO C 282 -40.28 -9.87 18.45
N GLU C 283 -40.40 -9.95 19.78
CA GLU C 283 -40.31 -8.77 20.63
C GLU C 283 -38.93 -8.13 20.51
N VAL C 284 -37.89 -8.95 20.54
CA VAL C 284 -36.53 -8.48 20.37
C VAL C 284 -36.29 -8.01 18.94
N VAL C 285 -36.65 -8.85 17.97
CA VAL C 285 -36.48 -8.54 16.56
C VAL C 285 -37.50 -9.34 15.75
N LYS C 286 -38.06 -8.73 14.70
CA LYS C 286 -39.12 -9.38 13.94
C LYS C 286 -38.63 -10.00 12.63
N THR C 287 -39.04 -11.23 12.38
CA THR C 287 -38.66 -11.97 11.17
C THR C 287 -39.29 -11.40 9.90
N GLY C 288 -40.44 -10.77 10.04
CA GLY C 288 -41.11 -10.16 8.89
C GLY C 288 -42.20 -11.02 8.29
N LEU C 289 -42.49 -12.15 8.95
CA LEU C 289 -43.57 -13.02 8.51
C LEU C 289 -44.78 -12.86 9.42
N ILE C 290 -45.91 -12.47 8.84
CA ILE C 290 -47.13 -12.28 9.60
C ILE C 290 -47.99 -13.55 9.58
N GLY C 291 -48.36 -14.04 10.76
CA GLY C 291 -47.97 -13.42 12.02
C GLY C 291 -47.05 -14.31 12.83
N GLU C 292 -45.84 -13.81 13.07
CA GLU C 292 -44.81 -14.56 13.77
C GLU C 292 -45.05 -14.62 15.28
N SER C 293 -44.77 -15.77 15.87
CA SER C 293 -44.92 -15.95 17.31
C SER C 293 -43.68 -16.60 17.91
N ARG C 294 -43.40 -16.30 19.17
CA ARG C 294 -42.28 -16.92 19.85
C ARG C 294 -42.45 -18.42 19.86
N GLU C 295 -43.68 -18.86 20.12
CA GLU C 295 -44.01 -20.28 20.10
C GLU C 295 -44.00 -20.82 18.67
N GLY C 296 -44.45 -20.00 17.72
CA GLY C 296 -44.41 -20.37 16.32
C GLY C 296 -43.00 -20.72 15.89
N ASN C 297 -42.08 -19.76 16.07
CA ASN C 297 -40.68 -19.97 15.74
C ASN C 297 -40.09 -21.12 16.55
N LEU C 298 -40.46 -21.19 17.82
CA LEU C 298 -39.99 -22.26 18.69
C LEU C 298 -40.30 -23.64 18.12
N GLU C 299 -41.53 -23.81 17.66
CA GLU C 299 -41.95 -25.09 17.10
C GLU C 299 -41.15 -25.44 15.85
N ARG C 300 -40.89 -24.45 15.01
CA ARG C 300 -40.13 -24.66 13.78
C ARG C 300 -38.73 -25.14 14.08
N LEU C 301 -38.08 -24.51 15.06
CA LEU C 301 -36.74 -24.93 15.47
C LEU C 301 -36.79 -26.36 16.01
N ALA C 302 -37.74 -26.63 16.90
CA ALA C 302 -37.95 -27.99 17.37
C ALA C 302 -38.20 -28.90 16.18
N SER C 303 -38.99 -28.40 15.23
CA SER C 303 -39.34 -29.17 14.04
C SER C 303 -38.09 -29.47 13.20
N MET C 304 -37.12 -28.56 13.24
CA MET C 304 -35.89 -28.72 12.48
C MET C 304 -34.89 -29.56 13.25
N GLY C 305 -35.28 -30.04 14.43
CA GLY C 305 -34.40 -30.85 15.23
C GLY C 305 -33.38 -30.05 16.03
N ILE C 306 -33.68 -28.78 16.26
CA ILE C 306 -32.83 -27.95 17.12
C ILE C 306 -33.33 -28.01 18.55
N LYS C 307 -32.62 -28.78 19.37
CA LYS C 307 -33.07 -29.07 20.73
C LYS C 307 -33.02 -27.85 21.67
N ASN C 308 -31.89 -27.19 21.71
CA ASN C 308 -31.71 -26.03 22.58
C ASN C 308 -31.66 -24.71 21.82
N PRO C 309 -32.80 -24.00 21.77
CA PRO C 309 -32.96 -22.74 21.02
C PRO C 309 -32.17 -21.57 21.62
N ASP C 310 -31.96 -21.58 22.94
CA ASP C 310 -31.20 -20.52 23.59
C ASP C 310 -29.73 -20.85 23.63
N GLN C 311 -29.37 -21.97 23.01
CA GLN C 311 -27.99 -22.42 22.93
C GLN C 311 -27.07 -21.34 22.37
N VAL C 312 -25.92 -21.16 23.00
CA VAL C 312 -24.86 -20.31 22.47
C VAL C 312 -23.84 -21.18 21.74
N TYR C 313 -23.58 -20.86 20.48
CA TYR C 313 -22.56 -21.58 19.74
C TYR C 313 -21.28 -20.76 19.65
N ASN C 314 -20.14 -21.37 19.94
CA ASN C 314 -18.88 -20.73 19.66
C ASN C 314 -18.48 -21.00 18.21
N CYS C 315 -17.29 -20.56 17.84
CA CYS C 315 -16.83 -20.64 16.46
C CYS C 315 -16.70 -22.08 15.96
N GLU C 316 -16.12 -22.93 16.79
CA GLU C 316 -15.84 -24.32 16.41
C GLU C 316 -17.11 -25.17 16.31
N GLU C 317 -18.22 -24.66 16.85
CA GLU C 317 -19.48 -25.38 16.83
C GLU C 317 -20.30 -25.03 15.59
N LEU C 318 -20.18 -23.78 15.14
CA LEU C 318 -20.88 -23.35 13.93
C LEU C 318 -20.14 -23.84 12.69
N ALA C 319 -18.82 -23.91 12.78
CA ALA C 319 -18.01 -24.49 11.72
C ALA C 319 -17.19 -25.60 12.35
N CSO C 320 -17.80 -26.78 12.51
CA CSO C 320 -17.24 -27.83 13.35
CB CSO C 320 -18.34 -28.52 14.16
SG CSO C 320 -19.61 -29.16 13.04
C CSO C 320 -16.41 -28.87 12.59
O CSO C 320 -15.72 -29.69 13.20
OD CSO C 320 -19.31 -30.89 12.72
N GLY C 321 -16.48 -28.84 11.27
CA GLY C 321 -15.80 -29.83 10.45
C GLY C 321 -14.29 -29.90 10.63
N GLU C 322 -13.71 -31.02 10.24
CA GLU C 322 -12.27 -31.21 10.31
C GLU C 322 -11.56 -30.28 9.34
N THR C 323 -12.19 -30.03 8.20
CA THR C 323 -11.66 -29.11 7.21
C THR C 323 -12.64 -27.97 6.98
N VAL C 324 -12.13 -26.75 7.03
CA VAL C 324 -12.94 -25.58 6.76
C VAL C 324 -12.25 -24.68 5.74
N LEU C 325 -12.99 -24.33 4.70
CA LEU C 325 -12.48 -23.41 3.69
C LEU C 325 -13.37 -22.18 3.68
N PHE C 326 -12.78 -21.03 3.38
CA PHE C 326 -13.53 -19.78 3.27
C PHE C 326 -13.00 -18.97 2.11
N ALA C 327 -13.90 -18.40 1.33
CA ALA C 327 -13.50 -17.57 0.20
C ALA C 327 -14.39 -16.35 0.09
N ALA C 328 -13.78 -15.21 -0.20
CA ALA C 328 -14.54 -13.99 -0.40
C ALA C 328 -13.86 -13.11 -1.43
N CYS C 329 -14.66 -12.39 -2.18
CA CYS C 329 -14.15 -11.41 -3.11
C CYS C 329 -14.98 -10.15 -3.00
N GLY C 330 -14.31 -9.00 -2.91
CA GLY C 330 -15.00 -7.74 -2.81
C GLY C 330 -15.83 -7.46 -4.05
N ILE C 331 -17.06 -7.01 -3.85
CA ILE C 331 -17.86 -6.51 -4.95
C ILE C 331 -17.69 -4.99 -4.99
N THR C 332 -18.15 -4.31 -3.94
CA THR C 332 -17.81 -2.91 -3.74
C THR C 332 -16.67 -2.82 -2.73
N PRO C 333 -16.03 -1.65 -2.62
CA PRO C 333 -14.91 -1.50 -1.69
C PRO C 333 -15.33 -1.70 -0.24
N GLY C 334 -14.43 -2.24 0.57
CA GLY C 334 -14.73 -2.51 1.95
C GLY C 334 -13.50 -2.47 2.82
N THR C 335 -13.68 -2.74 4.11
CA THR C 335 -12.57 -2.68 5.05
C THR C 335 -11.57 -3.82 4.84
N LEU C 336 -12.06 -4.98 4.43
CA LEU C 336 -11.18 -6.13 4.18
C LEU C 336 -10.66 -6.17 2.76
N MET C 337 -11.53 -5.93 1.80
CA MET C 337 -11.18 -6.12 0.40
C MET C 337 -11.61 -4.98 -0.49
N GLU C 338 -10.77 -4.70 -1.49
CA GLU C 338 -11.05 -3.71 -2.49
C GLU C 338 -12.22 -4.19 -3.35
N GLY C 339 -12.95 -3.25 -3.94
CA GLY C 339 -14.08 -3.58 -4.79
C GLY C 339 -13.62 -3.94 -6.18
N VAL C 340 -14.54 -4.44 -7.00
CA VAL C 340 -14.22 -4.78 -8.38
C VAL C 340 -14.02 -3.50 -9.19
N ARG C 341 -12.90 -3.41 -9.91
CA ARG C 341 -12.65 -2.25 -10.75
C ARG C 341 -12.64 -2.62 -12.24
N PHE C 342 -13.44 -1.91 -13.02
CA PHE C 342 -13.45 -2.08 -14.47
C PHE C 342 -12.67 -0.96 -15.14
N PHE C 343 -11.67 -1.34 -15.93
CA PHE C 343 -10.83 -0.37 -16.61
C PHE C 343 -10.60 -0.78 -18.06
N HIS C 344 -9.95 0.10 -18.82
CA HIS C 344 -9.70 -0.16 -20.24
C HIS C 344 -8.74 -1.33 -20.41
N GLY C 345 -9.27 -2.46 -20.84
CA GLY C 345 -8.46 -3.63 -21.07
C GLY C 345 -8.52 -4.69 -19.97
N GLY C 346 -9.41 -4.52 -19.00
CA GLY C 346 -9.57 -5.54 -17.99
C GLY C 346 -10.37 -5.22 -16.75
N VAL C 347 -10.26 -6.11 -15.77
CA VAL C 347 -10.95 -5.99 -14.51
C VAL C 347 -9.95 -6.33 -13.41
N ARG C 348 -10.16 -5.78 -12.23
CA ARG C 348 -9.30 -6.12 -11.10
C ARG C 348 -10.14 -6.46 -9.88
N THR C 349 -9.80 -7.57 -9.23
CA THR C 349 -10.54 -8.02 -8.05
C THR C 349 -9.58 -8.27 -6.90
N GLN C 350 -10.11 -8.27 -5.68
CA GLN C 350 -9.35 -8.69 -4.51
C GLN C 350 -10.15 -9.70 -3.70
N SER C 351 -9.52 -10.84 -3.41
CA SER C 351 -10.19 -11.90 -2.68
C SER C 351 -9.41 -12.31 -1.45
N LEU C 352 -10.12 -12.83 -0.46
CA LEU C 352 -9.51 -13.45 0.69
C LEU C 352 -9.94 -14.91 0.76
N VAL C 353 -8.98 -15.82 0.71
CA VAL C 353 -9.27 -17.24 0.81
C VAL C 353 -8.54 -17.83 2.01
N ILE C 354 -9.29 -18.48 2.88
CA ILE C 354 -8.73 -19.05 4.10
C ILE C 354 -8.97 -20.55 4.15
N SER C 355 -7.92 -21.30 4.50
CA SER C 355 -7.99 -22.75 4.55
C SER C 355 -7.39 -23.30 5.84
N SER C 356 -8.20 -24.03 6.60
CA SER C 356 -7.71 -24.69 7.81
C SER C 356 -6.74 -25.80 7.42
N GLN C 357 -6.89 -26.31 6.21
CA GLN C 357 -6.09 -27.42 5.71
C GLN C 357 -4.63 -26.99 5.50
N SER C 358 -4.42 -25.96 4.70
CA SER C 358 -3.08 -25.41 4.48
C SER C 358 -2.72 -24.42 5.58
N SER C 359 -3.69 -24.13 6.43
CA SER C 359 -3.52 -23.14 7.50
C SER C 359 -2.95 -21.82 6.92
N THR C 360 -3.65 -21.27 5.95
CA THR C 360 -3.23 -20.04 5.30
C THR C 360 -4.38 -19.05 5.17
N ALA C 361 -4.05 -17.76 5.18
CA ALA C 361 -4.98 -16.72 4.77
C ALA C 361 -4.36 -16.01 3.58
N ARG C 362 -4.98 -16.17 2.41
CA ARG C 362 -4.45 -15.63 1.17
C ARG C 362 -5.25 -14.46 0.63
N PHE C 363 -4.58 -13.33 0.46
CA PHE C 363 -5.16 -12.22 -0.27
C PHE C 363 -4.76 -12.35 -1.72
N VAL C 364 -5.74 -12.39 -2.60
CA VAL C 364 -5.48 -12.57 -4.02
C VAL C 364 -5.91 -11.33 -4.79
N ASP C 365 -4.93 -10.63 -5.35
CA ASP C 365 -5.17 -9.45 -6.15
C ASP C 365 -5.01 -9.83 -7.61
N THR C 366 -6.13 -9.91 -8.32
CA THR C 366 -6.14 -10.44 -9.69
C THR C 366 -6.46 -9.39 -10.74
N VAL C 367 -5.53 -9.21 -11.67
CA VAL C 367 -5.79 -8.44 -12.87
C VAL C 367 -6.30 -9.39 -13.95
N HIS C 368 -7.57 -9.22 -14.33
CA HIS C 368 -8.13 -10.04 -15.39
C HIS C 368 -7.99 -9.30 -16.72
N MET C 369 -7.05 -9.76 -17.53
CA MET C 369 -6.74 -9.09 -18.80
C MET C 369 -7.73 -9.48 -19.90
N LYS C 370 -8.45 -8.49 -20.39
CA LYS C 370 -9.48 -8.70 -21.41
C LYS C 370 -8.86 -8.94 -22.77
N GLU C 371 -8.19 -7.91 -23.28
CA GLU C 371 -7.60 -7.99 -24.61
C GLU C 371 -6.39 -7.08 -24.77
N SER C 372 -5.23 -7.70 -24.68
CA SER C 372 -3.97 -7.03 -24.95
C SER C 372 -3.90 -5.61 -24.42
N PRO C 373 -4.18 -5.40 -23.12
CA PRO C 373 -4.09 -4.08 -22.49
C PRO C 373 -2.73 -3.42 -22.65
N LYS C 374 -2.72 -2.17 -23.13
CA LYS C 374 -1.47 -1.46 -23.37
C LYS C 374 -0.77 -1.10 -22.07
N VAL C 375 -1.55 -0.94 -21.00
CA VAL C 375 -0.98 -0.59 -19.70
C VAL C 375 -1.47 -1.55 -18.62
N ILE C 376 -0.52 -2.11 -17.86
CA ILE C 376 -0.86 -2.94 -16.71
C ILE C 376 -0.31 -2.31 -15.44
N GLN C 377 -1.20 -1.84 -14.57
CA GLN C 377 -0.80 -1.21 -13.31
C GLN C 377 -0.35 -2.23 -12.28
N LEU C 378 0.76 -1.92 -11.61
CA LEU C 378 1.26 -2.77 -10.52
C LEU C 378 0.24 -2.91 -9.40
N HIS C 379 -0.48 -1.82 -9.11
CA HIS C 379 -1.49 -1.84 -8.05
C HIS C 379 -2.84 -1.37 -8.58
N SER D 34 3.67 39.14 -0.78
CA SER D 34 3.26 37.87 -1.38
C SER D 34 3.01 36.78 -0.33
N VAL D 35 2.00 35.94 -0.58
CA VAL D 35 1.62 34.89 0.36
C VAL D 35 2.83 34.09 0.85
N ASP D 36 2.90 33.90 2.16
CA ASP D 36 4.02 33.19 2.80
C ASP D 36 4.09 31.73 2.36
N SER D 37 5.27 31.29 1.95
CA SER D 37 5.44 29.93 1.45
C SER D 37 5.15 28.88 2.52
N THR D 38 5.51 29.16 3.76
CA THR D 38 5.36 28.17 4.83
C THR D 38 3.91 27.96 5.23
N LEU D 39 3.04 28.85 4.77
CA LEU D 39 1.61 28.70 5.05
C LEU D 39 1.09 27.39 4.44
N GLY D 40 1.61 27.05 3.27
CA GLY D 40 1.21 25.83 2.57
C GLY D 40 1.61 24.57 3.32
N LEU D 41 2.52 24.72 4.29
CA LEU D 41 2.91 23.60 5.14
C LEU D 41 2.20 23.65 6.49
N GLU D 42 2.04 24.84 7.04
CA GLU D 42 1.42 24.99 8.35
C GLU D 42 -0.02 24.51 8.36
N ILE D 43 -0.68 24.52 7.21
CA ILE D 43 -2.07 24.10 7.14
C ILE D 43 -2.24 22.58 7.33
N ILE D 44 -1.12 21.85 7.23
CA ILE D 44 -1.14 20.43 7.55
C ILE D 44 -1.62 20.23 8.99
N GLU D 45 -1.06 21.01 9.90
CA GLU D 45 -1.41 20.90 11.31
C GLU D 45 -2.83 21.39 11.60
N VAL D 46 -3.28 22.35 10.81
CA VAL D 46 -4.63 22.89 10.97
C VAL D 46 -5.69 21.81 10.72
N VAL D 47 -5.62 21.14 9.57
CA VAL D 47 -6.61 20.12 9.25
C VAL D 47 -6.43 18.85 10.08
N GLU D 48 -5.18 18.54 10.44
CA GLU D 48 -4.92 17.39 11.29
C GLU D 48 -5.60 17.54 12.66
N GLN D 49 -5.41 18.69 13.30
CA GLN D 49 -5.97 18.92 14.64
C GLN D 49 -7.50 18.97 14.62
N ALA D 50 -8.06 19.54 13.56
CA ALA D 50 -9.51 19.57 13.41
C ALA D 50 -10.04 18.15 13.21
N ALA D 51 -9.38 17.39 12.35
CA ALA D 51 -9.79 16.01 12.07
C ALA D 51 -9.69 15.13 13.30
N ILE D 52 -8.59 15.24 14.05
CA ILE D 52 -8.42 14.43 15.25
C ILE D 52 -9.50 14.70 16.28
N ALA D 53 -9.79 15.97 16.51
CA ALA D 53 -10.80 16.36 17.48
C ALA D 53 -12.17 15.82 17.10
N SER D 54 -12.50 15.94 15.81
CA SER D 54 -13.79 15.51 15.31
C SER D 54 -13.90 13.98 15.33
N ALA D 55 -12.82 13.30 14.96
CA ALA D 55 -12.77 11.83 14.90
C ALA D 55 -13.04 11.16 16.24
N LYS D 56 -12.81 11.87 17.34
CA LYS D 56 -13.08 11.30 18.65
C LYS D 56 -14.57 11.02 18.81
N TRP D 57 -15.37 11.62 17.95
CA TRP D 57 -16.82 11.45 18.02
C TRP D 57 -17.38 10.55 16.93
N MET D 58 -16.52 9.76 16.29
CA MET D 58 -16.99 8.86 15.25
C MET D 58 -18.00 7.84 15.78
N GLY D 59 -19.20 7.86 15.20
CA GLY D 59 -20.23 6.90 15.52
C GLY D 59 -20.92 7.18 16.84
N LYS D 60 -20.66 8.35 17.41
CA LYS D 60 -21.21 8.68 18.71
C LYS D 60 -22.57 9.41 18.66
N GLY D 61 -23.07 9.63 17.45
CA GLY D 61 -24.43 10.12 17.27
C GLY D 61 -24.63 11.58 17.60
N GLU D 62 -23.55 12.35 17.58
CA GLU D 62 -23.63 13.78 17.86
C GLU D 62 -22.97 14.57 16.74
N LYS D 63 -23.73 14.86 15.69
CA LYS D 63 -23.20 15.55 14.52
C LYS D 63 -22.77 16.97 14.89
N ASN D 64 -23.51 17.57 15.81
CA ASN D 64 -23.23 18.93 16.24
C ASN D 64 -21.95 19.00 17.08
N THR D 65 -21.72 17.98 17.89
CA THR D 65 -20.50 17.89 18.68
C THR D 65 -19.29 17.66 17.78
N ALA D 66 -19.40 16.69 16.88
CA ALA D 66 -18.34 16.41 15.92
C ALA D 66 -17.99 17.70 15.17
N ASP D 67 -19.02 18.48 14.85
CA ASP D 67 -18.87 19.73 14.13
C ASP D 67 -18.19 20.79 14.99
N GLN D 68 -18.69 20.96 16.22
CA GLN D 68 -18.21 22.00 17.12
C GLN D 68 -16.73 21.87 17.43
N VAL D 69 -16.28 20.67 17.81
CA VAL D 69 -14.89 20.46 18.17
C VAL D 69 -13.95 20.69 16.97
N ALA D 70 -14.36 20.26 15.78
CA ALA D 70 -13.56 20.48 14.58
C ALA D 70 -13.39 21.98 14.32
N VAL D 71 -14.49 22.71 14.43
CA VAL D 71 -14.47 24.16 14.23
C VAL D 71 -13.49 24.82 15.19
N GLU D 72 -13.59 24.45 16.46
CA GLU D 72 -12.74 25.05 17.47
C GLU D 72 -11.27 24.71 17.29
N ALA D 73 -10.96 23.44 17.05
CA ALA D 73 -9.57 23.04 16.84
C ALA D 73 -8.97 23.74 15.64
N MET D 74 -9.74 23.85 14.56
CA MET D 74 -9.25 24.50 13.35
C MET D 74 -8.95 25.97 13.59
N ARG D 75 -9.88 26.66 14.23
CA ARG D 75 -9.72 28.08 14.51
C ARG D 75 -8.55 28.32 15.45
N GLU D 76 -8.46 27.50 16.49
CA GLU D 76 -7.41 27.64 17.48
C GLU D 76 -6.05 27.43 16.84
N ARG D 77 -5.95 26.46 15.94
CA ARG D 77 -4.69 26.21 15.28
C ARG D 77 -4.34 27.32 14.29
N MET D 78 -5.35 27.79 13.57
CA MET D 78 -5.15 28.89 12.62
C MET D 78 -4.64 30.16 13.30
N ASN D 79 -5.14 30.42 14.50
CA ASN D 79 -4.76 31.63 15.23
C ASN D 79 -3.32 31.64 15.75
N LYS D 80 -2.65 30.50 15.66
CA LYS D 80 -1.25 30.43 16.05
C LYS D 80 -0.35 30.76 14.87
N ILE D 81 -0.95 30.86 13.70
CA ILE D 81 -0.20 31.11 12.47
C ILE D 81 0.06 32.60 12.24
N HIS D 82 1.27 32.92 11.81
CA HIS D 82 1.60 34.29 11.44
C HIS D 82 1.00 34.61 10.09
N MET D 83 -0.30 34.83 10.08
CA MET D 83 -1.02 35.17 8.86
C MET D 83 -2.06 36.24 9.16
N ARG D 84 -2.53 36.90 8.10
CA ARG D 84 -3.54 37.92 8.24
C ARG D 84 -4.78 37.48 7.48
N GLY D 85 -5.63 36.70 8.14
CA GLY D 85 -6.71 36.02 7.46
C GLY D 85 -8.11 36.53 7.73
N ARG D 86 -8.94 36.45 6.69
CA ARG D 86 -10.36 36.76 6.81
C ARG D 86 -11.17 35.56 6.35
N ILE D 87 -12.14 35.16 7.16
CA ILE D 87 -13.02 34.05 6.82
C ILE D 87 -14.08 34.50 5.81
N VAL D 88 -14.06 33.92 4.62
CA VAL D 88 -15.02 34.27 3.58
C VAL D 88 -16.04 33.17 3.38
N ILE D 89 -15.67 31.95 3.76
CA ILE D 89 -16.59 30.82 3.77
C ILE D 89 -16.44 30.10 5.10
N GLY D 90 -17.54 29.92 5.82
CA GLY D 90 -17.48 29.34 7.14
C GLY D 90 -18.80 28.89 7.73
N GLU D 91 -18.92 29.02 9.04
CA GLU D 91 -20.03 28.45 9.79
C GLU D 91 -21.30 29.29 9.77
N GLY D 92 -21.19 30.52 9.29
CA GLY D 92 -22.34 31.41 9.23
C GLY D 92 -22.02 32.85 9.60
N GLU D 93 -23.06 33.66 9.72
CA GLU D 93 -22.90 35.08 10.07
C GLU D 93 -22.50 35.25 11.53
N ARG D 94 -21.86 36.38 11.84
CA ARG D 94 -21.37 36.64 13.19
C ARG D 94 -22.47 36.43 14.23
N ASP D 95 -23.71 36.79 13.90
CA ASP D 95 -24.82 36.66 14.83
C ASP D 95 -25.18 35.20 15.07
N ASP D 96 -25.01 34.37 14.04
CA ASP D 96 -25.45 32.98 14.09
C ASP D 96 -24.36 32.01 14.52
N ALA D 97 -23.12 32.30 14.15
CA ALA D 97 -21.99 31.40 14.43
C ALA D 97 -20.90 32.07 15.25
N PRO D 98 -20.66 31.56 16.48
CA PRO D 98 -19.67 32.08 17.41
C PRO D 98 -18.23 31.94 16.92
N MET D 99 -17.96 30.88 16.17
CA MET D 99 -16.60 30.64 15.68
C MET D 99 -16.50 30.44 14.17
N LEU D 100 -15.48 31.05 13.58
CA LEU D 100 -15.24 30.98 12.15
C LEU D 100 -16.44 31.50 11.36
N TYR D 101 -16.93 32.65 11.79
CA TYR D 101 -18.04 33.33 11.14
C TYR D 101 -17.54 34.14 9.95
N ILE D 102 -18.43 34.46 9.03
CA ILE D 102 -18.06 35.28 7.87
C ILE D 102 -17.47 36.61 8.34
N GLY D 103 -16.27 36.92 7.84
CA GLY D 103 -15.63 38.19 8.14
C GLY D 103 -14.69 38.13 9.33
N GLU D 104 -14.72 37.03 10.08
CA GLU D 104 -13.85 36.90 11.23
C GLU D 104 -12.39 36.92 10.82
N GLU D 105 -11.58 37.61 11.62
CA GLU D 105 -10.15 37.68 11.37
C GLU D 105 -9.44 36.59 12.16
N VAL D 106 -8.53 35.88 11.50
CA VAL D 106 -7.81 34.79 12.13
C VAL D 106 -6.33 34.91 11.86
N GLY D 107 -5.53 34.44 12.80
CA GLY D 107 -4.08 34.48 12.65
C GLY D 107 -3.45 35.59 13.48
N ILE D 108 -2.21 35.35 13.90
CA ILE D 108 -1.48 36.32 14.71
C ILE D 108 -1.37 37.70 14.08
N CYS D 109 -1.13 37.73 12.78
CA CYS D 109 -0.86 38.99 12.08
C CYS D 109 -2.10 39.85 11.82
N THR D 110 -3.21 39.52 12.48
CA THR D 110 -4.42 40.35 12.39
C THR D 110 -4.48 41.31 13.57
N ARG D 111 -3.70 41.02 14.60
CA ARG D 111 -3.63 41.87 15.78
C ARG D 111 -3.13 43.28 15.45
N GLU D 112 -3.54 44.24 16.26
CA GLU D 112 -3.22 45.65 16.03
C GLU D 112 -1.73 45.90 15.85
N ASP D 113 -0.91 45.23 16.65
CA ASP D 113 0.53 45.47 16.66
C ASP D 113 1.29 44.57 15.69
N ALA D 114 0.59 44.00 14.73
CA ALA D 114 1.16 42.99 13.82
C ALA D 114 2.42 43.45 13.09
N LYS D 115 2.45 44.70 12.66
CA LYS D 115 3.60 45.24 11.95
C LYS D 115 4.89 44.98 12.73
N SER D 116 4.76 44.90 14.05
CA SER D 116 5.92 44.72 14.94
C SER D 116 6.42 43.28 15.04
N PHE D 117 5.51 42.31 14.91
CA PHE D 117 5.90 40.91 15.09
C PHE D 117 5.71 40.02 13.86
N CYS D 118 5.23 40.61 12.76
CA CYS D 118 5.04 39.88 11.51
C CYS D 118 5.85 40.52 10.38
N ASN D 119 6.33 39.69 9.46
CA ASN D 119 7.05 40.21 8.30
C ASN D 119 6.11 40.53 7.14
N PRO D 120 6.65 41.08 6.05
CA PRO D 120 5.84 41.53 4.91
C PRO D 120 4.94 40.44 4.32
N ASP D 121 5.48 39.24 4.13
CA ASP D 121 4.71 38.14 3.57
C ASP D 121 3.62 37.66 4.52
N GLU D 122 3.94 37.63 5.81
CA GLU D 122 2.99 37.23 6.84
C GLU D 122 1.88 38.27 6.98
N LEU D 123 2.12 39.47 6.47
CA LEU D 123 1.15 40.57 6.58
C LEU D 123 0.18 40.62 5.41
N VAL D 124 0.43 39.82 4.38
CA VAL D 124 -0.45 39.77 3.22
C VAL D 124 -1.86 39.32 3.61
N GLU D 125 -2.85 40.11 3.26
CA GLU D 125 -4.24 39.76 3.55
C GLU D 125 -4.69 38.58 2.71
N ILE D 126 -5.16 37.53 3.39
CA ILE D 126 -5.61 36.33 2.71
C ILE D 126 -7.04 35.98 3.09
N ASP D 127 -7.79 35.48 2.11
CA ASP D 127 -9.15 35.01 2.37
C ASP D 127 -9.14 33.50 2.59
N ILE D 128 -10.00 33.05 3.50
CA ILE D 128 -9.99 31.66 3.93
C ILE D 128 -11.38 31.06 3.88
N ALA D 129 -11.49 29.88 3.26
CA ALA D 129 -12.72 29.13 3.26
C ALA D 129 -12.54 27.89 4.10
N VAL D 130 -13.42 27.68 5.07
CA VAL D 130 -13.28 26.53 5.95
C VAL D 130 -14.51 25.63 5.96
N ASP D 131 -14.26 24.34 6.12
CA ASP D 131 -15.29 23.37 6.38
C ASP D 131 -14.70 22.35 7.35
N PRO D 132 -14.59 22.74 8.62
CA PRO D 132 -13.93 21.99 9.69
C PRO D 132 -14.44 20.55 9.80
N CYS D 133 -15.72 20.35 9.55
CA CYS D 133 -16.27 19.01 9.54
C CYS D 133 -17.15 18.82 8.31
N GLU D 134 -16.57 18.27 7.25
CA GLU D 134 -17.28 18.05 6.00
C GLU D 134 -18.00 16.71 6.09
N GLY D 135 -19.27 16.75 6.47
CA GLY D 135 -20.06 15.54 6.67
C GLY D 135 -20.26 15.25 8.15
N THR D 136 -20.91 16.16 8.86
CA THR D 136 -21.11 15.99 10.31
C THR D 136 -21.87 14.71 10.63
N ASN D 137 -22.82 14.35 9.78
CA ASN D 137 -23.60 13.14 10.01
C ASN D 137 -22.86 11.86 9.64
N LEU D 138 -21.90 11.96 8.72
CA LEU D 138 -21.03 10.84 8.42
C LEU D 138 -20.23 10.49 9.68
N VAL D 139 -19.74 11.51 10.37
CA VAL D 139 -18.97 11.30 11.60
C VAL D 139 -19.85 10.73 12.71
N ALA D 140 -21.00 11.36 12.92
CA ALA D 140 -21.93 10.93 13.96
C ALA D 140 -22.34 9.46 13.77
N TYR D 141 -22.49 9.04 12.52
CA TYR D 141 -22.87 7.67 12.21
C TYR D 141 -21.66 6.78 11.98
N GLY D 142 -20.48 7.37 11.98
CA GLY D 142 -19.25 6.63 11.76
C GLY D 142 -19.22 6.04 10.35
N GLN D 143 -19.64 6.85 9.39
CA GLN D 143 -19.62 6.43 7.99
C GLN D 143 -18.51 7.10 7.19
N ASN D 144 -18.16 6.51 6.06
CA ASN D 144 -17.05 6.98 5.24
C ASN D 144 -17.31 8.33 4.60
N GLY D 145 -16.24 9.04 4.29
CA GLY D 145 -16.33 10.21 3.43
C GLY D 145 -16.20 11.58 4.08
N SER D 146 -16.00 11.63 5.39
CA SER D 146 -15.90 12.92 6.08
C SER D 146 -14.46 13.42 6.13
N MET D 147 -14.29 14.73 6.08
CA MET D 147 -12.97 15.34 6.10
C MET D 147 -13.01 16.68 6.82
N ALA D 148 -11.85 17.10 7.33
CA ALA D 148 -11.66 18.47 7.77
C ALA D 148 -10.94 19.15 6.63
N VAL D 149 -11.44 20.29 6.19
CA VAL D 149 -10.87 20.91 5.00
C VAL D 149 -10.93 22.43 5.01
N LEU D 150 -10.02 23.05 4.25
CA LEU D 150 -10.00 24.49 4.11
C LEU D 150 -9.32 24.89 2.80
N ALA D 151 -9.60 26.10 2.34
CA ALA D 151 -8.91 26.65 1.17
C ALA D 151 -8.48 28.09 1.42
N ILE D 152 -7.36 28.47 0.84
CA ILE D 152 -6.81 29.80 1.04
C ILE D 152 -6.36 30.48 -0.26
N SER D 153 -6.56 31.78 -0.31
CA SER D 153 -6.05 32.60 -1.40
C SER D 153 -5.86 34.03 -0.91
N GLU D 154 -5.22 34.86 -1.72
CA GLU D 154 -5.13 36.27 -1.39
C GLU D 154 -6.54 36.84 -1.30
N LYS D 155 -6.65 37.98 -0.62
CA LYS D 155 -7.90 38.71 -0.54
C LYS D 155 -8.58 38.79 -1.90
N GLY D 156 -9.84 38.39 -1.95
CA GLY D 156 -10.60 38.39 -3.20
C GLY D 156 -10.30 37.20 -4.09
N GLY D 157 -9.43 36.31 -3.61
CA GLY D 157 -9.00 35.16 -4.39
C GLY D 157 -9.94 33.97 -4.40
N LEU D 158 -10.96 34.01 -3.54
CA LEU D 158 -11.93 32.92 -3.46
C LEU D 158 -13.36 33.44 -3.55
N PHE D 159 -14.18 32.76 -4.34
CA PHE D 159 -15.59 33.14 -4.42
C PHE D 159 -16.27 32.94 -3.08
N ALA D 160 -16.76 34.02 -2.49
CA ALA D 160 -17.44 33.95 -1.20
C ALA D 160 -18.87 33.49 -1.41
N ALA D 161 -19.02 32.21 -1.75
CA ALA D 161 -20.35 31.66 -2.04
C ALA D 161 -21.31 31.85 -0.88
N PRO D 162 -22.55 32.25 -1.19
CA PRO D 162 -23.63 32.27 -0.20
C PRO D 162 -24.07 30.83 0.05
N ASP D 163 -24.83 30.59 1.11
CA ASP D 163 -25.28 29.25 1.39
C ASP D 163 -26.47 28.88 0.49
N PHE D 164 -26.22 28.82 -0.81
CA PHE D 164 -27.21 28.37 -1.77
C PHE D 164 -26.76 27.02 -2.33
N TYR D 165 -27.68 26.33 -2.99
CA TYR D 165 -27.32 25.10 -3.68
C TYR D 165 -26.53 25.41 -4.94
N MET D 166 -25.73 24.45 -5.38
CA MET D 166 -24.90 24.63 -6.56
C MET D 166 -24.86 23.36 -7.41
N LYS D 167 -25.24 23.49 -8.68
CA LYS D 167 -25.05 22.42 -9.63
C LYS D 167 -23.56 22.29 -9.89
N LYS D 168 -23.05 21.05 -9.83
CA LYS D 168 -21.62 20.83 -9.97
C LYS D 168 -21.29 19.76 -11.00
N LEU D 169 -20.20 19.97 -11.72
CA LEU D 169 -19.63 18.93 -12.56
C LEU D 169 -18.13 18.81 -12.29
N ALA D 170 -17.73 17.67 -11.75
CA ALA D 170 -16.31 17.41 -11.53
C ALA D 170 -15.83 16.29 -12.43
N ALA D 171 -14.63 16.45 -12.98
CA ALA D 171 -14.03 15.42 -13.81
C ALA D 171 -12.50 15.53 -13.76
N PRO D 172 -11.82 14.50 -14.26
CA PRO D 172 -10.36 14.47 -14.21
C PRO D 172 -9.72 15.48 -15.16
N PRO D 173 -8.44 15.79 -14.95
CA PRO D 173 -7.69 16.73 -15.80
C PRO D 173 -7.82 16.40 -17.28
N ALA D 174 -7.78 15.11 -17.62
CA ALA D 174 -7.82 14.69 -19.02
C ALA D 174 -9.13 15.11 -19.69
N ALA D 175 -10.14 15.41 -18.88
CA ALA D 175 -11.45 15.79 -19.40
C ALA D 175 -11.73 17.28 -19.23
N LYS D 176 -10.76 18.00 -18.69
CA LYS D 176 -10.97 19.41 -18.38
C LYS D 176 -11.26 20.22 -19.64
N GLY D 177 -12.38 20.94 -19.62
CA GLY D 177 -12.77 21.78 -20.74
C GLY D 177 -13.50 21.03 -21.84
N HIS D 178 -13.49 19.69 -21.76
CA HIS D 178 -14.16 18.87 -22.77
C HIS D 178 -15.58 18.52 -22.32
N VAL D 179 -15.71 18.01 -21.11
CA VAL D 179 -17.02 17.88 -20.51
C VAL D 179 -17.50 19.28 -20.16
N ASP D 180 -18.82 19.46 -20.03
CA ASP D 180 -19.35 20.76 -19.64
C ASP D 180 -20.64 20.63 -18.85
N ILE D 181 -20.77 21.46 -17.83
CA ILE D 181 -21.89 21.36 -16.90
C ILE D 181 -23.24 21.56 -17.59
N ASP D 182 -23.25 22.32 -18.68
CA ASP D 182 -24.48 22.58 -19.42
C ASP D 182 -24.92 21.42 -20.29
N LYS D 183 -23.99 20.53 -20.61
CA LYS D 183 -24.33 19.32 -21.36
C LYS D 183 -25.05 18.34 -20.45
N SER D 184 -25.78 17.41 -21.06
CA SER D 184 -26.50 16.40 -20.30
C SER D 184 -25.50 15.39 -19.76
N ALA D 185 -25.93 14.61 -18.77
CA ALA D 185 -25.07 13.56 -18.23
C ALA D 185 -24.67 12.60 -19.34
N THR D 186 -25.61 12.31 -20.25
CA THR D 186 -25.36 11.35 -21.32
C THR D 186 -24.24 11.80 -22.25
N GLU D 187 -24.28 13.04 -22.72
CA GLU D 187 -23.22 13.56 -23.57
CA GLU D 187 -23.22 13.56 -23.57
C GLU D 187 -21.89 13.69 -22.83
N ASN D 188 -21.94 14.07 -21.56
CA ASN D 188 -20.72 14.18 -20.77
C ASN D 188 -20.03 12.85 -20.58
N LEU D 189 -20.83 11.80 -20.38
CA LEU D 189 -20.30 10.44 -20.23
C LEU D 189 -19.64 9.97 -21.52
N LYS D 190 -20.24 10.31 -22.66
CA LYS D 190 -19.63 10.00 -23.95
C LYS D 190 -18.29 10.72 -24.07
N ILE D 191 -18.28 12.00 -23.67
CA ILE D 191 -17.05 12.79 -23.71
C ILE D 191 -16.00 12.23 -22.73
N LEU D 192 -16.45 11.87 -21.54
CA LEU D 192 -15.58 11.27 -20.54
C LEU D 192 -14.96 9.97 -21.04
N SER D 193 -15.78 9.16 -21.69
CA SER D 193 -15.30 7.90 -22.27
C SER D 193 -14.15 8.18 -23.24
N ASP D 194 -14.34 9.15 -24.13
CA ASP D 194 -13.30 9.53 -25.08
CA ASP D 194 -13.30 9.54 -25.09
C ASP D 194 -12.03 10.04 -24.38
N CYS D 195 -12.20 10.99 -23.47
CA CYS D 195 -11.05 11.61 -22.80
C CYS D 195 -10.27 10.63 -21.94
N LEU D 196 -10.98 9.77 -21.21
CA LEU D 196 -10.34 8.84 -20.30
C LEU D 196 -10.04 7.50 -20.98
N ASN D 197 -10.27 7.44 -22.29
CA ASN D 197 -9.98 6.23 -23.07
C ASN D 197 -10.49 4.96 -22.39
N ARG D 198 -11.80 4.92 -22.12
CA ARG D 198 -12.41 3.74 -21.54
C ARG D 198 -13.90 3.79 -21.79
N SER D 199 -14.56 2.64 -21.78
CA SER D 199 -15.97 2.57 -22.09
C SER D 199 -16.80 3.24 -21.01
N ILE D 200 -18.03 3.59 -21.35
CA ILE D 200 -18.93 4.20 -20.38
C ILE D 200 -19.18 3.23 -19.21
N GLU D 201 -19.21 1.93 -19.52
CA GLU D 201 -19.38 0.92 -18.49
C GLU D 201 -18.19 0.89 -17.56
N GLU D 202 -17.07 1.44 -18.02
CA GLU D 202 -15.84 1.46 -17.23
C GLU D 202 -15.68 2.79 -16.49
N LEU D 203 -16.77 3.54 -16.40
CA LEU D 203 -16.79 4.80 -15.65
C LEU D 203 -17.63 4.67 -14.39
N VAL D 204 -17.25 5.42 -13.37
CA VAL D 204 -18.01 5.49 -12.12
C VAL D 204 -18.34 6.95 -11.80
N VAL D 205 -19.63 7.24 -11.62
CA VAL D 205 -20.05 8.58 -11.30
C VAL D 205 -20.58 8.64 -9.87
N VAL D 206 -20.10 9.61 -9.11
CA VAL D 206 -20.59 9.83 -7.75
C VAL D 206 -21.75 10.81 -7.79
N VAL D 207 -22.84 10.46 -7.12
CA VAL D 207 -24.01 11.33 -7.04
C VAL D 207 -24.57 11.28 -5.63
N MET D 208 -24.89 12.44 -5.07
CA MET D 208 -25.54 12.47 -3.76
C MET D 208 -26.90 11.79 -3.83
N ASP D 209 -27.20 10.99 -2.82
CA ASP D 209 -28.46 10.27 -2.73
C ASP D 209 -29.57 11.18 -2.26
N ARG D 210 -30.19 11.90 -3.21
CA ARG D 210 -31.25 12.85 -2.91
C ARG D 210 -32.38 12.70 -3.93
N PRO D 211 -33.62 12.99 -3.52
CA PRO D 211 -34.75 12.90 -4.45
C PRO D 211 -34.56 13.80 -5.67
N ARG D 212 -33.91 14.94 -5.47
CA ARG D 212 -33.68 15.87 -6.57
C ARG D 212 -32.80 15.27 -7.66
N HIS D 213 -32.24 14.09 -7.39
CA HIS D 213 -31.31 13.47 -8.33
C HIS D 213 -31.87 12.21 -8.96
N LYS D 214 -33.15 11.94 -8.72
CA LYS D 214 -33.81 10.76 -9.26
C LYS D 214 -33.57 10.61 -10.77
N GLU D 215 -33.95 11.62 -11.54
CA GLU D 215 -33.82 11.56 -12.98
C GLU D 215 -32.35 11.49 -13.42
N LEU D 216 -31.51 12.29 -12.78
CA LEU D 216 -30.09 12.33 -13.11
C LEU D 216 -29.44 10.96 -12.97
N ILE D 217 -29.75 10.28 -11.87
CA ILE D 217 -29.21 8.96 -11.60
C ILE D 217 -29.71 7.93 -12.61
N GLN D 218 -30.98 8.01 -12.95
CA GLN D 218 -31.56 7.09 -13.91
C GLN D 218 -30.91 7.27 -15.28
N GLU D 219 -30.61 8.51 -15.63
CA GLU D 219 -29.98 8.80 -16.92
C GLU D 219 -28.58 8.22 -17.00
N ILE D 220 -27.81 8.41 -15.93
CA ILE D 220 -26.47 7.86 -15.85
C ILE D 220 -26.52 6.33 -15.95
N ARG D 221 -27.48 5.73 -15.28
CA ARG D 221 -27.65 4.28 -15.33
C ARG D 221 -28.03 3.84 -16.74
N ASN D 222 -28.94 4.57 -17.36
CA ASN D 222 -29.34 4.27 -18.74
C ASN D 222 -28.16 4.37 -19.71
N ALA D 223 -27.29 5.35 -19.49
CA ALA D 223 -26.14 5.55 -20.36
C ALA D 223 -25.12 4.40 -20.23
N GLY D 224 -25.19 3.67 -19.12
CA GLY D 224 -24.35 2.50 -18.93
C GLY D 224 -23.23 2.64 -17.92
N ALA D 225 -23.18 3.77 -17.22
CA ALA D 225 -22.13 3.98 -16.22
C ALA D 225 -22.52 3.42 -14.86
N ARG D 226 -21.53 3.04 -14.07
CA ARG D 226 -21.78 2.57 -12.70
C ARG D 226 -21.87 3.79 -11.79
N VAL D 227 -22.56 3.63 -10.66
CA VAL D 227 -22.81 4.77 -9.78
C VAL D 227 -22.47 4.48 -8.32
N ARG D 228 -21.85 5.46 -7.66
CA ARG D 228 -21.67 5.43 -6.22
C ARG D 228 -22.51 6.53 -5.61
N LEU D 229 -23.54 6.13 -4.86
CA LEU D 229 -24.40 7.11 -4.20
C LEU D 229 -23.85 7.40 -2.81
N ILE D 230 -23.81 8.68 -2.45
CA ILE D 230 -23.34 9.10 -1.13
C ILE D 230 -24.42 9.87 -0.38
N SER D 231 -24.44 9.71 0.93
CA SER D 231 -25.40 10.39 1.78
C SER D 231 -24.95 11.83 2.04
N ASP D 232 -23.65 12.07 1.91
CA ASP D 232 -23.05 13.38 2.12
C ASP D 232 -21.59 13.36 1.66
N GLY D 233 -20.95 14.52 1.70
CA GLY D 233 -19.53 14.62 1.45
C GLY D 233 -19.13 14.65 0.00
N ASP D 234 -19.63 15.64 -0.74
CA ASP D 234 -19.34 15.73 -2.17
C ASP D 234 -18.01 16.42 -2.45
N VAL D 235 -17.39 16.99 -1.42
CA VAL D 235 -16.06 17.57 -1.58
C VAL D 235 -15.05 16.47 -1.88
N SER D 236 -15.12 15.40 -1.10
CA SER D 236 -14.23 14.25 -1.28
C SER D 236 -14.46 13.59 -2.64
N ALA D 237 -15.73 13.45 -3.02
CA ALA D 237 -16.09 12.86 -4.31
C ALA D 237 -15.55 13.67 -5.48
N ALA D 238 -15.69 14.99 -5.41
CA ALA D 238 -15.20 15.86 -6.48
C ALA D 238 -13.69 15.73 -6.68
N ILE D 239 -12.95 15.84 -5.58
CA ILE D 239 -11.50 15.80 -5.65
C ILE D 239 -10.98 14.41 -6.04
N SER D 240 -11.72 13.37 -5.67
CA SER D 240 -11.36 12.00 -6.04
C SER D 240 -11.28 11.81 -7.56
N CYS D 241 -12.02 12.62 -8.31
CA CYS D 241 -12.02 12.52 -9.77
C CYS D 241 -10.65 12.86 -10.33
N ALA D 242 -9.89 13.67 -9.60
CA ALA D 242 -8.61 14.15 -10.09
C ALA D 242 -7.53 13.08 -10.06
N PHE D 243 -7.69 12.07 -9.22
CA PHE D 243 -6.65 11.05 -9.03
C PHE D 243 -6.98 9.69 -9.65
N SER D 244 -6.15 9.25 -10.58
CA SER D 244 -6.27 7.90 -11.12
C SER D 244 -5.96 6.92 -10.00
N GLY D 245 -6.85 5.95 -9.81
CA GLY D 245 -6.69 4.96 -8.75
C GLY D 245 -7.84 4.97 -7.76
N THR D 246 -8.66 6.02 -7.82
CA THR D 246 -9.81 6.12 -6.93
C THR D 246 -11.01 5.37 -7.50
N ASN D 247 -10.92 5.02 -8.77
CA ASN D 247 -12.06 4.44 -9.48
C ASN D 247 -13.29 5.35 -9.41
N ILE D 248 -13.06 6.65 -9.41
CA ILE D 248 -14.13 7.64 -9.51
C ILE D 248 -13.76 8.66 -10.57
N HIS D 249 -14.67 8.94 -11.49
CA HIS D 249 -14.31 9.68 -12.69
C HIS D 249 -15.07 10.98 -12.89
N ALA D 250 -16.23 11.08 -12.24
CA ALA D 250 -16.97 12.32 -12.28
C ALA D 250 -17.87 12.48 -11.06
N LEU D 251 -18.16 13.74 -10.75
CA LEU D 251 -19.21 14.08 -9.80
C LEU D 251 -20.25 14.87 -10.57
N MET D 252 -21.52 14.50 -10.41
CA MET D 252 -22.61 15.21 -11.05
C MET D 252 -23.73 15.41 -10.05
N GLY D 253 -24.46 16.52 -10.21
CA GLY D 253 -25.61 16.79 -9.37
C GLY D 253 -25.50 18.09 -8.62
N ILE D 254 -26.36 18.27 -7.64
CA ILE D 254 -26.42 19.51 -6.87
C ILE D 254 -25.96 19.30 -5.44
N GLY D 255 -25.02 20.14 -5.01
CA GLY D 255 -24.56 20.15 -3.63
C GLY D 255 -24.57 21.57 -3.10
N ALA D 256 -23.88 21.82 -2.00
CA ALA D 256 -23.81 23.16 -1.41
C ALA D 256 -22.74 24.01 -2.08
N ALA D 257 -23.06 25.27 -2.34
CA ALA D 257 -22.16 26.17 -3.05
C ALA D 257 -20.80 26.40 -2.39
N PRO D 258 -20.79 26.64 -1.07
CA PRO D 258 -19.54 26.88 -0.33
C PRO D 258 -18.57 25.70 -0.48
N GLU D 259 -19.08 24.48 -0.30
CA GLU D 259 -18.30 23.27 -0.52
C GLU D 259 -17.74 23.24 -1.95
N GLY D 260 -18.52 23.71 -2.91
CA GLY D 260 -18.09 23.75 -4.29
C GLY D 260 -16.86 24.61 -4.49
N VAL D 261 -16.85 25.78 -3.86
CA VAL D 261 -15.72 26.70 -3.95
C VAL D 261 -14.47 26.03 -3.38
N ILE D 262 -14.64 25.39 -2.23
CA ILE D 262 -13.54 24.67 -1.60
C ILE D 262 -13.02 23.56 -2.53
N SER D 263 -13.94 22.86 -3.20
CA SER D 263 -13.57 21.83 -4.17
C SER D 263 -12.82 22.42 -5.35
N ALA D 264 -13.26 23.59 -5.79
CA ALA D 264 -12.67 24.24 -6.94
C ALA D 264 -11.22 24.63 -6.68
N ALA D 265 -10.93 25.06 -5.45
CA ALA D 265 -9.56 25.42 -5.10
C ALA D 265 -8.64 24.22 -5.32
N ALA D 266 -9.03 23.07 -4.81
CA ALA D 266 -8.25 21.86 -5.00
C ALA D 266 -8.13 21.50 -6.48
N MET D 267 -9.26 21.45 -7.19
CA MET D 267 -9.25 21.07 -8.60
C MET D 267 -8.44 22.05 -9.46
N ARG D 268 -8.53 23.34 -9.15
CA ARG D 268 -7.76 24.37 -9.85
C ARG D 268 -6.26 24.08 -9.75
N CYS D 269 -5.82 23.71 -8.55
CA CYS D 269 -4.42 23.41 -8.32
C CYS D 269 -4.00 22.11 -9.00
N LEU D 270 -4.96 21.20 -9.18
CA LEU D 270 -4.67 19.90 -9.78
C LEU D 270 -4.87 19.91 -11.30
N GLY D 271 -5.55 20.92 -11.81
CA GLY D 271 -5.85 20.98 -13.22
C GLY D 271 -7.02 20.07 -13.55
N GLY D 272 -7.77 19.69 -12.52
CA GLY D 272 -8.97 18.92 -12.71
C GLY D 272 -10.11 19.80 -13.18
N HIS D 273 -11.14 19.20 -13.75
CA HIS D 273 -12.30 19.94 -14.20
C HIS D 273 -13.28 20.16 -13.07
N PHE D 274 -13.75 21.40 -12.93
CA PHE D 274 -14.81 21.69 -11.97
C PHE D 274 -15.61 22.92 -12.37
N GLN D 275 -16.91 22.72 -12.57
CA GLN D 275 -17.80 23.84 -12.87
C GLN D 275 -18.92 23.89 -11.85
N GLY D 276 -19.37 25.09 -11.54
CA GLY D 276 -20.46 25.29 -10.61
C GLY D 276 -21.46 26.30 -11.13
N GLN D 277 -22.72 26.10 -10.78
CA GLN D 277 -23.77 27.04 -11.15
C GLN D 277 -24.78 27.11 -10.01
N LEU D 278 -25.00 28.31 -9.49
CA LEU D 278 -25.94 28.50 -8.39
C LEU D 278 -27.36 28.09 -8.76
N ILE D 279 -28.00 27.36 -7.85
CA ILE D 279 -29.40 26.98 -7.99
C ILE D 279 -30.21 27.71 -6.93
N TYR D 280 -31.25 28.43 -7.36
CA TYR D 280 -32.02 29.26 -6.44
C TYR D 280 -33.53 29.09 -6.65
N ASP D 281 -33.90 28.05 -7.37
CA ASP D 281 -35.30 27.78 -7.67
C ASP D 281 -35.77 26.61 -6.82
N PRO D 282 -36.55 26.90 -5.76
CA PRO D 282 -36.97 25.87 -4.81
C PRO D 282 -37.76 24.74 -5.48
N GLU D 283 -38.21 24.98 -6.70
CA GLU D 283 -38.88 23.96 -7.48
C GLU D 283 -37.90 22.83 -7.77
N VAL D 284 -36.65 23.19 -7.98
CA VAL D 284 -35.58 22.22 -8.22
C VAL D 284 -35.08 21.66 -6.89
N VAL D 285 -34.64 22.56 -6.01
CA VAL D 285 -34.19 22.18 -4.68
C VAL D 285 -34.50 23.29 -3.69
N LYS D 286 -34.98 22.91 -2.51
CA LYS D 286 -35.45 23.86 -1.51
C LYS D 286 -34.47 23.97 -0.35
N THR D 287 -34.19 25.21 0.08
CA THR D 287 -33.33 25.44 1.22
C THR D 287 -34.02 24.99 2.51
N GLY D 288 -35.34 24.99 2.49
CA GLY D 288 -36.11 24.59 3.66
C GLY D 288 -36.54 25.77 4.49
N LEU D 289 -35.92 26.92 4.25
CA LEU D 289 -36.33 28.15 4.89
C LEU D 289 -37.79 28.44 4.53
N ILE D 290 -38.53 29.03 5.47
CA ILE D 290 -39.96 29.29 5.27
C ILE D 290 -40.25 30.27 4.14
N GLY D 291 -41.21 29.90 3.29
CA GLY D 291 -41.67 30.78 2.23
C GLY D 291 -40.58 31.28 1.30
N GLU D 292 -39.53 30.48 1.13
CA GLU D 292 -38.50 30.81 0.16
C GLU D 292 -39.10 30.73 -1.23
N SER D 293 -38.89 31.77 -2.03
CA SER D 293 -39.38 31.79 -3.41
C SER D 293 -38.23 32.09 -4.36
N ARG D 294 -38.43 31.76 -5.63
CA ARG D 294 -37.40 32.00 -6.63
C ARG D 294 -37.03 33.48 -6.67
N GLU D 295 -38.04 34.33 -6.65
CA GLU D 295 -37.81 35.78 -6.64
C GLU D 295 -37.16 36.22 -5.33
N GLY D 296 -37.56 35.58 -4.23
CA GLY D 296 -36.95 35.86 -2.94
C GLY D 296 -35.45 35.70 -3.00
N ASN D 297 -35.01 34.50 -3.38
CA ASN D 297 -33.59 34.21 -3.51
C ASN D 297 -32.93 35.14 -4.52
N LEU D 298 -33.63 35.37 -5.63
CA LEU D 298 -33.15 36.29 -6.67
C LEU D 298 -32.91 37.66 -6.07
N GLU D 299 -33.82 38.11 -5.22
CA GLU D 299 -33.67 39.38 -4.52
C GLU D 299 -32.41 39.34 -3.64
N ARG D 300 -32.23 38.24 -2.92
CA ARG D 300 -31.12 38.08 -1.99
C ARG D 300 -29.77 38.08 -2.70
N LEU D 301 -29.72 37.37 -3.84
CA LEU D 301 -28.49 37.29 -4.63
C LEU D 301 -28.09 38.66 -5.16
N ALA D 302 -29.07 39.38 -5.70
CA ALA D 302 -28.85 40.73 -6.19
C ALA D 302 -28.31 41.61 -5.07
N SER D 303 -28.92 41.50 -3.91
CA SER D 303 -28.47 42.22 -2.74
C SER D 303 -26.99 41.96 -2.47
N MET D 304 -26.57 40.71 -2.64
CA MET D 304 -25.20 40.30 -2.35
C MET D 304 -24.22 40.78 -3.41
N GLY D 305 -24.73 41.32 -4.51
CA GLY D 305 -23.88 41.83 -5.56
C GLY D 305 -23.56 40.82 -6.63
N ILE D 306 -24.33 39.74 -6.66
CA ILE D 306 -24.18 38.72 -7.70
C ILE D 306 -25.00 39.10 -8.93
N LYS D 307 -24.32 39.64 -9.94
CA LYS D 307 -24.96 40.13 -11.15
C LYS D 307 -25.88 39.08 -11.80
N ASN D 308 -25.27 38.01 -12.30
CA ASN D 308 -26.01 36.97 -13.00
C ASN D 308 -26.02 35.65 -12.24
N PRO D 309 -27.15 35.32 -11.59
CA PRO D 309 -27.35 34.12 -10.78
C PRO D 309 -27.30 32.82 -11.58
N ASP D 310 -27.43 32.91 -12.90
CA ASP D 310 -27.36 31.72 -13.75
C ASP D 310 -26.01 31.57 -14.42
N GLN D 311 -25.05 32.40 -14.00
CA GLN D 311 -23.71 32.32 -14.53
C GLN D 311 -23.09 30.96 -14.21
N VAL D 312 -22.29 30.44 -15.14
CA VAL D 312 -21.57 29.20 -14.91
C VAL D 312 -20.10 29.53 -14.63
N TYR D 313 -19.62 29.11 -13.46
CA TYR D 313 -18.23 29.35 -13.09
C TYR D 313 -17.39 28.09 -13.26
N ASN D 314 -16.21 28.24 -13.85
CA ASN D 314 -15.24 27.17 -13.80
C ASN D 314 -14.37 27.38 -12.56
N CYS D 315 -13.49 26.42 -12.26
CA CYS D 315 -12.80 26.45 -10.98
C CYS D 315 -11.76 27.57 -10.90
N GLU D 316 -11.32 28.07 -12.05
CA GLU D 316 -10.41 29.21 -12.10
C GLU D 316 -11.15 30.48 -11.71
N GLU D 317 -12.47 30.46 -11.87
CA GLU D 317 -13.30 31.61 -11.53
C GLU D 317 -13.78 31.49 -10.09
N LEU D 318 -14.03 30.26 -9.64
CA LEU D 318 -14.42 30.03 -8.27
C LEU D 318 -13.22 30.22 -7.34
N ALA D 319 -12.04 29.93 -7.84
CA ALA D 319 -10.80 30.14 -7.09
C ALA D 319 -9.83 30.90 -7.98
N CSO D 320 -9.98 32.23 -8.00
CA CSO D 320 -9.34 33.07 -9.00
CB CSO D 320 -10.30 34.17 -9.43
SG CSO D 320 -10.71 35.16 -7.98
C CSO D 320 -8.04 33.70 -8.52
O CSO D 320 -7.29 34.29 -9.30
OD CSO D 320 -12.30 34.69 -7.34
N GLY D 321 -7.76 33.57 -7.22
CA GLY D 321 -6.57 34.16 -6.64
C GLY D 321 -5.30 33.72 -7.33
N GLU D 322 -4.28 34.57 -7.29
CA GLU D 322 -2.99 34.25 -7.85
C GLU D 322 -2.38 33.02 -7.16
N THR D 323 -2.61 32.93 -5.86
CA THR D 323 -2.11 31.80 -5.07
C THR D 323 -3.29 31.07 -4.45
N VAL D 324 -3.33 29.76 -4.63
CA VAL D 324 -4.38 28.95 -4.02
C VAL D 324 -3.79 27.82 -3.20
N LEU D 325 -4.33 27.64 -2.00
CA LEU D 325 -3.91 26.56 -1.13
C LEU D 325 -5.13 25.72 -0.75
N PHE D 326 -4.91 24.42 -0.60
CA PHE D 326 -5.95 23.50 -0.18
C PHE D 326 -5.40 22.51 0.82
N ALA D 327 -6.18 22.22 1.85
CA ALA D 327 -5.76 21.27 2.87
C ALA D 327 -6.94 20.44 3.34
N ALA D 328 -6.76 19.12 3.35
CA ALA D 328 -7.79 18.22 3.83
C ALA D 328 -7.18 17.13 4.68
N CYS D 329 -7.91 16.73 5.72
CA CYS D 329 -7.51 15.60 6.52
C CYS D 329 -8.73 14.72 6.75
N GLY D 330 -8.59 13.44 6.45
CA GLY D 330 -9.69 12.53 6.63
C GLY D 330 -10.13 12.46 8.07
N ILE D 331 -11.44 12.44 8.29
CA ILE D 331 -11.96 12.20 9.63
C ILE D 331 -12.34 10.73 9.71
N THR D 332 -13.33 10.32 8.92
CA THR D 332 -13.58 8.90 8.70
C THR D 332 -12.90 8.50 7.40
N PRO D 333 -12.79 7.18 7.15
CA PRO D 333 -12.09 6.72 5.94
C PRO D 333 -12.82 7.14 4.68
N GLY D 334 -12.08 7.50 3.65
CA GLY D 334 -12.66 7.89 2.38
C GLY D 334 -11.87 7.39 1.19
N THR D 335 -12.38 7.65 -0.01
CA THR D 335 -11.71 7.22 -1.22
C THR D 335 -10.40 7.98 -1.41
N LEU D 336 -10.36 9.21 -0.90
CA LEU D 336 -9.19 10.04 -1.09
C LEU D 336 -8.20 9.92 0.06
N MET D 337 -8.70 9.84 1.28
CA MET D 337 -7.84 9.80 2.46
C MET D 337 -8.33 8.84 3.55
N GLU D 338 -7.37 8.20 4.20
CA GLU D 338 -7.66 7.33 5.33
C GLU D 338 -8.22 8.14 6.49
N GLY D 339 -8.99 7.48 7.36
CA GLY D 339 -9.59 8.13 8.51
C GLY D 339 -8.65 8.19 9.70
N VAL D 340 -9.06 8.90 10.74
CA VAL D 340 -8.25 9.00 11.96
C VAL D 340 -8.30 7.70 12.75
N ARG D 341 -7.12 7.19 13.11
CA ARG D 341 -7.02 5.98 13.89
C ARG D 341 -6.43 6.26 15.26
N PHE D 342 -7.15 5.85 16.30
CA PHE D 342 -6.62 5.96 17.66
C PHE D 342 -6.11 4.61 18.13
N PHE D 343 -4.87 4.57 18.59
CA PHE D 343 -4.25 3.33 19.01
C PHE D 343 -3.43 3.53 20.28
N HIS D 344 -2.86 2.44 20.79
CA HIS D 344 -2.10 2.49 22.02
C HIS D 344 -0.83 3.31 21.82
N GLY D 345 -0.85 4.54 22.33
CA GLY D 345 0.32 5.40 22.27
C GLY D 345 0.28 6.49 21.21
N GLY D 346 -0.84 6.64 20.52
CA GLY D 346 -0.94 7.70 19.55
C GLY D 346 -2.13 7.71 18.60
N VAL D 347 -2.05 8.60 17.63
CA VAL D 347 -3.08 8.78 16.62
C VAL D 347 -2.38 8.78 15.29
N ARG D 348 -3.12 8.41 14.23
CA ARG D 348 -2.56 8.47 12.89
C ARG D 348 -3.57 9.15 11.96
N THR D 349 -3.10 10.08 11.14
CA THR D 349 -3.95 10.84 10.25
C THR D 349 -3.39 10.82 8.83
N GLN D 350 -4.27 10.99 7.85
CA GLN D 350 -3.80 11.22 6.48
C GLN D 350 -4.40 12.50 5.92
N SER D 351 -3.54 13.35 5.38
CA SER D 351 -3.95 14.64 4.86
C SER D 351 -3.47 14.83 3.42
N LEU D 352 -4.20 15.64 2.68
CA LEU D 352 -3.80 16.05 1.35
C LEU D 352 -3.68 17.57 1.36
N VAL D 353 -2.49 18.06 1.01
CA VAL D 353 -2.24 19.48 0.98
C VAL D 353 -1.74 19.88 -0.40
N ILE D 354 -2.49 20.75 -1.06
CA ILE D 354 -2.18 21.14 -2.43
C ILE D 354 -1.86 22.64 -2.50
N SER D 355 -0.74 22.97 -3.14
CA SER D 355 -0.34 24.36 -3.29
C SER D 355 -0.01 24.70 -4.73
N SER D 356 -0.62 25.77 -5.24
CA SER D 356 -0.31 26.28 -6.56
C SER D 356 1.04 26.98 -6.53
N GLN D 357 1.42 27.50 -5.38
CA GLN D 357 2.69 28.21 -5.23
C GLN D 357 3.88 27.27 -5.43
N SER D 358 3.91 26.18 -4.67
CA SER D 358 4.96 25.18 -4.84
C SER D 358 4.56 24.16 -5.90
N SER D 359 3.33 24.28 -6.38
CA SER D 359 2.79 23.36 -7.37
C SER D 359 2.99 21.91 -6.94
N THR D 360 2.51 21.59 -5.75
CA THR D 360 2.68 20.26 -5.18
C THR D 360 1.37 19.70 -4.66
N ALA D 361 1.21 18.39 -4.80
CA ALA D 361 0.15 17.67 -4.14
C ALA D 361 0.80 16.76 -3.10
N ARG D 362 0.56 17.05 -1.83
CA ARG D 362 1.20 16.32 -0.75
C ARG D 362 0.24 15.48 0.06
N PHE D 363 0.50 14.18 0.12
CA PHE D 363 -0.17 13.30 1.05
C PHE D 363 0.69 13.19 2.31
N VAL D 364 0.09 13.46 3.46
CA VAL D 364 0.83 13.48 4.72
C VAL D 364 0.30 12.42 5.67
N ASP D 365 1.10 11.39 5.90
CA ASP D 365 0.74 10.31 6.81
C ASP D 365 1.47 10.52 8.13
N THR D 366 0.73 10.99 9.14
CA THR D 366 1.34 11.42 10.40
C THR D 366 0.99 10.51 11.57
N VAL D 367 2.03 9.95 12.18
CA VAL D 367 1.89 9.24 13.43
C VAL D 367 2.09 10.24 14.56
N HIS D 368 1.02 10.55 15.28
CA HIS D 368 1.11 11.43 16.45
C HIS D 368 1.41 10.59 17.69
N MET D 369 2.66 10.63 18.14
CA MET D 369 3.10 9.81 19.26
C MET D 369 2.73 10.46 20.60
N LYS D 370 2.11 9.68 21.48
CA LYS D 370 1.63 10.19 22.76
C LYS D 370 1.30 9.06 23.74
N GLU D 371 2.33 8.49 24.36
CA GLU D 371 3.72 8.86 24.11
C GLU D 371 4.60 7.70 24.55
N SER D 372 5.82 7.67 24.05
CA SER D 372 6.69 6.53 24.28
C SER D 372 6.04 5.22 23.87
N PRO D 373 5.27 5.24 22.78
CA PRO D 373 4.66 3.99 22.30
C PRO D 373 5.74 2.95 22.04
N LYS D 374 5.58 1.78 22.62
CA LYS D 374 6.55 0.71 22.46
C LYS D 374 6.61 0.25 21.02
N VAL D 375 5.45 0.26 20.36
CA VAL D 375 5.33 -0.20 18.99
C VAL D 375 4.90 0.94 18.04
N ILE D 376 5.65 1.12 16.97
CA ILE D 376 5.31 2.09 15.94
C ILE D 376 5.20 1.37 14.59
N GLN D 377 4.00 1.34 14.04
CA GLN D 377 3.77 0.69 12.75
C GLN D 377 4.26 1.55 11.60
N LEU D 378 4.98 0.94 10.67
CA LEU D 378 5.43 1.61 9.47
C LEU D 378 4.23 2.14 8.68
N HIS D 379 3.14 1.37 8.67
CA HIS D 379 1.91 1.79 8.00
C HIS D 379 0.73 1.74 8.95
MG MG E . 27.31 8.58 4.36
MG MG F . 27.13 13.70 1.70
P AMP G . 6.44 4.44 -13.67
O1P AMP G . 7.82 4.94 -13.99
O2P AMP G . 5.36 4.60 -14.70
O3P AMP G . 6.55 2.99 -13.28
O5' AMP G . 5.94 5.09 -12.30
C5' AMP G . 6.51 4.71 -11.06
C4' AMP G . 5.90 5.49 -9.92
O4' AMP G . 5.99 6.91 -10.18
C3' AMP G . 4.41 5.26 -9.67
O3' AMP G . 4.14 4.07 -8.96
C2' AMP G . 4.00 6.53 -8.94
O2' AMP G . 4.43 6.50 -7.59
C1' AMP G . 4.84 7.57 -9.69
N9 AMP G . 4.10 8.13 -10.83
C8 AMP G . 4.22 7.70 -12.11
N7 AMP G . 3.38 8.41 -12.93
C5 AMP G . 2.70 9.27 -12.16
C6 AMP G . 1.67 10.31 -12.39
N6 AMP G . 1.18 10.55 -13.62
N1 AMP G . 1.22 11.00 -11.32
C2 AMP G . 1.71 10.77 -10.08
N3 AMP G . 2.65 9.85 -9.81
C4 AMP G . 3.19 9.09 -10.78
S SO4 H . 33.51 2.26 5.63
O1 SO4 H . 34.33 3.45 5.80
O2 SO4 H . 34.37 1.07 5.65
O3 SO4 H . 32.53 2.17 6.70
O4 SO4 H . 32.82 2.32 4.34
S SO4 I . 37.38 -2.75 7.22
O1 SO4 I . 37.25 -1.56 8.03
O2 SO4 I . 38.57 -3.50 7.61
O3 SO4 I . 36.19 -3.60 7.41
O4 SO4 I . 37.48 -2.37 5.81
S SO4 J . 1.93 -15.19 22.73
O1 SO4 J . 1.20 -14.94 23.97
O2 SO4 J . 3.36 -15.25 23.01
O3 SO4 J . 1.49 -16.45 22.14
O4 SO4 J . 1.67 -14.10 21.78
S SO4 K . 0.16 14.64 -22.93
O1 SO4 K . -1.06 14.88 -23.71
O2 SO4 K . 0.41 15.78 -22.06
O3 SO4 K . -0.02 13.43 -22.13
O4 SO4 K . 1.28 14.46 -23.84
S SO4 L . 26.70 13.68 -20.08
O1 SO4 L . 25.43 13.44 -19.39
O2 SO4 L . 27.77 12.91 -19.43
O3 SO4 L . 26.58 13.28 -21.48
O4 SO4 L . 27.02 15.11 -20.00
S SO4 M . 36.36 32.17 11.90
O1 SO4 M . 36.39 33.14 12.99
O2 SO4 M . 37.70 31.66 11.65
O3 SO4 M . 35.48 31.06 12.24
O4 SO4 M . 35.85 32.82 10.68
CL CL N . 16.94 15.27 23.18
CL CL O . 28.18 31.69 5.17
CL CL P . 15.40 -2.00 0.17
CL CL Q . 28.44 4.87 8.09
CL CL R . 36.74 -9.76 12.87
CL CL S . 28.45 -1.89 -5.18
CL CL T . 27.45 7.18 1.45
CL CL U . 30.77 25.89 20.71
CL CL V . 23.92 3.93 26.93
CL CL W . 23.67 32.95 4.10
C1 GOL X . 20.39 2.88 26.45
O1 GOL X . 19.51 2.15 27.28
C2 GOL X . 19.53 3.86 25.66
O2 GOL X . 18.36 4.04 26.42
C3 GOL X . 19.27 3.25 24.28
O3 GOL X . 18.99 4.25 23.32
H11 GOL X . 21.13 3.41 27.04
H12 GOL X . 20.91 2.20 25.77
HO1 GOL X . 20.01 1.46 27.76
H2 GOL X . 20.08 4.80 25.55
HO2 GOL X . 17.74 4.64 25.94
H31 GOL X . 20.14 2.69 23.97
H32 GOL X . 18.43 2.58 24.34
HO3 GOL X . 18.28 3.95 22.73
P AMP Y . 8.23 -7.23 11.35
O1P AMP Y . 9.39 -8.19 11.24
O2P AMP Y . 7.53 -7.13 12.68
O3P AMP Y . 8.71 -5.85 10.94
O5' AMP Y . 7.17 -7.54 10.20
C5' AMP Y . 7.45 -7.28 8.83
C4' AMP Y . 6.32 -7.73 7.94
O4' AMP Y . 6.00 -9.12 8.21
C3' AMP Y . 5.00 -6.99 8.12
O3' AMP Y . 4.95 -5.75 7.43
C2' AMP Y . 3.99 -8.02 7.60
O2' AMP Y . 3.99 -8.05 6.19
C1' AMP Y . 4.60 -9.32 8.12
N9 AMP Y . 4.10 -9.65 9.47
C8 AMP Y . 4.71 -9.37 10.63
N7 AMP Y . 3.96 -9.80 11.67
C5 AMP Y . 2.84 -10.35 11.17
C6 AMP Y . 1.63 -10.99 11.72
N6 AMP Y . 1.47 -11.14 13.05
N1 AMP Y . 0.70 -11.44 10.84
C2 AMP Y . 0.86 -11.31 9.51
N3 AMP Y . 1.93 -10.73 8.94
C4 AMP Y . 2.94 -10.25 9.71
MG MG Z . 19.48 -17.46 -12.07
MG MG AA . 18.31 -22.45 -8.83
S SO4 BA . 26.98 -14.00 -15.31
O1 SO4 BA . 25.72 -13.59 -15.93
O2 SO4 BA . 26.87 -13.93 -13.86
O3 SO4 BA . 27.27 -15.39 -15.70
O4 SO4 BA . 28.06 -13.14 -15.77
S SO4 CA . 31.74 -10.51 -18.35
O1 SO4 CA . 31.13 -9.19 -18.41
O2 SO4 CA . 32.31 -10.71 -17.02
O3 SO4 CA . 30.73 -11.54 -18.58
O4 SO4 CA . 32.78 -10.62 -19.36
CL CL DA . 13.12 -38.84 -14.13
CL CL EA . 26.29 -19.31 -17.97
CL CL FA . 32.71 -4.45 -22.66
CL CL GA . 22.13 -17.15 -9.36
CL CL HA . -2.06 -10.54 -24.17
MG MG IA . -26.27 -11.40 2.86
MG MG JA . -27.00 -13.84 -2.08
P AMP KA . -5.78 -1.29 14.35
O1P AMP KA . -4.90 -1.96 15.38
O2P AMP KA . -6.54 -2.17 13.37
O3P AMP KA . -6.79 -0.40 15.04
O5' AMP KA . -4.93 -0.21 13.55
C5' AMP KA . -5.49 0.49 12.44
C4' AMP KA . -4.47 1.39 11.79
O4' AMP KA . -4.00 2.37 12.76
C3' AMP KA . -3.20 0.72 11.29
O3' AMP KA . -3.36 0.11 10.03
C2' AMP KA . -2.20 1.88 11.29
O2' AMP KA . -2.43 2.72 10.18
C1' AMP KA . -2.62 2.62 12.56
N9 AMP KA . -1.88 2.13 13.74
C8 AMP KA . -2.31 1.20 14.61
N7 AMP KA . -1.37 0.96 15.56
C5 AMP KA . -0.31 1.74 15.28
C6 AMP KA . 1.03 1.97 15.88
N6 AMP KA . 1.43 1.32 16.99
N1 AMP KA . 1.83 2.87 15.27
C2 AMP KA . 1.46 3.53 14.16
N3 AMP KA . 0.26 3.36 13.57
C4 AMP KA . -0.65 2.50 14.08
P AMP LA . -9.20 4.13 -12.10
O1P AMP LA . -10.68 3.91 -12.34
O2P AMP LA . -8.37 4.64 -13.24
O3P AMP LA . -9.07 5.07 -10.92
O5' AMP LA . -8.56 2.80 -11.51
C5' AMP LA . -8.80 2.38 -10.17
C4' AMP LA . -8.06 1.11 -9.86
O4' AMP LA . -8.30 0.11 -10.90
C3' AMP LA . -6.54 1.22 -9.81
O3' AMP LA . -6.07 1.74 -8.57
C2' AMP LA . -6.10 -0.21 -10.08
O2' AMP LA . -6.24 -1.02 -8.91
C1' AMP LA . -7.14 -0.65 -11.11
N9 AMP LA . -6.66 -0.41 -12.48
C8 AMP LA . -7.01 0.63 -13.26
N7 AMP LA . -6.38 0.57 -14.45
C5 AMP LA . -5.61 -0.54 -14.45
C6 AMP LA . -4.70 -1.19 -15.41
N6 AMP LA . -4.48 -0.64 -16.63
N1 AMP LA . -4.09 -2.34 -15.03
C2 AMP LA . -4.30 -2.86 -13.82
N3 AMP LA . -5.12 -2.32 -12.89
C4 AMP LA . -5.80 -1.18 -13.15
S SO4 MA . -32.01 -7.07 8.72
O1 SO4 MA . -32.70 -6.15 9.61
O2 SO4 MA . -30.93 -7.73 9.43
O3 SO4 MA . -32.95 -8.07 8.25
O4 SO4 MA . -31.46 -6.33 7.59
S SO4 NA . -35.25 -4.09 13.68
O1 SO4 NA . -36.24 -3.89 14.73
O2 SO4 NA . -34.09 -3.25 13.93
O3 SO4 NA . -34.85 -5.49 13.64
O4 SO4 NA . -35.84 -3.72 12.39
S SO4 OA . -28.49 -8.93 1.62
O1 SO4 OA . -29.30 -7.74 1.36
O2 SO4 OA . -27.89 -8.82 2.95
O3 SO4 OA . -29.32 -10.12 1.57
O4 SO4 OA . -27.44 -9.03 0.63
S SO4 PA . -5.26 1.43 -26.76
O1 SO4 PA . -4.55 0.40 -26.01
O2 SO4 PA . -4.53 1.73 -28.00
O3 SO4 PA . -6.60 0.96 -27.10
O4 SO4 PA . -5.35 2.64 -25.95
CL CL QA . 0.78 -24.00 3.73
CL CL RA . -6.57 -21.27 14.57
CL CL SA . -15.25 -18.25 19.50
CL CL TA . -25.14 -30.49 -12.07
CL CL UA . -34.22 -13.26 8.88
CL CL VA . -20.20 3.75 1.51
MG MG WA . -20.03 20.10 4.38
MG MG XA . -18.06 22.47 9.63
S SO4 YA . -28.33 18.59 1.11
O1 SO4 YA . -29.03 19.70 1.73
O2 SO4 YA . -27.82 17.70 2.15
O3 SO4 YA . -29.28 17.88 0.26
O4 SO4 YA . -27.20 19.10 0.33
S SO4 ZA . -33.93 17.17 -2.23
O1 SO4 ZA . -35.36 17.30 -2.50
O2 SO4 ZA . -33.73 16.87 -0.81
O3 SO4 ZA . -33.38 16.07 -3.03
O4 SO4 ZA . -33.25 18.41 -2.58
S SO4 AB . -22.65 18.63 6.81
O1 SO4 AB . -23.43 19.59 7.61
O2 SO4 AB . -21.22 18.88 7.01
O3 SO4 AB . -22.96 17.27 7.23
O4 SO4 AB . -22.98 18.79 5.40
S SO4 BB . 3.01 -1.23 27.04
O1 SO4 BB . 3.29 0.19 27.14
O2 SO4 BB . 4.15 -1.99 27.57
O3 SO4 BB . 1.82 -1.55 27.82
O4 SO4 BB . 2.80 -1.62 25.65
S SO4 CB . -27.78 24.80 1.85
O1 SO4 CB . -27.66 26.23 2.18
O2 SO4 CB . -27.25 24.01 2.96
O3 SO4 CB . -29.18 24.47 1.65
O4 SO4 CB . -27.01 24.51 0.65
CL CL DB . 9.88 9.30 22.97
CL CL EB . -30.50 12.38 12.48
#